data_5VBU
#
_entry.id   5VBU
#
_cell.length_a   152.431
_cell.length_b   88.385
_cell.length_c   111.417
_cell.angle_alpha   90.00
_cell.angle_beta   102.37
_cell.angle_gamma   90.00
#
_symmetry.space_group_name_H-M   'C 1 2 1'
#
loop_
_entity.id
_entity.type
_entity.pdbx_description
1 polymer 'Cytochrome P450 21-hydroxylase'
2 non-polymer 'PROTOPORPHYRIN IX CONTAINING FE'
3 non-polymer (9beta)-17-hydroxypregn-4-ene-3,20-dione
4 water water
#
_entity_poly.entity_id   1
_entity_poly.type   'polypeptide(L)'
_entity_poly.pdbx_seq_one_letter_code
;MAKKTSSKGKLPPLAPGFLHLLQPDLPIYLLGLTQKFGPIYRLHLGLQDVVVLNSKRTIEEAMVKKWADFAGRPEPLTYK
LVSRNYPDLSLGDYSLLWKAHKKLTRSALLLGIRDSMEPVVEQLTQEFCERMRAQPGTPVAIEEEFSLLTCSIICYLTFG
DKIKDDNLMPAYYKCIQEVLKTWSHWSIQIVDVIPFLRFFPNPGLRRLKQAIEKRDHIVEMQLRQHKESLVAGQWRDMMD
YMLQGVAQPSMEEGSGQLLEGHVHMAAVDLLIGGTETTANTLSWAVVFLLHHPEIQQRLQEELDHELGPGASSSRVPYKD
RARLPLLNATIAEVLRLRPVVPLALPHRTTRPSSISGYDIPEGTVIIPNLQGAHLDETVWERPHEFWPDRFLEPGKNSRA
LAFGCGARVCLGEPLARLELFVVLTRLLQAFTLLPSGDALPSLQPLPHCSVILKMQPFQVRLQPRGMGAHSPGQSQ
;
_entity_poly.pdbx_strand_id   A,B,C
#
# COMPACT_ATOMS: atom_id res chain seq x y z
N LYS A 10 9.56 -8.04 -32.58
CA LYS A 10 9.27 -8.97 -31.45
C LYS A 10 7.79 -8.96 -31.02
N LEU A 11 6.89 -9.67 -31.72
CA LEU A 11 5.48 -9.87 -31.29
C LEU A 11 5.35 -10.87 -30.12
N PRO A 12 4.26 -10.82 -29.30
CA PRO A 12 4.04 -11.86 -28.27
C PRO A 12 3.86 -13.25 -28.87
N PRO A 13 4.38 -14.33 -28.19
CA PRO A 13 4.41 -15.69 -28.79
C PRO A 13 3.06 -16.18 -29.26
N LEU A 14 3.02 -16.83 -30.43
CA LEU A 14 1.76 -17.29 -31.02
C LEU A 14 1.45 -18.67 -30.51
N ALA A 15 0.30 -18.82 -29.86
CA ALA A 15 -0.20 -20.13 -29.48
C ALA A 15 -0.85 -20.85 -30.70
N PRO A 16 -0.48 -22.14 -30.92
CA PRO A 16 -1.00 -22.97 -32.02
C PRO A 16 -2.45 -23.35 -31.85
N GLY A 17 -3.17 -23.54 -32.96
CA GLY A 17 -4.56 -23.94 -32.94
C GLY A 17 -5.43 -22.78 -33.34
N PHE A 18 -6.59 -23.08 -33.91
CA PHE A 18 -7.67 -22.11 -34.05
C PHE A 18 -9.01 -22.66 -33.66
N LEU A 19 -9.98 -21.77 -33.46
CA LEU A 19 -11.26 -22.03 -32.78
C LEU A 19 -11.05 -22.60 -31.32
N HIS A 20 -10.20 -21.89 -30.55
CA HIS A 20 -10.02 -22.04 -29.08
C HIS A 20 -11.24 -21.63 -28.32
N LEU A 21 -12.15 -21.00 -29.05
CA LEU A 21 -13.42 -20.52 -28.58
C LEU A 21 -14.31 -21.61 -28.03
N LEU A 22 -14.21 -22.78 -28.68
CA LEU A 22 -14.97 -23.98 -28.37
C LEU A 22 -14.70 -24.55 -26.96
N GLN A 23 -13.59 -24.16 -26.36
CA GLN A 23 -13.27 -24.55 -25.00
C GLN A 23 -14.25 -23.99 -23.94
N PRO A 24 -14.85 -24.86 -23.10
CA PRO A 24 -15.65 -24.34 -21.98
C PRO A 24 -14.70 -23.83 -20.86
N ASP A 25 -15.14 -22.85 -20.07
CA ASP A 25 -14.29 -21.98 -19.16
C ASP A 25 -13.19 -21.33 -19.94
N LEU A 26 -13.55 -20.48 -20.91
CA LEU A 26 -12.54 -19.80 -21.67
C LEU A 26 -11.47 -19.10 -20.76
N PRO A 27 -11.87 -18.36 -19.66
CA PRO A 27 -10.76 -17.66 -18.92
C PRO A 27 -9.79 -18.60 -18.21
N ILE A 28 -10.30 -19.73 -17.75
CA ILE A 28 -9.47 -20.72 -17.08
C ILE A 28 -8.63 -21.50 -18.09
N TYR A 29 -9.17 -21.75 -19.30
CA TYR A 29 -8.37 -22.33 -20.43
C TYR A 29 -7.28 -21.39 -20.88
N LEU A 30 -7.61 -20.11 -21.03
CA LEU A 30 -6.62 -19.06 -21.32
C LEU A 30 -5.48 -18.96 -20.31
N LEU A 31 -5.79 -19.11 -19.02
CA LEU A 31 -4.76 -19.21 -17.95
C LEU A 31 -3.87 -20.43 -18.12
N GLY A 32 -4.47 -21.53 -18.56
CA GLY A 32 -3.78 -22.77 -18.96
C GLY A 32 -2.71 -22.67 -20.02
N LEU A 33 -2.87 -21.74 -20.95
CA LEU A 33 -1.88 -21.58 -22.02
C LEU A 33 -0.63 -20.80 -21.55
N THR A 34 -0.72 -20.19 -20.37
CA THR A 34 0.40 -19.42 -19.82
C THR A 34 1.53 -20.36 -19.45
N GLN A 35 1.16 -21.62 -19.15
CA GLN A 35 2.00 -22.83 -19.01
C GLN A 35 3.20 -22.87 -19.97
N LYS A 36 2.94 -22.70 -21.26
CA LYS A 36 3.96 -22.77 -22.26
C LYS A 36 4.40 -21.37 -22.71
N PHE A 37 3.50 -20.40 -22.60
CA PHE A 37 3.66 -19.15 -23.38
C PHE A 37 3.79 -17.84 -22.54
N GLY A 38 3.65 -17.97 -21.23
CA GLY A 38 3.75 -16.83 -20.34
C GLY A 38 2.45 -16.04 -20.22
N PRO A 39 2.50 -14.91 -19.47
CA PRO A 39 1.38 -14.05 -19.26
C PRO A 39 0.84 -13.40 -20.53
N ILE A 40 1.65 -13.23 -21.57
CA ILE A 40 1.26 -12.46 -22.76
C ILE A 40 1.59 -13.21 -24.06
N TYR A 41 0.54 -13.56 -24.81
CA TYR A 41 0.63 -14.38 -26.00
C TYR A 41 -0.48 -14.02 -26.94
N ARG A 42 -0.29 -14.35 -28.23
CA ARG A 42 -1.32 -14.23 -29.26
C ARG A 42 -1.97 -15.56 -29.47
N LEU A 43 -3.26 -15.51 -29.79
CA LEU A 43 -3.98 -16.71 -30.17
C LEU A 43 -5.21 -16.39 -31.01
N HIS A 44 -5.62 -17.36 -31.81
CA HIS A 44 -6.73 -17.23 -32.74
C HIS A 44 -8.08 -17.64 -32.14
N LEU A 45 -8.78 -16.68 -31.58
CA LEU A 45 -10.20 -16.87 -31.26
C LEU A 45 -11.01 -16.63 -32.52
N GLY A 46 -11.65 -17.69 -33.01
CA GLY A 46 -12.44 -17.56 -34.21
C GLY A 46 -11.46 -17.56 -35.36
N LEU A 47 -11.39 -16.43 -36.08
CA LEU A 47 -10.51 -16.26 -37.25
C LEU A 47 -9.30 -15.40 -36.89
N GLN A 48 -9.64 -14.32 -36.20
CA GLN A 48 -8.79 -13.22 -35.81
C GLN A 48 -7.66 -13.53 -34.85
N ASP A 49 -6.53 -12.92 -35.13
CA ASP A 49 -5.39 -12.90 -34.26
C ASP A 49 -5.61 -11.82 -33.15
N VAL A 50 -5.43 -12.24 -31.88
CA VAL A 50 -5.68 -11.41 -30.68
C VAL A 50 -4.66 -11.72 -29.58
N VAL A 51 -4.09 -10.69 -28.93
CA VAL A 51 -3.20 -10.92 -27.76
C VAL A 51 -3.99 -10.98 -26.41
N VAL A 52 -3.62 -11.93 -25.53
CA VAL A 52 -4.30 -12.10 -24.24
C VAL A 52 -3.33 -11.81 -23.07
N LEU A 53 -3.80 -11.06 -22.08
CA LEU A 53 -3.01 -10.76 -20.88
C LEU A 53 -3.59 -11.56 -19.69
N ASN A 54 -2.73 -12.27 -18.98
CA ASN A 54 -3.15 -13.17 -17.92
C ASN A 54 -2.51 -12.88 -16.53
N SER A 55 -1.94 -11.67 -16.40
CA SER A 55 -1.30 -11.25 -15.16
C SER A 55 -1.57 -9.84 -14.79
N LYS A 56 -1.58 -9.60 -13.48
CA LYS A 56 -1.84 -8.26 -12.96
C LYS A 56 -0.76 -7.25 -13.48
N ARG A 57 0.51 -7.68 -13.58
CA ARG A 57 1.59 -6.88 -14.11
C ARG A 57 1.31 -6.44 -15.55
N THR A 58 1.03 -7.39 -16.45
CA THR A 58 0.78 -7.12 -17.87
C THR A 58 -0.47 -6.27 -18.08
N ILE A 59 -1.54 -6.56 -17.32
CA ILE A 59 -2.82 -5.80 -17.36
C ILE A 59 -2.61 -4.35 -16.90
N GLU A 60 -1.95 -4.15 -15.74
CA GLU A 60 -1.69 -2.78 -15.23
C GLU A 60 -0.68 -2.01 -16.09
N GLU A 61 0.28 -2.72 -16.67
CA GLU A 61 1.27 -2.15 -17.57
C GLU A 61 0.59 -1.57 -18.85
N ALA A 62 -0.40 -2.34 -19.36
CA ALA A 62 -1.19 -1.94 -20.52
C ALA A 62 -2.14 -0.81 -20.17
N MET A 63 -3.00 -1.09 -19.18
CA MET A 63 -4.20 -0.28 -18.88
C MET A 63 -3.96 1.04 -18.13
N VAL A 64 -3.01 0.97 -17.17
CA VAL A 64 -2.59 2.11 -16.33
C VAL A 64 -1.37 2.83 -16.89
N LYS A 65 -0.28 2.08 -17.11
CA LYS A 65 1.01 2.73 -17.43
C LYS A 65 1.00 3.39 -18.80
N LYS A 66 0.78 2.59 -19.84
CA LYS A 66 0.55 3.07 -21.21
C LYS A 66 -0.94 3.42 -21.40
N TRP A 67 -1.43 4.40 -20.64
CA TRP A 67 -2.86 4.64 -20.41
C TRP A 67 -3.68 4.69 -21.69
N ALA A 68 -3.23 5.55 -22.60
CA ALA A 68 -4.02 5.85 -23.79
C ALA A 68 -3.77 4.83 -24.90
N ASP A 69 -2.62 4.14 -24.86
CA ASP A 69 -2.24 3.11 -25.89
C ASP A 69 -3.21 1.92 -26.07
N PHE A 70 -3.92 1.57 -24.99
CA PHE A 70 -4.80 0.38 -24.96
C PHE A 70 -6.24 0.68 -24.49
N ALA A 71 -6.59 1.96 -24.50
CA ALA A 71 -7.93 2.42 -24.13
C ALA A 71 -9.04 2.32 -25.16
N GLY A 72 -8.78 1.73 -26.31
CA GLY A 72 -9.82 1.63 -27.37
C GLY A 72 -10.73 0.41 -27.30
N ARG A 73 -11.71 0.34 -28.20
CA ARG A 73 -12.60 -0.82 -28.39
C ARG A 73 -12.58 -1.22 -29.87
N PRO A 74 -12.77 -2.52 -30.19
CA PRO A 74 -12.88 -2.87 -31.59
C PRO A 74 -14.27 -2.54 -32.12
N GLU A 75 -14.57 -2.84 -33.38
CA GLU A 75 -15.94 -2.67 -33.86
C GLU A 75 -16.48 -3.85 -34.71
N PRO A 76 -16.76 -5.02 -34.07
CA PRO A 76 -17.41 -6.10 -34.84
C PRO A 76 -18.91 -5.85 -35.00
N LEU A 77 -19.66 -6.82 -35.56
CA LEU A 77 -21.01 -6.55 -36.04
C LEU A 77 -21.98 -6.02 -35.00
N THR A 78 -22.02 -6.73 -33.90
CA THR A 78 -22.92 -6.45 -32.79
C THR A 78 -22.69 -5.07 -32.15
N TYR A 79 -21.45 -4.57 -32.16
CA TYR A 79 -21.11 -3.22 -31.65
C TYR A 79 -21.79 -2.11 -32.47
N LYS A 80 -21.78 -2.30 -33.78
CA LYS A 80 -22.51 -1.47 -34.71
C LYS A 80 -24.02 -1.67 -34.55
N LEU A 81 -24.41 -2.94 -34.47
CA LEU A 81 -25.81 -3.30 -34.40
C LEU A 81 -26.56 -2.75 -33.15
N VAL A 82 -25.84 -2.56 -32.03
CA VAL A 82 -26.46 -2.11 -30.74
C VAL A 82 -26.59 -0.62 -30.65
N SER A 83 -25.84 0.02 -31.55
CA SER A 83 -25.73 1.44 -31.54
C SER A 83 -25.83 2.00 -32.95
N ARG A 84 -26.84 1.53 -33.70
CA ARG A 84 -27.17 2.09 -35.03
C ARG A 84 -27.72 3.52 -34.94
N ASN A 85 -28.52 3.86 -33.90
CA ASN A 85 -28.99 5.25 -33.76
C ASN A 85 -28.07 6.21 -33.04
N TYR A 86 -27.66 5.81 -31.85
CA TYR A 86 -26.91 6.69 -30.97
C TYR A 86 -25.56 6.09 -30.57
N PRO A 87 -24.58 6.92 -30.20
CA PRO A 87 -23.29 6.34 -29.77
C PRO A 87 -23.35 5.66 -28.40
N ASP A 88 -22.77 4.46 -28.31
CA ASP A 88 -22.66 3.74 -27.04
C ASP A 88 -21.37 4.09 -26.29
N LEU A 89 -21.40 4.08 -24.96
CA LEU A 89 -20.23 4.43 -24.15
C LEU A 89 -19.32 3.23 -23.93
N SER A 90 -19.93 2.12 -23.47
CA SER A 90 -19.18 0.90 -23.16
C SER A 90 -18.53 0.28 -24.38
N LEU A 91 -19.17 0.44 -25.53
CA LEU A 91 -18.63 -0.12 -26.74
C LEU A 91 -18.06 0.96 -27.66
N GLY A 92 -17.93 2.18 -27.16
CA GLY A 92 -17.37 3.27 -27.93
C GLY A 92 -15.86 3.28 -27.91
N ASP A 93 -15.22 3.49 -29.07
CA ASP A 93 -13.74 3.69 -29.18
C ASP A 93 -13.29 4.96 -28.47
N TYR A 94 -12.02 4.95 -28.04
CA TYR A 94 -11.45 6.06 -27.29
C TYR A 94 -11.28 7.28 -28.22
N SER A 95 -11.97 8.37 -27.88
CA SER A 95 -11.83 9.68 -28.54
C SER A 95 -12.08 10.80 -27.52
N LEU A 96 -11.96 12.08 -27.96
CA LEU A 96 -12.26 13.27 -27.15
C LEU A 96 -13.74 13.26 -26.73
N LEU A 97 -14.60 12.96 -27.71
CA LEU A 97 -16.04 12.93 -27.52
C LEU A 97 -16.46 11.80 -26.59
N TRP A 98 -15.80 10.64 -26.75
CA TRP A 98 -15.99 9.54 -25.80
C TRP A 98 -15.58 9.90 -24.37
N LYS A 99 -14.43 10.56 -24.20
CA LYS A 99 -13.94 10.99 -22.87
C LYS A 99 -14.95 11.93 -22.15
N ALA A 100 -15.52 12.90 -22.88
CA ALA A 100 -16.59 13.78 -22.39
C ALA A 100 -17.85 12.99 -22.05
N HIS A 101 -18.14 11.99 -22.91
CA HIS A 101 -19.26 11.04 -22.71
C HIS A 101 -19.11 10.37 -21.35
N LYS A 102 -17.94 9.80 -21.07
CA LYS A 102 -17.71 9.11 -19.81
C LYS A 102 -17.74 10.01 -18.60
N LYS A 103 -17.16 11.21 -18.78
CA LYS A 103 -17.06 12.22 -17.70
C LYS A 103 -18.43 12.63 -17.16
N LEU A 104 -19.36 12.83 -18.09
CA LEU A 104 -20.70 13.31 -17.76
C LEU A 104 -21.50 12.28 -16.97
N THR A 105 -21.55 11.05 -17.48
CA THR A 105 -22.33 10.00 -16.86
C THR A 105 -21.70 9.57 -15.52
N ARG A 106 -20.37 9.65 -15.48
CA ARG A 106 -19.57 9.40 -14.26
C ARG A 106 -19.81 10.49 -13.21
N SER A 107 -20.02 11.73 -13.65
CA SER A 107 -20.38 12.82 -12.74
C SER A 107 -21.84 12.74 -12.32
N ALA A 108 -22.66 12.10 -13.16
CA ALA A 108 -24.08 11.85 -12.87
C ALA A 108 -24.23 10.83 -11.72
N LEU A 109 -23.39 9.80 -11.75
CA LEU A 109 -23.34 8.78 -10.72
C LEU A 109 -22.74 9.29 -9.41
N LEU A 110 -21.77 10.18 -9.54
CA LEU A 110 -21.07 10.63 -8.38
C LEU A 110 -21.67 11.88 -7.68
N LEU A 111 -21.98 12.90 -8.47
CA LEU A 111 -22.51 14.14 -7.94
C LEU A 111 -24.02 14.22 -8.02
N GLY A 112 -24.56 13.66 -9.10
CA GLY A 112 -25.96 13.80 -9.44
C GLY A 112 -26.86 13.13 -8.44
N ILE A 113 -26.48 11.92 -8.05
CA ILE A 113 -27.22 11.12 -7.07
C ILE A 113 -26.47 11.03 -5.72
N ARG A 114 -25.66 12.05 -5.41
CA ARG A 114 -24.78 12.07 -4.24
C ARG A 114 -25.59 12.00 -2.97
N ASP A 115 -26.65 12.77 -2.88
CA ASP A 115 -27.49 12.73 -1.69
C ASP A 115 -28.48 11.55 -1.60
N SER A 116 -28.86 10.98 -2.74
CA SER A 116 -29.91 9.95 -2.78
C SER A 116 -29.42 8.51 -2.94
N MET A 117 -28.23 8.29 -3.50
CA MET A 117 -27.70 6.94 -3.78
C MET A 117 -27.66 6.05 -2.53
N GLU A 118 -27.13 6.57 -1.44
CA GLU A 118 -27.08 5.83 -0.19
C GLU A 118 -28.50 5.45 0.42
N PRO A 119 -29.45 6.43 0.56
CA PRO A 119 -30.82 6.07 1.00
C PRO A 119 -31.63 5.13 0.07
N VAL A 120 -31.49 5.27 -1.25
CA VAL A 120 -32.24 4.48 -2.28
C VAL A 120 -31.84 3.04 -2.16
N VAL A 121 -30.53 2.81 -2.06
CA VAL A 121 -30.00 1.47 -1.83
C VAL A 121 -30.57 0.89 -0.54
N GLU A 122 -30.39 1.60 0.59
CA GLU A 122 -30.84 1.19 1.96
C GLU A 122 -32.32 0.75 1.98
N GLN A 123 -33.17 1.61 1.40
CA GLN A 123 -34.59 1.42 1.40
C GLN A 123 -35.03 0.23 0.56
N LEU A 124 -34.44 0.10 -0.62
CA LEU A 124 -34.84 -0.99 -1.52
C LEU A 124 -34.42 -2.39 -1.05
N THR A 125 -33.20 -2.48 -0.50
CA THR A 125 -32.75 -3.73 0.13
C THR A 125 -33.51 -4.05 1.45
N GLN A 126 -34.01 -2.99 2.12
CA GLN A 126 -34.89 -3.12 3.28
C GLN A 126 -36.21 -3.82 2.94
N GLU A 127 -36.81 -3.40 1.83
CA GLU A 127 -37.95 -4.10 1.31
C GLU A 127 -37.64 -5.49 0.75
N PHE A 128 -36.42 -5.71 0.23
CA PHE A 128 -35.95 -7.06 -0.15
C PHE A 128 -35.96 -8.05 1.04
N CYS A 129 -35.47 -7.59 2.18
CA CYS A 129 -35.37 -8.41 3.37
C CYS A 129 -36.73 -8.74 3.93
N GLU A 130 -37.65 -7.77 3.84
CA GLU A 130 -39.01 -8.03 4.25
C GLU A 130 -39.78 -9.00 3.35
N ARG A 131 -39.53 -8.96 2.05
CA ARG A 131 -40.07 -9.97 1.09
C ARG A 131 -39.50 -11.37 1.33
N MET A 132 -38.26 -11.40 1.81
CA MET A 132 -37.61 -12.63 2.21
C MET A 132 -38.30 -13.19 3.42
N ARG A 133 -38.73 -12.27 4.27
CA ARG A 133 -39.45 -12.56 5.50
C ARG A 133 -40.76 -13.34 5.32
N ALA A 134 -41.44 -13.09 4.21
CA ALA A 134 -42.71 -13.74 3.93
C ALA A 134 -42.68 -15.28 4.04
N GLN A 135 -41.68 -15.90 3.45
CA GLN A 135 -41.60 -17.34 3.49
C GLN A 135 -40.37 -17.62 4.36
N PRO A 136 -40.60 -18.01 5.62
CA PRO A 136 -39.43 -18.19 6.51
C PRO A 136 -38.57 -19.43 6.26
N GLY A 137 -39.17 -20.58 5.99
CA GLY A 137 -38.40 -21.79 5.77
C GLY A 137 -38.10 -22.10 4.31
N THR A 138 -38.87 -21.46 3.45
CA THR A 138 -38.88 -21.85 2.07
C THR A 138 -37.53 -21.68 1.39
N PRO A 139 -37.18 -22.64 0.55
CA PRO A 139 -36.01 -22.48 -0.29
C PRO A 139 -36.29 -21.35 -1.26
N VAL A 140 -35.34 -20.45 -1.47
CA VAL A 140 -35.61 -19.29 -2.34
C VAL A 140 -34.70 -19.22 -3.56
N ALA A 141 -35.25 -18.96 -4.74
CA ALA A 141 -34.40 -18.83 -5.90
C ALA A 141 -33.91 -17.42 -5.81
N ILE A 142 -32.81 -17.26 -5.09
CA ILE A 142 -32.27 -15.99 -4.74
C ILE A 142 -31.86 -15.20 -6.00
N GLU A 143 -31.25 -15.91 -6.93
CA GLU A 143 -30.67 -15.29 -8.10
C GLU A 143 -31.62 -14.24 -8.64
N GLU A 144 -32.86 -14.63 -8.86
CA GLU A 144 -33.88 -13.75 -9.44
C GLU A 144 -34.26 -12.61 -8.51
N GLU A 145 -34.24 -12.87 -7.21
CA GLU A 145 -34.53 -11.84 -6.22
C GLU A 145 -33.41 -10.77 -6.10
N PHE A 146 -32.13 -11.16 -6.22
CA PHE A 146 -31.02 -10.19 -6.33
C PHE A 146 -31.07 -9.43 -7.65
N SER A 147 -31.50 -10.11 -8.72
CA SER A 147 -31.69 -9.50 -10.01
C SER A 147 -32.79 -8.44 -10.03
N LEU A 148 -33.91 -8.69 -9.39
CA LEU A 148 -34.95 -7.67 -9.25
C LEU A 148 -34.51 -6.49 -8.37
N LEU A 149 -33.77 -6.78 -7.30
CA LEU A 149 -33.25 -5.74 -6.40
C LEU A 149 -32.33 -4.75 -7.10
N THR A 150 -31.27 -5.28 -7.73
CA THR A 150 -30.25 -4.43 -8.31
C THR A 150 -30.77 -3.75 -9.56
N CYS A 151 -31.69 -4.40 -10.25
CA CYS A 151 -32.42 -3.76 -11.34
C CYS A 151 -33.33 -2.59 -10.90
N SER A 152 -34.10 -2.81 -9.84
CA SER A 152 -34.85 -1.72 -9.22
C SER A 152 -33.94 -0.57 -8.78
N ILE A 153 -32.86 -0.87 -8.03
CA ILE A 153 -31.92 0.17 -7.58
C ILE A 153 -31.41 1.03 -8.76
N ILE A 154 -30.94 0.39 -9.84
CA ILE A 154 -30.37 1.15 -10.97
C ILE A 154 -31.47 1.94 -11.68
N CYS A 155 -32.68 1.38 -11.72
CA CYS A 155 -33.83 2.04 -12.34
C CYS A 155 -34.28 3.29 -11.60
N TYR A 156 -34.39 3.19 -10.28
CA TYR A 156 -34.74 4.31 -9.43
C TYR A 156 -33.73 5.46 -9.49
N LEU A 157 -32.45 5.10 -9.48
CA LEU A 157 -31.32 6.04 -9.53
C LEU A 157 -31.09 6.68 -10.90
N THR A 158 -31.46 5.96 -11.97
CA THR A 158 -31.41 6.52 -13.34
C THR A 158 -32.67 7.26 -13.71
N PHE A 159 -33.84 6.72 -13.36
CA PHE A 159 -35.13 7.28 -13.82
C PHE A 159 -36.07 7.97 -12.79
N GLY A 160 -35.89 7.75 -11.48
CA GLY A 160 -36.68 8.51 -10.51
C GLY A 160 -37.93 7.85 -9.93
N ASP A 161 -38.85 8.68 -9.42
CA ASP A 161 -40.10 8.17 -8.77
C ASP A 161 -41.14 7.50 -9.68
N LYS A 162 -41.10 7.91 -10.96
CA LYS A 162 -42.05 7.46 -11.99
C LYS A 162 -42.09 5.90 -12.15
N ILE A 163 -41.05 5.23 -11.64
CA ILE A 163 -40.88 3.77 -11.70
C ILE A 163 -41.90 3.08 -10.79
N LYS A 164 -42.00 3.53 -9.53
CA LYS A 164 -43.01 3.03 -8.58
C LYS A 164 -44.07 4.07 -8.47
N ASP A 165 -44.96 4.03 -9.44
CA ASP A 165 -45.97 5.04 -9.65
C ASP A 165 -46.82 4.55 -10.81
N ASP A 166 -46.13 4.36 -11.94
CA ASP A 166 -46.71 3.86 -13.19
C ASP A 166 -46.36 2.36 -13.30
N ASN A 167 -45.88 1.84 -12.16
CA ASN A 167 -45.46 0.48 -11.93
C ASN A 167 -44.72 -0.15 -13.10
N LEU A 168 -43.56 0.45 -13.35
CA LEU A 168 -42.72 0.17 -14.51
C LEU A 168 -41.69 -0.94 -14.30
N MET A 169 -41.42 -1.32 -13.05
CA MET A 169 -40.42 -2.36 -12.72
C MET A 169 -40.59 -3.73 -13.37
N PRO A 170 -41.83 -4.24 -13.45
CA PRO A 170 -41.98 -5.52 -14.12
C PRO A 170 -41.58 -5.52 -15.62
N ALA A 171 -41.93 -4.45 -16.32
CA ALA A 171 -41.75 -4.35 -17.75
C ALA A 171 -40.31 -4.02 -18.07
N TYR A 172 -39.65 -3.29 -17.16
CA TYR A 172 -38.26 -2.80 -17.36
C TYR A 172 -37.26 -3.89 -17.10
N TYR A 173 -37.49 -4.64 -16.02
CA TYR A 173 -36.69 -5.81 -15.68
C TYR A 173 -36.73 -6.84 -16.81
N LYS A 174 -37.93 -7.11 -17.31
CA LYS A 174 -38.16 -8.04 -18.39
C LYS A 174 -37.42 -7.56 -19.67
N CYS A 175 -37.41 -6.27 -19.91
CA CYS A 175 -36.65 -5.71 -21.04
C CYS A 175 -35.12 -5.75 -20.87
N ILE A 176 -34.66 -5.30 -19.72
CA ILE A 176 -33.23 -5.26 -19.43
C ILE A 176 -32.64 -6.68 -19.56
N GLN A 177 -33.40 -7.67 -19.07
CA GLN A 177 -32.96 -9.07 -19.09
C GLN A 177 -32.86 -9.60 -20.51
N GLU A 178 -33.92 -9.39 -21.30
CA GLU A 178 -34.00 -9.79 -22.73
C GLU A 178 -32.82 -9.33 -23.53
N VAL A 179 -32.51 -8.06 -23.35
CA VAL A 179 -31.43 -7.40 -24.07
C VAL A 179 -30.06 -8.07 -23.86
N LEU A 180 -29.66 -8.27 -22.60
CA LEU A 180 -28.38 -8.88 -22.27
C LEU A 180 -28.36 -10.35 -22.62
N LYS A 181 -29.49 -11.03 -22.36
CA LYS A 181 -29.53 -12.47 -22.49
C LYS A 181 -29.38 -12.90 -23.94
N THR A 182 -30.09 -12.19 -24.84
CA THR A 182 -29.94 -12.36 -26.30
C THR A 182 -28.47 -12.09 -26.73
N TRP A 183 -27.94 -10.91 -26.39
CA TRP A 183 -26.66 -10.42 -26.90
C TRP A 183 -25.52 -11.35 -26.53
N SER A 184 -25.53 -11.87 -25.31
CA SER A 184 -24.43 -12.72 -24.81
C SER A 184 -24.48 -14.20 -25.19
N HIS A 185 -25.60 -14.60 -25.78
CA HIS A 185 -25.80 -15.95 -26.27
C HIS A 185 -24.92 -16.25 -27.52
N TRP A 186 -24.43 -17.51 -27.64
CA TRP A 186 -23.57 -17.97 -28.78
C TRP A 186 -24.06 -17.53 -30.18
N SER A 187 -25.40 -17.58 -30.43
CA SER A 187 -25.99 -17.32 -31.79
C SER A 187 -25.76 -15.89 -32.25
N ILE A 188 -25.56 -15.00 -31.25
CA ILE A 188 -25.23 -13.59 -31.49
C ILE A 188 -23.72 -13.31 -31.41
N GLN A 189 -23.04 -13.90 -30.44
CA GLN A 189 -21.60 -13.67 -30.27
C GLN A 189 -20.70 -14.29 -31.34
N ILE A 190 -21.16 -15.37 -31.95
CA ILE A 190 -20.38 -16.04 -32.99
C ILE A 190 -20.17 -15.16 -34.24
N VAL A 191 -21.06 -14.19 -34.41
CA VAL A 191 -20.99 -13.30 -35.56
C VAL A 191 -19.84 -12.30 -35.44
N ASP A 192 -19.51 -11.90 -34.20
CA ASP A 192 -18.36 -11.03 -33.93
C ASP A 192 -16.99 -11.64 -34.29
N VAL A 193 -16.90 -12.96 -34.14
CA VAL A 193 -15.65 -13.69 -34.39
C VAL A 193 -15.52 -14.34 -35.77
N ILE A 194 -16.64 -14.86 -36.26
CA ILE A 194 -16.73 -15.36 -37.61
C ILE A 194 -17.65 -14.36 -38.38
N PRO A 195 -17.08 -13.26 -38.94
CA PRO A 195 -17.99 -12.27 -39.55
C PRO A 195 -18.68 -12.71 -40.86
N PHE A 196 -18.24 -13.77 -41.54
CA PHE A 196 -18.96 -14.25 -42.75
C PHE A 196 -20.33 -14.92 -42.49
N LEU A 197 -20.52 -15.31 -41.22
CA LEU A 197 -21.77 -15.89 -40.74
C LEU A 197 -22.97 -14.93 -40.81
N ARG A 198 -22.68 -13.62 -40.94
CA ARG A 198 -23.66 -12.50 -41.08
C ARG A 198 -24.57 -12.62 -42.31
N PHE A 199 -24.06 -13.28 -43.35
CA PHE A 199 -24.75 -13.51 -44.61
C PHE A 199 -25.70 -14.73 -44.56
N PHE A 200 -25.43 -15.65 -43.64
CA PHE A 200 -26.32 -16.79 -43.45
C PHE A 200 -27.39 -16.44 -42.36
N PRO A 201 -28.70 -16.72 -42.63
CA PRO A 201 -29.83 -16.21 -41.83
C PRO A 201 -29.75 -16.56 -40.32
N ASN A 202 -30.09 -15.59 -39.47
CA ASN A 202 -29.90 -15.73 -37.98
C ASN A 202 -31.11 -15.27 -37.11
N PRO A 203 -32.04 -16.20 -36.79
CA PRO A 203 -32.93 -15.88 -35.68
C PRO A 203 -32.09 -15.92 -34.40
N GLY A 204 -32.09 -14.80 -33.69
CA GLY A 204 -31.12 -14.51 -32.63
C GLY A 204 -30.81 -13.04 -32.78
N LEU A 205 -30.21 -12.69 -33.92
CA LEU A 205 -30.06 -11.30 -34.31
C LEU A 205 -31.39 -10.54 -34.48
N ARG A 206 -32.45 -11.22 -34.92
CA ARG A 206 -33.78 -10.59 -35.02
C ARG A 206 -34.51 -10.59 -33.66
N ARG A 207 -34.22 -11.61 -32.83
CA ARG A 207 -34.58 -11.63 -31.38
C ARG A 207 -33.91 -10.46 -30.62
N LEU A 208 -32.67 -10.12 -31.03
CA LEU A 208 -31.89 -8.99 -30.51
C LEU A 208 -32.45 -7.62 -30.93
N LYS A 209 -32.72 -7.44 -32.23
CA LYS A 209 -33.28 -6.21 -32.78
C LYS A 209 -34.59 -5.82 -32.11
N GLN A 210 -35.42 -6.85 -31.79
CA GLN A 210 -36.69 -6.66 -31.09
C GLN A 210 -36.46 -6.15 -29.69
N ALA A 211 -35.44 -6.70 -29.03
CA ALA A 211 -34.97 -6.23 -27.70
C ALA A 211 -34.39 -4.81 -27.66
N ILE A 212 -33.51 -4.50 -28.62
CA ILE A 212 -33.00 -3.13 -28.89
C ILE A 212 -34.19 -2.15 -29.05
N GLU A 213 -35.16 -2.50 -29.91
CA GLU A 213 -36.35 -1.67 -30.17
C GLU A 213 -37.18 -1.40 -28.90
N LYS A 214 -37.36 -2.43 -28.08
CA LYS A 214 -38.07 -2.30 -26.83
C LYS A 214 -37.29 -1.51 -25.79
N ARG A 215 -35.97 -1.69 -25.73
CA ARG A 215 -35.19 -0.87 -24.79
C ARG A 215 -35.11 0.58 -25.23
N ASP A 216 -35.09 0.82 -26.53
CA ASP A 216 -35.02 2.19 -27.03
C ASP A 216 -36.34 2.92 -26.81
N HIS A 217 -37.45 2.19 -26.89
CA HIS A 217 -38.74 2.80 -26.64
C HIS A 217 -38.88 3.18 -25.17
N ILE A 218 -38.37 2.31 -24.29
CA ILE A 218 -38.34 2.55 -22.83
C ILE A 218 -37.56 3.84 -22.45
N VAL A 219 -36.33 3.96 -22.97
CA VAL A 219 -35.40 5.02 -22.61
C VAL A 219 -35.89 6.35 -23.17
N GLU A 220 -36.42 6.31 -24.38
CA GLU A 220 -36.82 7.51 -25.07
C GLU A 220 -38.07 8.14 -24.43
N MET A 221 -39.05 7.32 -24.06
CA MET A 221 -40.24 7.76 -23.32
C MET A 221 -39.88 8.35 -21.94
N GLN A 222 -38.88 7.74 -21.31
CA GLN A 222 -38.33 8.24 -20.06
C GLN A 222 -37.59 9.58 -20.25
N LEU A 223 -36.88 9.69 -21.37
CA LEU A 223 -36.16 10.89 -21.70
C LEU A 223 -37.10 12.10 -21.92
N ARG A 224 -38.18 11.92 -22.70
CA ARG A 224 -39.22 12.94 -22.91
C ARG A 224 -39.80 13.40 -21.59
N GLN A 225 -40.18 12.43 -20.76
CA GLN A 225 -40.88 12.71 -19.50
C GLN A 225 -40.02 13.47 -18.52
N HIS A 226 -38.70 13.28 -18.57
CA HIS A 226 -37.77 14.02 -17.71
C HIS A 226 -37.63 15.45 -18.20
N LYS A 227 -37.41 15.59 -19.51
CA LYS A 227 -37.22 16.85 -20.21
C LYS A 227 -38.36 17.81 -19.94
N GLU A 228 -39.58 17.30 -20.01
CA GLU A 228 -40.78 18.13 -19.85
C GLU A 228 -41.06 18.54 -18.41
N SER A 229 -40.54 17.79 -17.45
CA SER A 229 -40.77 18.07 -16.04
C SER A 229 -39.53 18.69 -15.33
N LEU A 230 -38.39 18.80 -16.03
CA LEU A 230 -37.08 19.11 -15.41
C LEU A 230 -36.97 20.53 -14.83
N VAL A 231 -36.26 20.77 -13.73
CA VAL A 231 -36.00 22.17 -13.27
C VAL A 231 -34.54 22.61 -13.46
N ALA A 232 -34.34 23.82 -13.97
CA ALA A 232 -33.07 24.21 -14.58
C ALA A 232 -31.84 24.12 -13.69
N GLY A 233 -32.03 24.24 -12.38
CA GLY A 233 -30.90 24.18 -11.44
C GLY A 233 -30.73 22.86 -10.73
N GLN A 234 -31.84 22.12 -10.62
CA GLN A 234 -32.01 21.03 -9.62
C GLN A 234 -32.04 19.70 -10.37
N TRP A 235 -31.62 18.59 -9.75
CA TRP A 235 -31.69 17.25 -10.40
C TRP A 235 -32.17 16.14 -9.52
N ARG A 236 -33.29 15.52 -9.89
CA ARG A 236 -33.91 14.41 -9.17
C ARG A 236 -33.15 13.07 -9.28
N ASP A 237 -32.63 12.72 -10.47
CA ASP A 237 -31.94 11.43 -10.71
C ASP A 237 -30.79 11.61 -11.69
N MET A 238 -30.24 10.51 -12.22
CA MET A 238 -29.12 10.55 -13.18
C MET A 238 -29.40 11.12 -14.58
N MET A 239 -30.57 10.81 -15.12
CA MET A 239 -31.02 11.38 -16.38
C MET A 239 -31.29 12.92 -16.28
N ASP A 240 -31.82 13.39 -15.15
CA ASP A 240 -31.95 14.85 -14.86
C ASP A 240 -30.61 15.60 -14.95
N TYR A 241 -29.57 15.02 -14.34
CA TYR A 241 -28.23 15.53 -14.35
C TYR A 241 -27.63 15.52 -15.77
N MET A 242 -27.85 14.41 -16.49
CA MET A 242 -27.21 14.20 -17.78
C MET A 242 -27.82 15.03 -18.89
N LEU A 243 -29.15 15.19 -18.81
CA LEU A 243 -29.89 16.06 -19.70
C LEU A 243 -29.44 17.52 -19.60
N GLN A 244 -29.24 17.97 -18.36
CA GLN A 244 -28.73 19.29 -18.07
C GLN A 244 -27.28 19.55 -18.48
N GLY A 245 -26.42 18.54 -18.56
CA GLY A 245 -25.05 18.76 -19.03
C GLY A 245 -24.83 18.50 -20.52
N VAL A 246 -25.87 18.74 -21.32
CA VAL A 246 -25.88 18.34 -22.71
C VAL A 246 -26.49 19.43 -23.55
N ALA A 247 -25.82 19.70 -24.68
CA ALA A 247 -26.18 20.70 -25.70
C ALA A 247 -26.29 22.12 -25.07
N GLY A 256 -19.36 17.51 -33.44
CA GLY A 256 -19.07 16.86 -32.15
C GLY A 256 -19.22 17.67 -30.85
N GLN A 257 -20.44 17.66 -30.32
CA GLN A 257 -20.86 18.28 -29.05
C GLN A 257 -21.51 17.05 -28.37
N LEU A 258 -21.72 17.07 -27.06
CA LEU A 258 -22.46 15.99 -26.42
C LEU A 258 -23.96 16.19 -26.56
N LEU A 259 -24.60 15.24 -27.26
CA LEU A 259 -26.03 15.32 -27.58
C LEU A 259 -26.91 14.52 -26.63
N GLU A 260 -28.22 14.68 -26.79
CA GLU A 260 -29.24 13.90 -26.07
C GLU A 260 -29.13 12.38 -26.37
N GLY A 261 -28.63 12.04 -27.56
CA GLY A 261 -28.34 10.65 -27.98
C GLY A 261 -27.33 9.94 -27.09
N HIS A 262 -26.32 10.71 -26.65
CA HIS A 262 -25.33 10.33 -25.62
C HIS A 262 -25.96 9.99 -24.26
N VAL A 263 -26.85 10.84 -23.76
CA VAL A 263 -27.64 10.56 -22.56
C VAL A 263 -28.39 9.23 -22.69
N HIS A 264 -29.01 9.03 -23.86
CA HIS A 264 -29.89 7.90 -24.13
C HIS A 264 -29.14 6.61 -23.98
N MET A 265 -27.94 6.58 -24.54
CA MET A 265 -27.09 5.39 -24.44
C MET A 265 -26.40 5.20 -23.09
N ALA A 266 -26.05 6.30 -22.43
CA ALA A 266 -25.47 6.25 -21.10
C ALA A 266 -26.44 5.62 -20.10
N ALA A 267 -27.75 5.87 -20.30
CA ALA A 267 -28.82 5.22 -19.54
C ALA A 267 -28.90 3.73 -19.87
N VAL A 268 -28.87 3.41 -21.16
CA VAL A 268 -28.82 2.00 -21.62
C VAL A 268 -27.67 1.25 -20.98
N ASP A 269 -26.50 1.89 -20.87
CA ASP A 269 -25.33 1.26 -20.31
C ASP A 269 -25.41 1.14 -18.81
N LEU A 270 -26.12 2.08 -18.19
CA LEU A 270 -26.32 2.05 -16.75
C LEU A 270 -27.24 0.88 -16.43
N LEU A 271 -28.33 0.78 -17.20
CA LEU A 271 -29.38 -0.20 -16.92
C LEU A 271 -28.84 -1.61 -17.09
N ILE A 272 -28.29 -1.89 -18.27
CA ILE A 272 -27.90 -3.24 -18.67
C ILE A 272 -26.61 -3.65 -17.94
N GLY A 273 -25.75 -2.65 -17.74
CA GLY A 273 -24.46 -2.84 -17.08
C GLY A 273 -24.57 -3.07 -15.59
N GLY A 274 -25.66 -2.60 -15.00
CA GLY A 274 -25.84 -2.52 -13.56
C GLY A 274 -26.82 -3.45 -12.86
N THR A 275 -27.34 -4.43 -13.60
CA THR A 275 -28.23 -5.41 -12.97
C THR A 275 -27.48 -6.72 -12.73
N GLU A 276 -27.14 -7.42 -13.81
CA GLU A 276 -26.68 -8.78 -13.74
C GLU A 276 -25.31 -8.94 -13.11
N THR A 277 -24.48 -7.91 -13.27
CA THR A 277 -23.10 -7.88 -12.76
C THR A 277 -23.07 -7.93 -11.25
N THR A 278 -23.67 -6.91 -10.63
CA THR A 278 -23.74 -6.81 -9.20
C THR A 278 -24.59 -7.91 -8.53
N ALA A 279 -25.70 -8.27 -9.19
CA ALA A 279 -26.63 -9.32 -8.71
C ALA A 279 -26.03 -10.71 -8.63
N ASN A 280 -25.27 -11.06 -9.67
CA ASN A 280 -24.54 -12.32 -9.67
C ASN A 280 -23.36 -12.37 -8.66
N THR A 281 -22.66 -11.26 -8.51
CA THR A 281 -21.64 -11.17 -7.50
C THR A 281 -22.28 -11.53 -6.15
N LEU A 282 -23.46 -10.96 -5.89
CA LEU A 282 -24.22 -11.20 -4.67
C LEU A 282 -24.56 -12.68 -4.54
N SER A 283 -25.10 -13.26 -5.61
CA SER A 283 -25.39 -14.70 -5.66
C SER A 283 -24.16 -15.58 -5.31
N TRP A 284 -23.02 -15.31 -5.97
CA TRP A 284 -21.77 -16.00 -5.69
C TRP A 284 -21.38 -15.92 -4.20
N ALA A 285 -21.52 -14.74 -3.59
CA ALA A 285 -21.21 -14.55 -2.17
C ALA A 285 -22.04 -15.54 -1.29
N VAL A 286 -23.29 -15.74 -1.69
CA VAL A 286 -24.20 -16.61 -0.95
C VAL A 286 -23.67 -18.03 -0.99
N VAL A 287 -23.32 -18.49 -2.20
CA VAL A 287 -22.84 -19.84 -2.44
C VAL A 287 -21.56 -20.10 -1.63
N PHE A 288 -20.64 -19.16 -1.69
CA PHE A 288 -19.41 -19.18 -0.87
C PHE A 288 -19.67 -19.28 0.65
N LEU A 289 -20.60 -18.49 1.17
CA LEU A 289 -21.01 -18.60 2.57
C LEU A 289 -21.73 -19.92 2.95
N LEU A 290 -22.44 -20.51 1.99
CA LEU A 290 -23.03 -21.84 2.14
C LEU A 290 -21.98 -22.92 2.25
N HIS A 291 -20.84 -22.73 1.59
CA HIS A 291 -19.70 -23.63 1.65
C HIS A 291 -18.80 -23.29 2.85
N HIS A 292 -18.92 -22.09 3.43
CA HIS A 292 -18.03 -21.67 4.54
C HIS A 292 -18.81 -21.15 5.73
N PRO A 293 -19.49 -22.04 6.49
CA PRO A 293 -20.35 -21.51 7.58
C PRO A 293 -19.57 -21.06 8.84
N GLU A 294 -18.27 -21.38 8.89
CA GLU A 294 -17.36 -20.78 9.88
C GLU A 294 -17.24 -19.26 9.67
N ILE A 295 -17.21 -18.86 8.40
CA ILE A 295 -17.04 -17.46 7.99
C ILE A 295 -18.33 -16.73 8.24
N GLN A 296 -19.46 -17.38 7.92
CA GLN A 296 -20.76 -16.78 8.13
C GLN A 296 -20.96 -16.35 9.59
N GLN A 297 -20.67 -17.28 10.50
CA GLN A 297 -20.76 -17.03 11.94
C GLN A 297 -19.83 -15.93 12.38
N ARG A 298 -18.60 -15.93 11.87
CA ARG A 298 -17.62 -14.89 12.17
C ARG A 298 -18.08 -13.51 11.71
N LEU A 299 -18.73 -13.47 10.53
CA LEU A 299 -19.27 -12.24 9.93
C LEU A 299 -20.44 -11.72 10.71
N GLN A 300 -21.26 -12.68 11.14
CA GLN A 300 -22.46 -12.39 11.92
C GLN A 300 -22.08 -11.84 13.27
N GLU A 301 -21.09 -12.46 13.91
CA GLU A 301 -20.60 -12.06 15.22
C GLU A 301 -19.88 -10.67 15.15
N GLU A 302 -19.19 -10.41 14.04
CA GLU A 302 -18.64 -9.08 13.74
C GLU A 302 -19.72 -8.00 13.60
N LEU A 303 -20.83 -8.35 12.94
CA LEU A 303 -21.97 -7.45 12.79
C LEU A 303 -22.71 -7.21 14.10
N ASP A 304 -22.78 -8.24 14.93
CA ASP A 304 -23.39 -8.15 16.26
C ASP A 304 -22.60 -7.21 17.14
N HIS A 305 -21.29 -7.20 16.98
CA HIS A 305 -20.42 -6.37 17.77
C HIS A 305 -20.50 -4.84 17.39
N GLU A 306 -20.85 -4.48 16.15
CA GLU A 306 -21.38 -3.11 15.85
C GLU A 306 -22.92 -3.18 15.71
N SER A 314 -30.35 0.27 13.93
CA SER A 314 -29.62 -1.01 13.92
C SER A 314 -29.31 -1.60 12.49
N ARG A 315 -28.70 -0.72 11.69
CA ARG A 315 -28.11 -1.05 10.41
C ARG A 315 -26.65 -0.56 10.56
N VAL A 316 -25.76 -1.03 9.68
CA VAL A 316 -24.45 -0.39 9.58
C VAL A 316 -24.44 0.50 8.31
N PRO A 317 -24.21 1.86 8.44
CA PRO A 317 -24.19 2.79 7.27
C PRO A 317 -22.91 2.59 6.52
N TYR A 318 -22.89 3.01 5.26
CA TYR A 318 -21.72 2.72 4.42
C TYR A 318 -20.54 3.55 4.89
N LYS A 319 -20.84 4.66 5.59
CA LYS A 319 -19.80 5.53 6.18
C LYS A 319 -18.99 4.80 7.28
N ASP A 320 -19.60 3.77 7.85
CA ASP A 320 -18.95 2.93 8.86
C ASP A 320 -18.35 1.61 8.33
N ARG A 321 -17.93 1.61 7.06
CA ARG A 321 -17.27 0.44 6.47
C ARG A 321 -16.14 -0.19 7.27
N ALA A 322 -15.16 0.63 7.73
CA ALA A 322 -13.94 0.20 8.48
C ALA A 322 -14.25 -0.67 9.67
N ARG A 323 -15.36 -0.34 10.32
CA ARG A 323 -15.90 -1.06 11.43
C ARG A 323 -16.32 -2.51 11.10
N LEU A 324 -16.28 -2.96 9.86
CA LEU A 324 -16.52 -4.38 9.56
C LEU A 324 -15.42 -4.94 8.66
N PRO A 325 -14.16 -5.13 9.18
CA PRO A 325 -13.01 -5.46 8.31
C PRO A 325 -13.09 -6.83 7.63
N LEU A 326 -13.66 -7.82 8.29
CA LEU A 326 -13.77 -9.18 7.75
C LEU A 326 -14.84 -9.22 6.67
N LEU A 327 -15.89 -8.42 6.82
CA LEU A 327 -16.94 -8.32 5.81
C LEU A 327 -16.38 -7.77 4.49
N ASN A 328 -15.61 -6.70 4.59
CA ASN A 328 -14.94 -6.12 3.44
C ASN A 328 -13.95 -7.08 2.75
N ALA A 329 -13.28 -7.89 3.54
CA ALA A 329 -12.26 -8.82 3.06
C ALA A 329 -13.02 -9.96 2.38
N THR A 330 -14.18 -10.34 2.93
CA THR A 330 -15.01 -11.36 2.32
C THR A 330 -15.54 -10.92 0.96
N ILE A 331 -16.00 -9.68 0.86
CA ILE A 331 -16.40 -9.11 -0.42
C ILE A 331 -15.23 -9.09 -1.42
N ALA A 332 -14.07 -8.63 -0.98
CA ALA A 332 -12.83 -8.60 -1.81
C ALA A 332 -12.44 -9.95 -2.40
N GLU A 333 -12.72 -10.99 -1.61
CA GLU A 333 -12.43 -12.38 -1.96
C GLU A 333 -13.37 -12.92 -3.03
N VAL A 334 -14.66 -12.51 -2.91
CA VAL A 334 -15.72 -12.96 -3.82
C VAL A 334 -15.37 -12.41 -5.19
N LEU A 335 -14.95 -11.13 -5.20
CA LEU A 335 -14.51 -10.39 -6.39
C LEU A 335 -13.27 -11.00 -7.01
N ARG A 336 -12.32 -11.43 -6.18
CA ARG A 336 -11.06 -12.05 -6.63
C ARG A 336 -11.27 -13.37 -7.31
N LEU A 337 -11.94 -14.23 -6.56
CA LEU A 337 -12.10 -15.61 -6.99
C LEU A 337 -13.20 -15.81 -8.04
N ARG A 338 -14.18 -14.92 -8.09
CA ARG A 338 -15.28 -15.00 -9.04
C ARG A 338 -15.66 -13.63 -9.62
N PRO A 339 -14.81 -13.06 -10.51
CA PRO A 339 -15.17 -11.77 -11.07
C PRO A 339 -16.26 -11.96 -12.12
N VAL A 340 -17.33 -11.18 -12.01
CA VAL A 340 -18.50 -11.48 -12.83
C VAL A 340 -18.31 -11.12 -14.29
N VAL A 341 -17.31 -10.26 -14.54
CA VAL A 341 -16.96 -9.92 -15.91
C VAL A 341 -15.57 -10.43 -16.14
N PRO A 342 -15.41 -11.74 -16.35
CA PRO A 342 -14.12 -12.39 -16.16
C PRO A 342 -13.09 -12.09 -17.23
N LEU A 343 -13.53 -11.62 -18.39
CA LEU A 343 -12.60 -11.25 -19.46
C LEU A 343 -12.64 -9.74 -19.76
N ALA A 344 -13.22 -8.98 -18.82
CA ALA A 344 -13.50 -7.56 -19.03
C ALA A 344 -14.30 -7.34 -20.35
N LEU A 345 -13.94 -6.31 -21.13
CA LEU A 345 -14.40 -6.14 -22.51
C LEU A 345 -13.21 -6.08 -23.46
N PRO A 346 -13.38 -6.39 -24.77
CA PRO A 346 -12.14 -6.36 -25.57
C PRO A 346 -11.58 -4.93 -25.69
N HIS A 347 -10.25 -4.85 -25.71
CA HIS A 347 -9.57 -3.59 -25.85
C HIS A 347 -8.97 -3.58 -27.25
N ARG A 348 -8.78 -2.37 -27.78
CA ARG A 348 -8.08 -2.14 -29.02
C ARG A 348 -6.90 -1.20 -28.85
N THR A 349 -5.81 -1.55 -29.55
CA THR A 349 -4.55 -0.76 -29.53
C THR A 349 -4.80 0.51 -30.36
N THR A 350 -4.63 1.67 -29.71
CA THR A 350 -4.90 3.00 -30.32
C THR A 350 -3.75 3.59 -31.16
N ARG A 351 -2.51 3.26 -30.77
CA ARG A 351 -1.29 3.65 -31.46
C ARG A 351 -0.29 2.50 -31.32
N PRO A 352 0.70 2.38 -32.22
CA PRO A 352 1.68 1.31 -32.02
C PRO A 352 2.39 1.44 -30.68
N SER A 353 2.48 0.35 -29.93
CA SER A 353 2.94 0.37 -28.53
C SER A 353 3.63 -0.94 -28.10
N SER A 354 3.86 -1.15 -26.81
CA SER A 354 4.47 -2.39 -26.32
C SER A 354 4.06 -2.76 -24.89
N ILE A 355 3.86 -4.06 -24.66
CA ILE A 355 3.57 -4.61 -23.32
C ILE A 355 4.62 -5.68 -23.09
N SER A 356 5.30 -5.57 -21.96
CA SER A 356 6.18 -6.62 -21.46
C SER A 356 7.31 -6.92 -22.43
N GLY A 357 7.72 -5.86 -23.17
CA GLY A 357 8.83 -5.88 -24.13
C GLY A 357 8.52 -6.63 -25.41
N TYR A 358 7.24 -6.76 -25.69
CA TYR A 358 6.76 -7.20 -26.99
C TYR A 358 6.12 -6.03 -27.70
N ASP A 359 6.39 -5.97 -28.99
CA ASP A 359 5.79 -5.00 -29.88
C ASP A 359 4.31 -5.34 -30.01
N ILE A 360 3.47 -4.35 -29.72
CA ILE A 360 2.01 -4.43 -29.90
C ILE A 360 1.60 -3.49 -31.06
N PRO A 361 1.37 -4.05 -32.29
CA PRO A 361 0.93 -3.20 -33.43
C PRO A 361 -0.44 -2.53 -33.20
N GLU A 362 -0.74 -1.49 -33.98
CA GLU A 362 -1.97 -0.71 -33.83
C GLU A 362 -3.15 -1.51 -34.29
N GLY A 363 -4.24 -1.40 -33.55
CA GLY A 363 -5.47 -2.04 -33.88
C GLY A 363 -5.58 -3.47 -33.43
N THR A 364 -4.55 -4.05 -32.79
CA THR A 364 -4.65 -5.44 -32.26
C THR A 364 -5.47 -5.46 -31.01
N VAL A 365 -6.32 -6.46 -30.99
CA VAL A 365 -7.31 -6.60 -29.98
C VAL A 365 -6.63 -7.26 -28.74
N ILE A 366 -6.91 -6.70 -27.55
CA ILE A 366 -6.39 -7.23 -26.30
C ILE A 366 -7.50 -7.81 -25.41
N ILE A 367 -7.32 -9.06 -25.01
CA ILE A 367 -8.21 -9.66 -24.02
C ILE A 367 -7.57 -9.66 -22.60
N PRO A 368 -8.14 -8.85 -21.62
CA PRO A 368 -7.60 -8.75 -20.25
C PRO A 368 -8.24 -9.77 -19.35
N ASN A 369 -7.56 -10.91 -19.19
CA ASN A 369 -8.09 -12.08 -18.46
C ASN A 369 -8.02 -11.78 -16.99
N LEU A 370 -9.14 -11.33 -16.42
CA LEU A 370 -9.14 -10.98 -15.01
C LEU A 370 -9.26 -12.19 -14.13
N GLN A 371 -10.09 -13.18 -14.50
CA GLN A 371 -10.29 -14.38 -13.70
C GLN A 371 -8.98 -15.12 -13.59
N GLY A 372 -8.29 -15.26 -14.74
CA GLY A 372 -6.96 -15.88 -14.84
C GLY A 372 -5.89 -15.18 -14.01
N ALA A 373 -5.86 -13.86 -14.11
CA ALA A 373 -4.90 -13.05 -13.37
C ALA A 373 -5.07 -13.16 -11.84
N HIS A 374 -6.30 -13.35 -11.37
CA HIS A 374 -6.61 -13.47 -9.93
C HIS A 374 -6.28 -14.85 -9.35
N LEU A 375 -6.01 -15.81 -10.26
CA LEU A 375 -5.63 -17.16 -9.89
C LEU A 375 -4.10 -17.35 -9.85
N ASP A 376 -3.31 -16.27 -9.97
CA ASP A 376 -1.85 -16.25 -9.92
C ASP A 376 -1.27 -16.55 -8.55
N GLU A 377 -0.50 -17.64 -8.46
CA GLU A 377 0.21 -18.00 -7.22
C GLU A 377 1.42 -17.11 -6.87
N THR A 378 1.96 -16.37 -7.85
CA THR A 378 2.94 -15.30 -7.65
C THR A 378 2.43 -14.20 -6.74
N VAL A 379 1.14 -13.92 -6.88
CA VAL A 379 0.54 -12.74 -6.27
C VAL A 379 -0.33 -13.15 -5.10
N TRP A 380 -1.13 -14.19 -5.30
CA TRP A 380 -2.02 -14.71 -4.25
C TRP A 380 -1.68 -16.16 -3.99
N GLU A 381 -1.01 -16.40 -2.87
CA GLU A 381 -0.68 -17.79 -2.47
C GLU A 381 -1.94 -18.54 -2.02
N ARG A 382 -1.94 -19.85 -2.25
CA ARG A 382 -3.14 -20.69 -2.25
C ARG A 382 -4.32 -20.07 -3.06
N PRO A 383 -4.08 -19.75 -4.36
CA PRO A 383 -4.96 -18.84 -5.13
C PRO A 383 -6.32 -19.40 -5.45
N HIS A 384 -6.49 -20.72 -5.32
CA HIS A 384 -7.79 -21.37 -5.61
C HIS A 384 -8.76 -21.44 -4.45
N GLU A 385 -8.26 -21.04 -3.28
CA GLU A 385 -9.01 -21.17 -2.03
C GLU A 385 -9.72 -19.85 -1.65
N PHE A 386 -10.98 -20.00 -1.25
CA PHE A 386 -11.77 -18.90 -0.70
C PHE A 386 -11.24 -18.67 0.71
N TRP A 387 -10.39 -17.65 0.87
CA TRP A 387 -9.67 -17.44 2.08
C TRP A 387 -9.66 -15.94 2.38
N PRO A 388 -10.77 -15.42 3.00
CA PRO A 388 -10.93 -13.94 3.23
C PRO A 388 -9.83 -13.29 4.08
N ASP A 389 -9.34 -14.08 5.01
CA ASP A 389 -8.33 -13.65 5.94
C ASP A 389 -7.06 -13.27 5.22
N ARG A 390 -6.99 -13.67 3.96
CA ARG A 390 -5.89 -13.38 3.09
C ARG A 390 -5.73 -11.89 2.92
N PHE A 391 -6.83 -11.16 2.81
CA PHE A 391 -6.83 -9.72 2.66
C PHE A 391 -6.69 -8.95 3.96
N LEU A 392 -6.57 -9.63 5.09
CA LEU A 392 -6.36 -8.97 6.36
C LEU A 392 -4.93 -8.45 6.47
N GLU A 393 -4.69 -7.55 7.42
CA GLU A 393 -3.43 -6.79 7.45
C GLU A 393 -2.01 -7.37 7.52
N PRO A 394 -1.74 -8.42 8.31
CA PRO A 394 -0.33 -8.86 8.27
C PRO A 394 -0.02 -9.39 6.88
N GLY A 395 1.02 -8.85 6.26
CA GLY A 395 1.43 -9.27 4.93
C GLY A 395 0.33 -9.26 3.91
N LYS A 396 -0.50 -8.23 3.89
CA LYS A 396 -1.60 -8.22 2.93
C LYS A 396 -1.09 -8.23 1.52
N ASN A 397 -1.68 -9.08 0.70
CA ASN A 397 -1.31 -9.17 -0.70
C ASN A 397 -1.97 -8.10 -1.54
N SER A 398 -1.50 -8.00 -2.77
CA SER A 398 -1.96 -7.00 -3.71
C SER A 398 -3.42 -7.08 -4.04
N ARG A 399 -3.98 -5.90 -4.28
CA ARG A 399 -5.38 -5.73 -4.60
C ARG A 399 -5.75 -6.35 -5.93
N ALA A 400 -6.86 -7.06 -5.98
CA ALA A 400 -7.35 -7.67 -7.22
C ALA A 400 -7.98 -6.56 -8.05
N LEU A 401 -8.31 -6.83 -9.31
CA LEU A 401 -9.02 -5.81 -10.07
C LEU A 401 -10.20 -6.33 -10.90
N ALA A 402 -11.26 -6.72 -10.18
CA ALA A 402 -12.49 -7.27 -10.78
C ALA A 402 -13.29 -6.27 -11.59
N PHE A 403 -13.01 -4.99 -11.35
CA PHE A 403 -13.64 -3.88 -12.04
C PHE A 403 -12.74 -3.34 -13.19
N GLY A 404 -11.61 -4.01 -13.35
CA GLY A 404 -10.65 -3.65 -14.39
C GLY A 404 -9.81 -2.49 -13.91
N CYS A 405 -9.11 -1.82 -14.84
CA CYS A 405 -8.36 -0.61 -14.50
C CYS A 405 -8.06 0.26 -15.71
N GLY A 406 -7.73 1.52 -15.44
CA GLY A 406 -7.32 2.43 -16.47
C GLY A 406 -8.52 3.20 -16.92
N ALA A 407 -8.46 3.67 -18.16
CA ALA A 407 -9.50 4.51 -18.80
C ALA A 407 -10.82 3.79 -18.90
N ARG A 408 -10.77 2.47 -18.93
CA ARG A 408 -11.96 1.66 -19.13
C ARG A 408 -12.51 1.01 -17.86
N VAL A 409 -12.19 1.60 -16.67
CA VAL A 409 -12.66 1.08 -15.38
C VAL A 409 -14.16 1.08 -15.35
N CYS A 410 -14.69 0.10 -14.65
CA CYS A 410 -16.12 -0.03 -14.54
C CYS A 410 -16.70 1.33 -14.10
N LEU A 411 -17.65 1.85 -14.90
CA LEU A 411 -18.37 3.10 -14.65
C LEU A 411 -19.12 3.11 -13.32
N GLY A 412 -19.74 1.99 -12.94
CA GLY A 412 -20.70 1.94 -11.84
C GLY A 412 -20.11 1.24 -10.65
N GLU A 413 -18.77 1.17 -10.63
CA GLU A 413 -18.01 0.63 -9.47
C GLU A 413 -18.40 1.20 -8.09
N PRO A 414 -18.58 2.54 -7.93
CA PRO A 414 -18.99 3.07 -6.63
C PRO A 414 -20.37 2.56 -6.22
N LEU A 415 -21.28 2.52 -7.20
CA LEU A 415 -22.65 2.06 -6.97
C LEU A 415 -22.68 0.58 -6.58
N ALA A 416 -21.84 -0.20 -7.28
CA ALA A 416 -21.67 -1.61 -7.05
C ALA A 416 -21.13 -1.94 -5.64
N ARG A 417 -20.08 -1.24 -5.20
CA ARG A 417 -19.40 -1.50 -3.92
C ARG A 417 -20.31 -1.14 -2.75
N LEU A 418 -21.09 -0.07 -2.93
CA LEU A 418 -22.19 0.25 -2.01
C LEU A 418 -23.31 -0.83 -1.95
N GLU A 419 -23.79 -1.24 -3.13
CA GLU A 419 -24.86 -2.23 -3.24
C GLU A 419 -24.37 -3.53 -2.48
N LEU A 420 -23.15 -4.01 -2.82
CA LEU A 420 -22.52 -5.20 -2.21
C LEU A 420 -22.42 -5.14 -0.70
N PHE A 421 -22.02 -3.99 -0.16
CA PHE A 421 -21.98 -3.80 1.30
C PHE A 421 -23.36 -3.81 2.01
N VAL A 422 -24.25 -2.96 1.58
CA VAL A 422 -25.56 -2.80 2.17
C VAL A 422 -26.37 -4.12 2.12
N VAL A 423 -26.32 -4.82 0.99
CA VAL A 423 -27.16 -6.01 0.78
C VAL A 423 -26.68 -7.20 1.59
N LEU A 424 -25.38 -7.50 1.52
CA LEU A 424 -24.80 -8.59 2.36
C LEU A 424 -24.90 -8.27 3.86
N THR A 425 -24.73 -7.01 4.20
CA THR A 425 -24.70 -6.54 5.58
C THR A 425 -26.07 -6.72 6.27
N ARG A 426 -27.14 -6.58 5.48
CA ARG A 426 -28.49 -6.66 6.00
C ARG A 426 -29.04 -8.06 5.89
N LEU A 427 -28.58 -8.82 4.92
CA LEU A 427 -28.96 -10.22 4.74
C LEU A 427 -28.40 -10.99 5.93
N LEU A 428 -27.13 -10.75 6.29
CA LEU A 428 -26.42 -11.50 7.31
C LEU A 428 -26.88 -11.24 8.74
N GLN A 429 -27.13 -9.98 9.06
CA GLN A 429 -27.64 -9.62 10.38
C GLN A 429 -29.06 -10.14 10.62
N ALA A 430 -29.92 -10.02 9.59
CA ALA A 430 -31.33 -10.44 9.66
C ALA A 430 -31.57 -11.95 9.44
N PHE A 431 -30.69 -12.62 8.71
CA PHE A 431 -30.90 -14.03 8.37
C PHE A 431 -29.66 -14.88 8.59
N THR A 432 -29.88 -16.21 8.59
CA THR A 432 -28.82 -17.22 8.47
C THR A 432 -29.08 -17.93 7.12
N LEU A 433 -28.00 -18.19 6.39
CA LEU A 433 -28.06 -18.89 5.12
C LEU A 433 -27.84 -20.41 5.26
N LEU A 434 -28.86 -21.19 4.92
CA LEU A 434 -28.81 -22.66 4.99
C LEU A 434 -28.92 -23.18 3.57
N PRO A 435 -28.33 -24.35 3.30
CA PRO A 435 -28.44 -24.96 1.95
C PRO A 435 -29.88 -25.31 1.56
N SER A 436 -30.15 -25.37 0.25
CA SER A 436 -31.48 -25.64 -0.32
C SER A 436 -32.08 -26.92 0.22
N GLY A 437 -31.28 -27.99 0.17
CA GLY A 437 -31.65 -29.31 0.66
C GLY A 437 -30.43 -30.01 1.24
N ASP A 438 -30.17 -31.22 0.74
CA ASP A 438 -29.06 -32.04 1.24
C ASP A 438 -27.67 -31.56 0.83
N ALA A 439 -27.48 -31.35 -0.48
CA ALA A 439 -26.12 -31.06 -1.04
C ALA A 439 -25.92 -29.59 -1.34
N LEU A 440 -24.68 -29.13 -1.18
CA LEU A 440 -24.32 -27.74 -1.34
C LEU A 440 -24.36 -27.37 -2.82
N PRO A 441 -24.65 -26.08 -3.14
CA PRO A 441 -24.74 -25.71 -4.55
C PRO A 441 -23.37 -25.77 -5.18
N SER A 442 -23.40 -26.19 -6.45
CA SER A 442 -22.23 -26.32 -7.27
C SER A 442 -21.55 -24.98 -7.30
N LEU A 443 -20.24 -25.02 -7.11
CA LEU A 443 -19.42 -23.84 -7.09
C LEU A 443 -18.88 -23.59 -8.51
N GLN A 444 -18.89 -24.61 -9.37
CA GLN A 444 -18.33 -24.49 -10.74
C GLN A 444 -19.20 -23.62 -11.60
N PRO A 445 -18.60 -22.61 -12.29
CA PRO A 445 -19.38 -21.66 -13.11
C PRO A 445 -19.91 -22.32 -14.38
N LEU A 446 -21.03 -21.81 -14.92
CA LEU A 446 -21.58 -22.30 -16.17
C LEU A 446 -20.46 -22.22 -17.19
N PRO A 447 -20.30 -23.27 -17.97
CA PRO A 447 -19.21 -23.52 -18.89
C PRO A 447 -19.04 -22.59 -20.08
N HIS A 448 -20.09 -22.46 -20.87
CA HIS A 448 -19.95 -21.75 -22.10
C HIS A 448 -20.36 -20.31 -21.98
N CYS A 449 -20.73 -19.90 -20.79
CA CYS A 449 -21.07 -18.53 -20.58
C CYS A 449 -19.86 -17.77 -20.10
N SER A 450 -19.29 -17.00 -21.02
CA SER A 450 -18.34 -16.00 -20.71
C SER A 450 -18.88 -14.74 -21.39
N VAL A 451 -19.00 -13.71 -20.58
CA VAL A 451 -19.47 -12.34 -20.82
C VAL A 451 -19.83 -12.06 -19.37
N ILE A 452 -20.79 -12.82 -18.83
CA ILE A 452 -21.15 -12.77 -17.44
C ILE A 452 -20.81 -14.13 -16.83
N LEU A 453 -20.17 -14.11 -15.69
CA LEU A 453 -19.82 -15.36 -15.06
C LEU A 453 -21.01 -15.74 -14.22
N LYS A 454 -21.80 -16.71 -14.68
CA LYS A 454 -23.01 -17.13 -13.93
C LYS A 454 -22.81 -18.53 -13.33
N MET A 455 -23.46 -18.75 -12.20
CA MET A 455 -23.35 -19.99 -11.47
C MET A 455 -24.54 -20.86 -11.85
N GLN A 456 -24.41 -22.17 -11.59
CA GLN A 456 -25.49 -23.13 -11.82
C GLN A 456 -26.67 -22.78 -10.90
N PRO A 457 -27.92 -22.85 -11.43
CA PRO A 457 -29.09 -22.38 -10.65
C PRO A 457 -29.13 -23.00 -9.25
N PHE A 458 -29.52 -22.23 -8.23
CA PHE A 458 -29.57 -22.75 -6.88
C PHE A 458 -30.65 -22.09 -6.05
N GLN A 459 -31.06 -22.80 -5.02
CA GLN A 459 -31.91 -22.26 -3.99
C GLN A 459 -31.18 -22.19 -2.66
N VAL A 460 -31.68 -21.31 -1.79
CA VAL A 460 -31.12 -21.08 -0.46
C VAL A 460 -32.27 -20.90 0.53
N ARG A 461 -31.96 -21.22 1.78
CA ARG A 461 -32.93 -21.10 2.85
C ARG A 461 -32.47 -19.91 3.71
N LEU A 462 -33.42 -19.02 4.00
CA LEU A 462 -33.14 -17.88 4.85
C LEU A 462 -33.97 -17.97 6.11
N GLN A 463 -33.22 -18.09 7.21
CA GLN A 463 -33.81 -18.26 8.52
C GLN A 463 -33.33 -17.19 9.49
N PRO A 464 -34.29 -16.42 10.06
CA PRO A 464 -33.91 -15.42 11.04
C PRO A 464 -33.52 -16.21 12.24
N ARG A 465 -32.47 -15.81 12.93
CA ARG A 465 -31.84 -14.52 12.84
C ARG A 465 -30.31 -14.73 12.92
N GLY A 466 -29.55 -13.76 12.40
CA GLY A 466 -28.07 -13.81 12.34
C GLY A 466 -27.41 -13.39 13.63
N LYS B 10 27.25 -8.77 -19.89
CA LYS B 10 27.29 -7.63 -18.92
C LYS B 10 26.97 -8.11 -17.49
N LEU B 11 27.96 -8.72 -16.80
CA LEU B 11 27.81 -9.25 -15.42
C LEU B 11 27.86 -8.16 -14.33
N PRO B 12 27.35 -8.43 -13.11
CA PRO B 12 27.57 -7.43 -12.03
C PRO B 12 29.05 -7.28 -11.69
N PRO B 13 29.48 -6.03 -11.32
CA PRO B 13 30.91 -5.76 -11.05
C PRO B 13 31.56 -6.73 -10.06
N LEU B 14 32.76 -7.17 -10.41
CA LEU B 14 33.48 -8.13 -9.60
C LEU B 14 34.25 -7.40 -8.47
N ALA B 15 33.94 -7.76 -7.24
CA ALA B 15 34.71 -7.31 -6.08
C ALA B 15 35.97 -8.16 -5.93
N PRO B 16 37.16 -7.50 -5.87
CA PRO B 16 38.43 -8.23 -5.86
C PRO B 16 38.72 -8.85 -4.48
N GLY B 17 39.60 -9.83 -4.44
CA GLY B 17 39.96 -10.46 -3.18
C GLY B 17 39.27 -11.79 -3.03
N PHE B 18 39.81 -12.58 -2.12
CA PHE B 18 39.25 -13.89 -1.82
C PHE B 18 39.28 -14.18 -0.33
N LEU B 19 38.53 -15.21 0.08
CA LEU B 19 38.24 -15.55 1.49
C LEU B 19 37.65 -14.38 2.30
N HIS B 20 36.58 -13.82 1.73
CA HIS B 20 35.75 -12.82 2.38
C HIS B 20 34.93 -13.42 3.49
N LEU B 21 34.94 -14.76 3.61
CA LEU B 21 34.19 -15.44 4.66
C LEU B 21 34.83 -15.32 6.03
N LEU B 22 36.14 -15.05 6.03
CA LEU B 22 36.88 -14.84 7.27
C LEU B 22 36.53 -13.52 7.95
N GLN B 23 35.75 -12.69 7.27
CA GLN B 23 35.26 -11.42 7.81
C GLN B 23 34.24 -11.64 8.97
N PRO B 24 34.46 -10.98 10.13
CA PRO B 24 33.42 -10.97 11.18
C PRO B 24 32.29 -10.03 10.78
N ASP B 25 31.03 -10.41 11.05
CA ASP B 25 29.81 -9.76 10.51
C ASP B 25 29.84 -9.66 9.01
N LEU B 26 29.89 -10.81 8.36
CA LEU B 26 29.75 -10.93 6.91
C LEU B 26 28.67 -10.03 6.29
N PRO B 27 27.38 -10.03 6.81
CA PRO B 27 26.38 -9.12 6.24
C PRO B 27 26.72 -7.63 6.30
N ILE B 28 27.34 -7.20 7.39
CA ILE B 28 27.72 -5.78 7.54
C ILE B 28 28.97 -5.45 6.71
N TYR B 29 29.86 -6.41 6.55
CA TYR B 29 31.00 -6.27 5.66
C TYR B 29 30.50 -6.13 4.23
N LEU B 30 29.57 -7.01 3.85
CA LEU B 30 28.98 -7.02 2.51
C LEU B 30 28.24 -5.72 2.18
N LEU B 31 27.54 -5.14 3.18
CA LEU B 31 26.89 -3.81 3.06
C LEU B 31 27.93 -2.74 2.78
N GLY B 32 29.07 -2.84 3.46
CA GLY B 32 30.20 -1.92 3.30
C GLY B 32 30.75 -1.89 1.91
N LEU B 33 30.71 -3.02 1.19
CA LEU B 33 31.22 -3.09 -0.19
C LEU B 33 30.31 -2.39 -1.21
N THR B 34 29.09 -2.03 -0.80
CA THR B 34 28.15 -1.33 -1.69
C THR B 34 28.61 0.12 -1.95
N GLN B 35 29.34 0.65 -0.97
CA GLN B 35 30.20 1.84 -1.05
C GLN B 35 30.91 2.01 -2.39
N LYS B 36 31.58 0.94 -2.85
CA LYS B 36 32.37 1.00 -4.09
C LYS B 36 31.66 0.35 -5.25
N PHE B 37 30.74 -0.58 -4.98
CA PHE B 37 30.21 -1.47 -6.02
C PHE B 37 28.72 -1.38 -6.32
N GLY B 38 27.99 -0.67 -5.46
CA GLY B 38 26.54 -0.57 -5.56
C GLY B 38 25.87 -1.72 -4.86
N PRO B 39 24.53 -1.80 -4.90
CA PRO B 39 23.83 -2.88 -4.19
C PRO B 39 24.04 -4.30 -4.77
N ILE B 40 24.47 -4.42 -6.03
CA ILE B 40 24.65 -5.75 -6.66
C ILE B 40 26.02 -5.93 -7.32
N TYR B 41 26.78 -6.91 -6.82
CA TYR B 41 28.13 -7.24 -7.23
C TYR B 41 28.42 -8.75 -7.10
N ARG B 42 29.47 -9.22 -7.78
CA ARG B 42 30.00 -10.59 -7.60
C ARG B 42 31.24 -10.57 -6.73
N LEU B 43 31.41 -11.59 -5.91
CA LEU B 43 32.62 -11.76 -5.09
C LEU B 43 32.87 -13.22 -4.75
N HIS B 44 34.13 -13.53 -4.55
CA HIS B 44 34.54 -14.85 -4.20
C HIS B 44 34.44 -15.16 -2.69
N LEU B 45 33.25 -15.60 -2.26
CA LEU B 45 33.07 -16.16 -0.92
C LEU B 45 33.63 -17.56 -0.91
N GLY B 46 34.70 -17.80 -0.13
CA GLY B 46 35.38 -19.10 -0.11
C GLY B 46 36.19 -19.27 -1.38
N LEU B 47 35.77 -20.18 -2.24
CA LEU B 47 36.36 -20.37 -3.56
C LEU B 47 35.47 -19.85 -4.69
N GLN B 48 34.17 -20.16 -4.60
CA GLN B 48 33.20 -19.94 -5.67
C GLN B 48 32.85 -18.47 -5.95
N ASP B 49 32.63 -18.15 -7.24
CA ASP B 49 32.12 -16.85 -7.69
C ASP B 49 30.60 -16.81 -7.40
N VAL B 50 30.17 -15.78 -6.64
CA VAL B 50 28.80 -15.67 -6.12
C VAL B 50 28.36 -14.18 -6.15
N VAL B 51 27.13 -13.92 -6.60
CA VAL B 51 26.55 -12.55 -6.55
C VAL B 51 25.81 -12.25 -5.22
N VAL B 52 25.94 -11.01 -4.72
CA VAL B 52 25.28 -10.59 -3.48
C VAL B 52 24.37 -9.39 -3.69
N LEU B 53 23.16 -9.46 -3.15
CA LEU B 53 22.16 -8.39 -3.27
C LEU B 53 22.03 -7.74 -1.88
N ASN B 54 22.12 -6.39 -1.88
CA ASN B 54 22.13 -5.60 -0.63
C ASN B 54 21.00 -4.54 -0.47
N SER B 55 19.94 -4.63 -1.26
CA SER B 55 18.80 -3.73 -1.16
C SER B 55 17.43 -4.43 -1.35
N LYS B 56 16.38 -3.86 -0.72
CA LYS B 56 14.96 -4.19 -0.98
C LYS B 56 14.63 -4.27 -2.50
N ARG B 57 15.04 -3.26 -3.27
CA ARG B 57 14.81 -3.22 -4.74
C ARG B 57 15.41 -4.42 -5.48
N THR B 58 16.72 -4.61 -5.33
CA THR B 58 17.44 -5.76 -5.93
C THR B 58 16.84 -7.14 -5.51
N ILE B 59 16.53 -7.33 -4.21
CA ILE B 59 16.02 -8.61 -3.68
C ILE B 59 14.59 -8.85 -4.19
N GLU B 60 13.75 -7.80 -4.21
CA GLU B 60 12.37 -7.92 -4.71
C GLU B 60 12.31 -8.13 -6.21
N GLU B 61 13.28 -7.59 -6.95
CA GLU B 61 13.33 -7.78 -8.41
C GLU B 61 13.63 -9.23 -8.73
N ALA B 62 14.57 -9.79 -7.97
CA ALA B 62 15.01 -11.17 -8.15
C ALA B 62 13.93 -12.13 -7.66
N MET B 63 13.47 -11.95 -6.42
CA MET B 63 12.61 -12.91 -5.78
C MET B 63 11.11 -12.79 -6.09
N VAL B 64 10.62 -11.55 -6.22
CA VAL B 64 9.18 -11.26 -6.52
C VAL B 64 8.90 -11.09 -8.04
N LYS B 65 9.58 -10.15 -8.71
CA LYS B 65 9.34 -9.94 -10.13
C LYS B 65 9.75 -11.12 -10.98
N LYS B 66 11.02 -11.52 -10.90
CA LYS B 66 11.52 -12.69 -11.62
C LYS B 66 11.38 -13.96 -10.78
N TRP B 67 10.15 -14.27 -10.39
CA TRP B 67 9.81 -15.31 -9.43
C TRP B 67 10.57 -16.63 -9.56
N ALA B 68 10.46 -17.25 -10.73
CA ALA B 68 10.99 -18.57 -10.98
C ALA B 68 12.49 -18.55 -11.31
N ASP B 69 12.99 -17.41 -11.78
CA ASP B 69 14.41 -17.27 -12.22
C ASP B 69 15.46 -17.54 -11.15
N PHE B 70 15.13 -17.22 -9.89
CA PHE B 70 16.08 -17.30 -8.79
C PHE B 70 15.58 -18.18 -7.63
N ALA B 71 14.59 -19.02 -7.94
CA ALA B 71 13.93 -19.87 -6.95
C ALA B 71 14.68 -21.17 -6.59
N GLY B 72 15.81 -21.41 -7.25
CA GLY B 72 16.59 -22.62 -7.00
C GLY B 72 17.45 -22.62 -5.73
N ARG B 73 18.05 -23.76 -5.47
CA ARG B 73 19.05 -23.94 -4.42
C ARG B 73 20.33 -24.57 -5.02
N PRO B 74 21.50 -24.28 -4.43
CA PRO B 74 22.65 -25.04 -4.89
C PRO B 74 22.68 -26.37 -4.17
N GLU B 75 23.75 -27.11 -4.44
CA GLU B 75 23.96 -28.37 -3.79
C GLU B 75 25.41 -28.54 -3.34
N PRO B 76 25.81 -27.87 -2.24
CA PRO B 76 27.11 -28.25 -1.70
C PRO B 76 26.93 -29.49 -0.83
N LEU B 77 28.04 -30.04 -0.31
CA LEU B 77 28.00 -31.40 0.26
C LEU B 77 26.98 -31.61 1.39
N THR B 78 26.86 -30.61 2.27
CA THR B 78 26.01 -30.71 3.44
C THR B 78 24.52 -30.80 3.09
N TYR B 79 24.13 -30.20 1.96
CA TYR B 79 22.77 -30.31 1.43
C TYR B 79 22.41 -31.73 1.10
N LYS B 80 23.38 -32.40 0.47
CA LYS B 80 23.31 -33.87 0.24
C LYS B 80 23.33 -34.67 1.57
N LEU B 81 24.23 -34.29 2.47
CA LEU B 81 24.45 -35.00 3.74
C LEU B 81 23.24 -35.00 4.66
N VAL B 82 22.42 -33.95 4.60
CA VAL B 82 21.21 -33.84 5.47
C VAL B 82 20.00 -34.56 4.90
N SER B 83 20.09 -34.85 3.61
CA SER B 83 18.98 -35.41 2.86
C SER B 83 19.43 -36.49 1.85
N ARG B 84 20.20 -37.48 2.33
CA ARG B 84 20.65 -38.61 1.52
C ARG B 84 19.51 -39.54 1.19
N ASN B 85 18.61 -39.75 2.14
CA ASN B 85 17.49 -40.66 1.96
C ASN B 85 16.29 -40.04 1.33
N TYR B 86 15.88 -38.90 1.87
CA TYR B 86 14.65 -38.21 1.46
C TYR B 86 14.95 -36.77 1.01
N PRO B 87 14.21 -36.24 -0.01
CA PRO B 87 14.42 -34.84 -0.44
C PRO B 87 13.97 -33.82 0.61
N ASP B 88 14.82 -32.81 0.83
CA ASP B 88 14.50 -31.76 1.78
C ASP B 88 13.73 -30.65 1.10
N LEU B 89 12.91 -29.92 1.88
CA LEU B 89 12.17 -28.77 1.38
C LEU B 89 13.04 -27.49 1.33
N SER B 90 13.58 -27.11 2.48
CA SER B 90 14.42 -25.93 2.57
C SER B 90 15.70 -25.94 1.70
N LEU B 91 16.26 -27.14 1.50
CA LEU B 91 17.51 -27.30 0.75
C LEU B 91 17.31 -27.94 -0.65
N GLY B 92 16.03 -28.17 -0.97
CA GLY B 92 15.64 -28.78 -2.23
C GLY B 92 15.61 -27.79 -3.37
N ASP B 93 16.11 -28.23 -4.53
CA ASP B 93 16.18 -27.41 -5.73
C ASP B 93 14.75 -27.22 -6.29
N TYR B 94 14.54 -26.12 -7.05
CA TYR B 94 13.22 -25.74 -7.56
C TYR B 94 12.76 -26.67 -8.68
N SER B 95 11.71 -27.42 -8.43
CA SER B 95 11.09 -28.30 -9.43
C SER B 95 9.58 -28.37 -9.22
N LEU B 96 8.90 -29.16 -10.07
CA LEU B 96 7.45 -29.38 -9.94
C LEU B 96 7.10 -30.12 -8.64
N LEU B 97 7.92 -31.12 -8.36
CA LEU B 97 7.74 -31.91 -7.16
C LEU B 97 8.04 -31.15 -5.93
N TRP B 98 9.04 -30.27 -6.00
CA TRP B 98 9.37 -29.38 -4.89
C TRP B 98 8.21 -28.43 -4.58
N LYS B 99 7.61 -27.85 -5.62
CA LYS B 99 6.47 -26.93 -5.46
C LYS B 99 5.26 -27.60 -4.77
N ALA B 100 4.94 -28.83 -5.16
CA ALA B 100 3.93 -29.67 -4.48
C ALA B 100 4.33 -30.00 -3.06
N HIS B 101 5.63 -30.21 -2.84
CA HIS B 101 6.20 -30.48 -1.53
C HIS B 101 5.89 -29.33 -0.57
N LYS B 102 6.25 -28.09 -0.98
CA LYS B 102 6.00 -26.90 -0.15
C LYS B 102 4.53 -26.63 0.04
N LYS B 103 3.74 -26.85 -1.00
CA LYS B 103 2.29 -26.60 -0.98
C LYS B 103 1.55 -27.41 0.09
N LEU B 104 1.95 -28.67 0.23
CA LEU B 104 1.39 -29.61 1.24
C LEU B 104 1.64 -29.19 2.68
N THR B 105 2.92 -28.98 2.99
CA THR B 105 3.38 -28.53 4.32
C THR B 105 2.90 -27.11 4.64
N ARG B 106 2.80 -26.27 3.62
CA ARG B 106 2.23 -24.92 3.78
C ARG B 106 0.77 -25.02 4.12
N SER B 107 0.07 -25.98 3.52
CA SER B 107 -1.35 -26.25 3.84
C SER B 107 -1.54 -26.89 5.21
N ALA B 108 -0.52 -27.65 5.63
CA ALA B 108 -0.52 -28.33 6.91
C ALA B 108 -0.42 -27.36 8.07
N LEU B 109 0.41 -26.33 7.89
CA LEU B 109 0.58 -25.26 8.86
C LEU B 109 -0.62 -24.34 8.89
N LEU B 110 -1.23 -24.11 7.74
CA LEU B 110 -2.35 -23.14 7.61
C LEU B 110 -3.79 -23.71 7.84
N LEU B 111 -4.11 -24.84 7.21
CA LEU B 111 -5.41 -25.47 7.40
C LEU B 111 -5.41 -26.60 8.39
N GLY B 112 -4.29 -27.32 8.46
CA GLY B 112 -4.19 -28.55 9.23
C GLY B 112 -4.30 -28.29 10.71
N ILE B 113 -3.56 -27.27 11.16
CA ILE B 113 -3.61 -26.81 12.55
C ILE B 113 -4.34 -25.47 12.78
N ARG B 114 -5.32 -25.16 11.91
CA ARG B 114 -6.01 -23.84 11.87
C ARG B 114 -6.53 -23.42 13.23
N ASP B 115 -7.31 -24.32 13.82
CA ASP B 115 -8.02 -24.01 15.05
C ASP B 115 -7.22 -24.32 16.29
N SER B 116 -6.16 -25.12 16.17
CA SER B 116 -5.34 -25.49 17.33
C SER B 116 -4.08 -24.64 17.55
N MET B 117 -3.57 -24.02 16.47
CA MET B 117 -2.39 -23.16 16.53
C MET B 117 -2.45 -22.07 17.62
N GLU B 118 -3.54 -21.31 17.66
CA GLU B 118 -3.73 -20.26 18.67
C GLU B 118 -3.76 -20.78 20.14
N PRO B 119 -4.61 -21.80 20.48
CA PRO B 119 -4.59 -22.36 21.85
C PRO B 119 -3.28 -23.03 22.32
N VAL B 120 -2.60 -23.70 21.41
CA VAL B 120 -1.35 -24.39 21.74
C VAL B 120 -0.28 -23.37 22.12
N VAL B 121 -0.21 -22.26 21.38
CA VAL B 121 0.76 -21.20 21.68
C VAL B 121 0.38 -20.59 23.01
N GLU B 122 -0.90 -20.20 23.14
CA GLU B 122 -1.40 -19.62 24.40
C GLU B 122 -1.10 -20.44 25.65
N GLN B 123 -1.40 -21.74 25.58
CA GLN B 123 -1.19 -22.69 26.65
C GLN B 123 0.26 -22.77 27.04
N LEU B 124 1.14 -22.88 26.07
CA LEU B 124 2.54 -23.10 26.35
C LEU B 124 3.30 -21.87 26.86
N THR B 125 2.93 -20.68 26.40
CA THR B 125 3.48 -19.48 27.01
C THR B 125 2.87 -19.19 28.39
N GLN B 126 1.67 -19.69 28.62
CA GLN B 126 1.06 -19.59 29.94
C GLN B 126 1.84 -20.44 30.95
N GLU B 127 2.24 -21.63 30.54
CA GLU B 127 3.16 -22.49 31.32
C GLU B 127 4.53 -21.89 31.52
N PHE B 128 5.01 -21.19 30.48
CA PHE B 128 6.26 -20.45 30.53
C PHE B 128 6.23 -19.38 31.59
N CYS B 129 5.13 -18.61 31.66
CA CYS B 129 4.96 -17.53 32.62
C CYS B 129 4.85 -18.01 34.05
N GLU B 130 4.20 -19.16 34.24
CA GLU B 130 4.08 -19.81 35.53
C GLU B 130 5.45 -20.26 36.05
N ARG B 131 6.28 -20.78 35.16
CA ARG B 131 7.64 -21.21 35.48
C ARG B 131 8.50 -20.01 35.84
N MET B 132 8.18 -18.87 35.25
CA MET B 132 8.94 -17.64 35.53
C MET B 132 8.48 -16.96 36.80
N ARG B 133 7.19 -17.14 37.13
CA ARG B 133 6.55 -16.64 38.35
C ARG B 133 7.16 -17.32 39.56
N ALA B 134 7.58 -18.58 39.39
CA ALA B 134 8.22 -19.40 40.45
C ALA B 134 9.52 -18.84 41.01
N GLN B 135 10.25 -18.08 40.21
CA GLN B 135 11.56 -17.53 40.61
C GLN B 135 11.59 -15.98 40.44
N PRO B 136 10.98 -15.23 41.38
CA PRO B 136 10.85 -13.78 41.14
C PRO B 136 12.15 -12.98 41.35
N GLY B 137 12.98 -13.40 42.31
CA GLY B 137 14.27 -12.75 42.59
C GLY B 137 15.48 -13.12 41.73
N THR B 138 15.30 -14.14 40.89
CA THR B 138 16.37 -14.89 40.21
C THR B 138 16.63 -14.35 38.81
N PRO B 139 17.93 -14.14 38.46
CA PRO B 139 18.37 -13.94 37.08
C PRO B 139 18.03 -15.15 36.22
N VAL B 140 17.59 -14.92 34.98
CA VAL B 140 17.16 -16.01 34.08
C VAL B 140 17.98 -16.03 32.79
N ALA B 141 18.51 -17.22 32.44
CA ALA B 141 19.12 -17.44 31.10
C ALA B 141 17.99 -17.64 30.09
N ILE B 142 17.50 -16.50 29.61
CA ILE B 142 16.21 -16.40 28.95
C ILE B 142 16.28 -16.92 27.51
N GLU B 143 17.48 -16.99 26.95
CA GLU B 143 17.68 -17.58 25.62
C GLU B 143 17.18 -19.01 25.56
N GLU B 144 17.65 -19.79 26.50
CA GLU B 144 17.31 -21.20 26.65
C GLU B 144 15.82 -21.41 26.99
N GLU B 145 15.25 -20.49 27.74
CA GLU B 145 13.84 -20.54 28.08
C GLU B 145 12.90 -20.26 26.91
N PHE B 146 13.32 -19.37 26.02
CA PHE B 146 12.57 -19.09 24.80
C PHE B 146 12.75 -20.20 23.81
N SER B 147 13.91 -20.85 23.86
CA SER B 147 14.21 -22.01 23.03
C SER B 147 13.35 -23.22 23.39
N LEU B 148 13.12 -23.44 24.69
CA LEU B 148 12.27 -24.53 25.13
C LEU B 148 10.83 -24.26 24.75
N LEU B 149 10.41 -22.99 24.85
CA LEU B 149 9.05 -22.56 24.50
C LEU B 149 8.69 -22.85 23.03
N THR B 150 9.47 -22.28 22.14
CA THR B 150 9.18 -22.35 20.73
C THR B 150 9.39 -23.75 20.18
N CYS B 151 10.27 -24.51 20.83
CA CYS B 151 10.58 -25.89 20.44
C CYS B 151 9.43 -26.78 20.83
N SER B 152 8.90 -26.52 22.03
CA SER B 152 7.72 -27.22 22.51
C SER B 152 6.55 -26.95 21.57
N ILE B 153 6.28 -25.68 21.30
CA ILE B 153 5.19 -25.24 20.40
C ILE B 153 5.22 -25.99 19.05
N ILE B 154 6.37 -25.99 18.38
CA ILE B 154 6.48 -26.64 17.07
C ILE B 154 6.31 -28.18 17.17
N CYS B 155 6.79 -28.77 18.27
CA CYS B 155 6.65 -30.21 18.48
C CYS B 155 5.22 -30.70 18.77
N TYR B 156 4.50 -29.95 19.60
CA TYR B 156 3.08 -30.15 19.81
C TYR B 156 2.24 -29.98 18.54
N LEU B 157 2.50 -28.94 17.74
CA LEU B 157 1.72 -28.73 16.51
C LEU B 157 2.08 -29.68 15.38
N THR B 158 3.31 -30.18 15.38
CA THR B 158 3.74 -31.18 14.39
C THR B 158 3.37 -32.60 14.79
N PHE B 159 3.56 -32.94 16.08
CA PHE B 159 3.36 -34.32 16.54
C PHE B 159 2.13 -34.59 17.40
N GLY B 160 1.56 -33.57 18.02
CA GLY B 160 0.31 -33.77 18.81
C GLY B 160 0.48 -34.04 20.29
N ASP B 161 -0.50 -34.71 20.88
CA ASP B 161 -0.50 -34.91 22.36
C ASP B 161 0.52 -35.95 22.92
N LYS B 162 1.02 -36.83 22.05
CA LYS B 162 2.03 -37.86 22.38
C LYS B 162 3.31 -37.29 23.02
N ILE B 163 3.60 -36.02 22.78
CA ILE B 163 4.77 -35.35 23.29
C ILE B 163 4.71 -35.16 24.81
N LYS B 164 3.61 -34.62 25.35
CA LYS B 164 3.37 -34.58 26.82
C LYS B 164 2.39 -35.72 27.13
N ASP B 165 2.96 -36.92 27.22
CA ASP B 165 2.23 -38.18 27.41
C ASP B 165 3.31 -39.22 27.66
N ASP B 166 4.27 -39.27 26.74
CA ASP B 166 5.47 -40.09 26.82
C ASP B 166 6.70 -39.26 27.30
N ASN B 167 6.40 -38.07 27.82
CA ASN B 167 7.36 -37.03 28.16
C ASN B 167 8.60 -36.88 27.25
N LEU B 168 8.32 -36.48 26.01
CA LEU B 168 9.28 -36.45 24.92
C LEU B 168 10.05 -35.12 24.75
N MET B 169 9.59 -34.01 25.36
CA MET B 169 10.30 -32.69 25.27
C MET B 169 11.80 -32.61 25.63
N PRO B 170 12.23 -33.32 26.69
CA PRO B 170 13.66 -33.41 26.99
C PRO B 170 14.55 -34.11 25.92
N ALA B 171 14.05 -35.18 25.31
CA ALA B 171 14.80 -35.88 24.26
C ALA B 171 14.77 -35.14 22.90
N TYR B 172 13.64 -34.44 22.65
CA TYR B 172 13.40 -33.78 21.38
C TYR B 172 14.12 -32.42 21.29
N TYR B 173 14.10 -31.65 22.39
CA TYR B 173 14.85 -30.40 22.51
C TYR B 173 16.36 -30.60 22.36
N LYS B 174 16.88 -31.58 23.09
CA LYS B 174 18.28 -32.04 23.03
C LYS B 174 18.68 -32.37 21.59
N CYS B 175 17.78 -33.04 20.85
CA CYS B 175 18.13 -33.52 19.52
C CYS B 175 18.05 -32.38 18.53
N ILE B 176 17.00 -31.54 18.65
CA ILE B 176 16.79 -30.42 17.73
C ILE B 176 17.94 -29.42 17.81
N GLN B 177 18.40 -29.17 19.04
CA GLN B 177 19.50 -28.24 19.30
C GLN B 177 20.81 -28.72 18.71
N GLU B 178 21.16 -29.98 18.98
CA GLU B 178 22.36 -30.65 18.44
C GLU B 178 22.47 -30.59 16.93
N VAL B 179 21.32 -30.79 16.28
CA VAL B 179 21.22 -30.84 14.80
C VAL B 179 21.63 -29.51 14.18
N LEU B 180 21.05 -28.42 14.69
CA LEU B 180 21.36 -27.05 14.23
C LEU B 180 22.76 -26.62 14.64
N LYS B 181 23.13 -26.93 15.88
CA LYS B 181 24.42 -26.52 16.44
C LYS B 181 25.57 -27.09 15.64
N THR B 182 25.48 -28.36 15.29
CA THR B 182 26.53 -29.02 14.53
C THR B 182 26.62 -28.42 13.13
N TRP B 183 25.48 -28.39 12.44
CA TRP B 183 25.40 -28.02 11.03
C TRP B 183 25.92 -26.63 10.76
N SER B 184 25.51 -25.67 11.61
CA SER B 184 25.92 -24.25 11.50
C SER B 184 27.34 -23.89 12.04
N HIS B 185 28.04 -24.87 12.60
CA HIS B 185 29.43 -24.67 13.00
C HIS B 185 30.38 -24.64 11.78
N TRP B 186 31.41 -23.77 11.83
CA TRP B 186 32.42 -23.64 10.74
C TRP B 186 33.04 -24.95 10.23
N SER B 187 33.26 -25.92 11.12
CA SER B 187 33.86 -27.23 10.77
C SER B 187 33.02 -28.04 9.79
N ILE B 188 31.72 -27.74 9.76
CA ILE B 188 30.78 -28.37 8.83
C ILE B 188 30.54 -27.46 7.60
N GLN B 189 30.41 -26.16 7.86
CA GLN B 189 30.18 -25.14 6.82
C GLN B 189 31.38 -24.97 5.84
N ILE B 190 32.59 -25.22 6.35
CA ILE B 190 33.85 -25.07 5.61
C ILE B 190 33.96 -26.01 4.41
N VAL B 191 33.30 -27.16 4.52
CA VAL B 191 33.30 -28.19 3.50
C VAL B 191 32.47 -27.74 2.28
N ASP B 192 31.36 -27.01 2.51
CA ASP B 192 30.50 -26.46 1.45
C ASP B 192 31.23 -25.48 0.55
N VAL B 193 32.10 -24.67 1.16
CA VAL B 193 32.81 -23.57 0.47
C VAL B 193 34.20 -23.95 -0.06
N ILE B 194 34.92 -24.77 0.69
CA ILE B 194 36.19 -25.34 0.27
C ILE B 194 35.95 -26.87 0.10
N PRO B 195 35.48 -27.30 -1.09
CA PRO B 195 34.88 -28.64 -1.26
C PRO B 195 35.84 -29.83 -1.10
N PHE B 196 37.13 -29.60 -1.37
CA PHE B 196 38.11 -30.69 -1.32
C PHE B 196 38.48 -31.16 0.10
N LEU B 197 38.07 -30.35 1.09
CA LEU B 197 38.21 -30.64 2.52
C LEU B 197 37.42 -31.87 2.99
N ARG B 198 36.52 -32.35 2.14
CA ARG B 198 35.73 -33.59 2.32
C ARG B 198 36.58 -34.86 2.51
N PHE B 199 37.78 -34.85 1.91
CA PHE B 199 38.74 -35.95 1.96
C PHE B 199 39.65 -35.94 3.20
N PHE B 200 39.72 -34.79 3.85
CA PHE B 200 40.39 -34.63 5.13
C PHE B 200 39.42 -35.08 6.25
N PRO B 201 39.87 -35.93 7.22
CA PRO B 201 39.00 -36.33 8.35
C PRO B 201 38.50 -35.14 9.15
N ASN B 202 37.22 -35.18 9.55
CA ASN B 202 36.52 -34.03 10.14
C ASN B 202 35.67 -34.42 11.36
N PRO B 203 36.22 -34.21 12.59
CA PRO B 203 35.38 -34.17 13.80
C PRO B 203 34.44 -32.99 13.69
N GLY B 204 33.14 -33.26 13.62
CA GLY B 204 32.18 -32.23 13.26
C GLY B 204 31.18 -32.87 12.33
N LEU B 205 31.68 -33.31 11.16
CA LEU B 205 30.88 -34.07 10.20
C LEU B 205 30.41 -35.41 10.77
N ARG B 206 31.21 -35.99 11.68
CA ARG B 206 30.86 -37.25 12.37
C ARG B 206 29.85 -36.98 13.47
N ARG B 207 30.06 -35.85 14.16
CA ARG B 207 29.14 -35.33 15.17
C ARG B 207 27.77 -34.97 14.55
N LEU B 208 27.81 -34.52 13.28
CA LEU B 208 26.60 -34.21 12.49
C LEU B 208 25.81 -35.46 12.10
N LYS B 209 26.48 -36.44 11.50
CA LYS B 209 25.80 -37.65 11.01
C LYS B 209 25.09 -38.43 12.13
N GLN B 210 25.66 -38.36 13.32
CA GLN B 210 25.03 -38.96 14.50
C GLN B 210 23.74 -38.23 14.90
N ALA B 211 23.77 -36.89 14.76
CA ALA B 211 22.60 -36.05 15.01
C ALA B 211 21.50 -36.23 13.97
N ILE B 212 21.92 -36.38 12.70
CA ILE B 212 21.05 -36.72 11.57
C ILE B 212 20.35 -38.05 11.87
N GLU B 213 21.14 -39.05 12.26
CA GLU B 213 20.61 -40.36 12.59
C GLU B 213 19.58 -40.30 13.74
N LYS B 214 19.89 -39.53 14.80
CA LYS B 214 19.00 -39.36 15.97
C LYS B 214 17.72 -38.57 15.64
N ARG B 215 17.84 -37.54 14.80
CA ARG B 215 16.65 -36.82 14.34
C ARG B 215 15.79 -37.64 13.40
N ASP B 216 16.43 -38.47 12.56
CA ASP B 216 15.73 -39.40 11.65
C ASP B 216 15.02 -40.51 12.40
N HIS B 217 15.60 -41.01 13.51
CA HIS B 217 14.92 -42.00 14.37
C HIS B 217 13.69 -41.39 15.09
N ILE B 218 13.79 -40.12 15.53
CA ILE B 218 12.66 -39.40 16.19
C ILE B 218 11.49 -39.17 15.23
N VAL B 219 11.78 -38.69 14.01
CA VAL B 219 10.79 -38.39 12.99
C VAL B 219 10.12 -39.64 12.44
N GLU B 220 10.94 -40.66 12.19
CA GLU B 220 10.47 -41.94 11.62
C GLU B 220 9.53 -42.70 12.57
N MET B 221 9.88 -42.73 13.87
CA MET B 221 9.07 -43.39 14.88
C MET B 221 7.76 -42.63 15.03
N GLN B 222 7.82 -41.31 14.94
CA GLN B 222 6.65 -40.45 15.05
C GLN B 222 5.74 -40.63 13.85
N LEU B 223 6.37 -40.80 12.67
CA LEU B 223 5.65 -41.09 11.42
C LEU B 223 4.81 -42.40 11.48
N ARG B 224 5.44 -43.49 11.91
CA ARG B 224 4.81 -44.82 12.08
C ARG B 224 3.65 -44.75 13.06
N GLN B 225 3.90 -44.10 14.21
CA GLN B 225 2.91 -43.92 15.30
C GLN B 225 1.66 -43.13 14.86
N HIS B 226 1.84 -42.14 13.99
CA HIS B 226 0.72 -41.38 13.42
C HIS B 226 -0.06 -42.21 12.41
N LYS B 227 0.65 -42.85 11.46
CA LYS B 227 0.06 -43.74 10.45
C LYS B 227 -0.84 -44.82 11.03
N GLU B 228 -0.44 -45.46 12.13
CA GLU B 228 -1.22 -46.55 12.73
C GLU B 228 -2.46 -46.05 13.47
N SER B 229 -2.42 -44.83 13.99
CA SER B 229 -3.55 -44.25 14.75
C SER B 229 -4.43 -43.26 13.96
N LEU B 230 -4.04 -42.98 12.71
CA LEU B 230 -4.63 -41.96 11.83
C LEU B 230 -6.09 -42.26 11.45
N VAL B 231 -6.90 -41.20 11.37
CA VAL B 231 -8.27 -41.36 10.93
C VAL B 231 -8.47 -40.65 9.58
N ALA B 232 -9.11 -41.36 8.65
CA ALA B 232 -9.33 -40.97 7.24
C ALA B 232 -9.81 -39.55 6.95
N GLY B 233 -10.70 -39.04 7.79
CA GLY B 233 -11.24 -37.70 7.61
C GLY B 233 -10.61 -36.61 8.48
N GLN B 234 -10.04 -37.05 9.59
CA GLN B 234 -9.69 -36.20 10.71
C GLN B 234 -8.20 -35.94 10.74
N TRP B 235 -7.81 -34.75 11.20
CA TRP B 235 -6.39 -34.48 11.52
C TRP B 235 -6.18 -33.77 12.86
N ARG B 236 -5.40 -34.37 13.74
CA ARG B 236 -5.12 -33.85 15.09
C ARG B 236 -3.98 -32.82 15.08
N ASP B 237 -3.03 -33.00 14.17
CA ASP B 237 -1.84 -32.15 14.06
C ASP B 237 -1.39 -32.04 12.60
N MET B 238 -0.17 -31.52 12.41
CA MET B 238 0.40 -31.30 11.10
C MET B 238 0.84 -32.58 10.37
N MET B 239 1.32 -33.58 11.11
CA MET B 239 1.72 -34.84 10.51
C MET B 239 0.52 -35.65 10.05
N ASP B 240 -0.59 -35.54 10.78
CA ASP B 240 -1.86 -36.13 10.38
C ASP B 240 -2.32 -35.62 8.98
N TYR B 241 -2.21 -34.29 8.81
CA TYR B 241 -2.57 -33.62 7.58
C TYR B 241 -1.66 -34.03 6.43
N MET B 242 -0.35 -34.07 6.68
CA MET B 242 0.63 -34.33 5.64
C MET B 242 0.70 -35.76 5.20
N LEU B 243 0.42 -36.66 6.13
CA LEU B 243 0.28 -38.09 5.86
C LEU B 243 -0.87 -38.38 4.93
N GLN B 244 -2.00 -37.69 5.16
CA GLN B 244 -3.19 -37.83 4.33
C GLN B 244 -3.04 -37.24 2.92
N GLY B 245 -2.07 -36.36 2.70
CA GLY B 245 -1.87 -35.79 1.40
C GLY B 245 -0.75 -36.41 0.64
N VAL B 246 -0.51 -37.71 0.87
CA VAL B 246 0.64 -38.43 0.30
C VAL B 246 0.25 -39.85 -0.13
N ALA B 247 0.83 -40.31 -1.26
CA ALA B 247 0.73 -41.73 -1.75
C ALA B 247 -0.67 -42.36 -1.65
N GLY B 256 8.00 -40.10 -9.59
CA GLY B 256 7.95 -38.86 -8.82
C GLY B 256 6.54 -38.40 -8.41
N GLN B 257 6.07 -38.87 -7.25
CA GLN B 257 4.70 -38.62 -6.69
C GLN B 257 5.08 -37.98 -5.32
N LEU B 258 4.16 -37.49 -4.47
CA LEU B 258 4.61 -37.13 -3.09
C LEU B 258 4.65 -38.35 -2.16
N LEU B 259 5.87 -38.66 -1.68
CA LEU B 259 6.14 -39.86 -0.89
C LEU B 259 6.07 -39.58 0.62
N GLU B 260 6.13 -40.66 1.39
CA GLU B 260 6.16 -40.57 2.85
C GLU B 260 7.43 -39.88 3.32
N GLY B 261 8.47 -40.02 2.51
CA GLY B 261 9.77 -39.37 2.71
C GLY B 261 9.70 -37.85 2.71
N HIS B 262 8.77 -37.29 1.93
CA HIS B 262 8.50 -35.87 1.87
C HIS B 262 7.91 -35.37 3.18
N VAL B 263 6.99 -36.14 3.77
CA VAL B 263 6.41 -35.81 5.08
C VAL B 263 7.50 -35.79 6.15
N HIS B 264 8.37 -36.79 6.10
CA HIS B 264 9.49 -36.97 7.04
C HIS B 264 10.38 -35.73 7.07
N MET B 265 10.74 -35.21 5.91
CA MET B 265 11.61 -34.05 5.83
C MET B 265 10.88 -32.77 6.15
N ALA B 266 9.59 -32.69 5.82
CA ALA B 266 8.75 -31.53 6.12
C ALA B 266 8.58 -31.29 7.65
N ALA B 267 8.54 -32.40 8.39
CA ALA B 267 8.60 -32.35 9.84
C ALA B 267 9.97 -31.90 10.31
N VAL B 268 11.02 -32.51 9.74
CA VAL B 268 12.41 -32.11 10.03
C VAL B 268 12.61 -30.60 9.89
N ASP B 269 12.12 -30.04 8.78
CA ASP B 269 12.25 -28.61 8.48
C ASP B 269 11.43 -27.72 9.41
N LEU B 270 10.29 -28.22 9.82
CA LEU B 270 9.49 -27.49 10.74
C LEU B 270 10.20 -27.41 12.12
N LEU B 271 10.66 -28.56 12.62
CA LEU B 271 11.24 -28.65 13.97
C LEU B 271 12.51 -27.82 14.09
N ILE B 272 13.51 -28.13 13.26
CA ILE B 272 14.78 -27.40 13.23
C ILE B 272 14.70 -25.93 12.82
N GLY B 273 13.86 -25.65 11.80
CA GLY B 273 13.59 -24.29 11.31
C GLY B 273 12.83 -23.42 12.29
N GLY B 274 12.08 -24.05 13.20
CA GLY B 274 11.14 -23.33 14.05
C GLY B 274 11.43 -23.11 15.50
N THR B 275 12.66 -23.42 15.91
CA THR B 275 13.02 -23.24 17.32
C THR B 275 13.93 -22.02 17.49
N GLU B 276 15.15 -22.11 16.97
CA GLU B 276 16.17 -21.10 17.21
C GLU B 276 15.86 -19.76 16.57
N THR B 277 15.12 -19.81 15.48
CA THR B 277 14.73 -18.63 14.73
C THR B 277 13.80 -17.72 15.55
N THR B 278 12.65 -18.24 15.93
CA THR B 278 11.69 -17.45 16.68
C THR B 278 12.18 -17.15 18.12
N ALA B 279 12.91 -18.09 18.72
CA ALA B 279 13.45 -17.94 20.07
C ALA B 279 14.47 -16.82 20.17
N ASN B 280 15.38 -16.73 19.20
CA ASN B 280 16.39 -15.68 19.22
C ASN B 280 15.80 -14.32 18.90
N THR B 281 14.81 -14.31 18.01
CA THR B 281 14.03 -13.09 17.74
C THR B 281 13.42 -12.53 19.03
N LEU B 282 12.81 -13.41 19.81
CA LEU B 282 12.28 -13.08 21.13
C LEU B 282 13.38 -12.55 22.07
N SER B 283 14.52 -13.23 22.10
CA SER B 283 15.67 -12.80 22.88
C SER B 283 16.17 -11.40 22.50
N TRP B 284 16.29 -11.14 21.20
CA TRP B 284 16.67 -9.83 20.70
C TRP B 284 15.70 -8.75 21.17
N ALA B 285 14.41 -9.07 21.12
CA ALA B 285 13.38 -8.16 21.60
C ALA B 285 13.61 -7.75 23.05
N VAL B 286 13.94 -8.75 23.88
CA VAL B 286 14.24 -8.53 25.29
C VAL B 286 15.42 -7.55 25.48
N VAL B 287 16.54 -7.81 24.79
CA VAL B 287 17.75 -6.99 24.86
C VAL B 287 17.46 -5.54 24.49
N PHE B 288 16.74 -5.35 23.39
CA PHE B 288 16.35 -4.02 22.93
C PHE B 288 15.49 -3.29 23.97
N LEU B 289 14.55 -4.00 24.62
CA LEU B 289 13.72 -3.43 25.67
C LEU B 289 14.53 -3.12 26.89
N LEU B 290 15.58 -3.89 27.16
CA LEU B 290 16.50 -3.54 28.25
C LEU B 290 17.26 -2.27 28.02
N HIS B 291 17.55 -2.00 26.75
CA HIS B 291 18.18 -0.78 26.31
C HIS B 291 17.22 0.39 26.20
N HIS B 292 15.93 0.10 26.09
CA HIS B 292 14.90 1.12 25.88
C HIS B 292 13.74 0.97 26.89
N PRO B 293 13.96 1.39 28.16
CA PRO B 293 12.92 1.29 29.20
C PRO B 293 11.75 2.26 28.99
N GLU B 294 11.97 3.31 28.18
CA GLU B 294 10.88 4.19 27.76
C GLU B 294 9.88 3.44 26.89
N ILE B 295 10.38 2.54 26.04
CA ILE B 295 9.59 1.76 25.10
C ILE B 295 8.82 0.69 25.88
N GLN B 296 9.47 0.01 26.83
CA GLN B 296 8.81 -1.04 27.61
C GLN B 296 7.60 -0.49 28.33
N GLN B 297 7.79 0.68 28.96
CA GLN B 297 6.74 1.35 29.71
C GLN B 297 5.61 1.80 28.83
N ARG B 298 5.93 2.33 27.66
CA ARG B 298 4.95 2.66 26.62
C ARG B 298 4.13 1.47 26.15
N LEU B 299 4.80 0.32 25.99
CA LEU B 299 4.16 -0.96 25.62
C LEU B 299 3.25 -1.46 26.71
N GLN B 300 3.69 -1.26 27.96
CA GLN B 300 2.96 -1.71 29.15
C GLN B 300 1.74 -0.88 29.37
N GLU B 301 1.89 0.41 29.14
CA GLU B 301 0.82 1.40 29.29
C GLU B 301 -0.26 1.18 28.23
N GLU B 302 0.20 0.85 27.02
CA GLU B 302 -0.64 0.43 25.91
C GLU B 302 -1.44 -0.86 26.22
N LEU B 303 -0.79 -1.86 26.82
CA LEU B 303 -1.44 -3.12 27.23
C LEU B 303 -2.41 -2.87 28.34
N ASP B 304 -2.04 -1.99 29.27
CA ASP B 304 -2.90 -1.69 30.40
C ASP B 304 -4.18 -0.93 30.02
N HIS B 305 -4.13 -0.12 28.97
CA HIS B 305 -5.35 0.49 28.42
C HIS B 305 -6.32 -0.53 27.74
N GLU B 306 -5.82 -1.57 27.03
CA GLU B 306 -6.70 -2.64 26.46
C GLU B 306 -6.59 -3.88 27.33
N SER B 314 -9.18 -10.30 29.70
CA SER B 314 -7.92 -10.01 30.34
C SER B 314 -6.73 -10.59 29.59
N ARG B 315 -6.93 -10.86 28.30
CA ARG B 315 -5.87 -11.34 27.40
C ARG B 315 -6.17 -10.70 26.06
N VAL B 316 -5.15 -10.41 25.28
CA VAL B 316 -5.44 -9.82 23.99
C VAL B 316 -5.25 -10.87 22.95
N PRO B 317 -6.36 -11.33 22.38
CA PRO B 317 -6.31 -12.40 21.39
C PRO B 317 -5.64 -11.92 20.09
N TYR B 318 -5.19 -12.82 19.23
CA TYR B 318 -4.44 -12.45 18.02
C TYR B 318 -5.29 -11.80 16.96
N LYS B 319 -6.60 -12.07 16.99
CA LYS B 319 -7.55 -11.37 16.13
C LYS B 319 -7.61 -9.88 16.47
N ASP B 320 -7.29 -9.54 17.71
CA ASP B 320 -7.24 -8.16 18.20
C ASP B 320 -5.84 -7.53 18.20
N ARG B 321 -4.99 -7.95 17.27
CA ARG B 321 -3.63 -7.42 17.06
C ARG B 321 -3.63 -5.91 16.99
N ALA B 322 -4.61 -5.41 16.22
CA ALA B 322 -4.84 -4.01 15.90
C ALA B 322 -4.81 -3.12 17.15
N ARG B 323 -5.39 -3.64 18.23
CA ARG B 323 -5.51 -2.94 19.48
C ARG B 323 -4.18 -2.66 20.21
N LEU B 324 -3.07 -3.21 19.72
CA LEU B 324 -1.76 -2.91 20.27
C LEU B 324 -0.78 -2.47 19.17
N PRO B 325 -0.95 -1.23 18.62
CA PRO B 325 -0.13 -0.73 17.49
C PRO B 325 1.37 -0.59 17.76
N LEU B 326 1.73 -0.14 18.96
CA LEU B 326 3.15 0.04 19.34
C LEU B 326 3.87 -1.28 19.51
N LEU B 327 3.12 -2.29 20.00
CA LEU B 327 3.63 -3.65 20.19
C LEU B 327 4.03 -4.29 18.85
N ASN B 328 3.14 -4.17 17.86
CA ASN B 328 3.39 -4.62 16.52
C ASN B 328 4.52 -3.87 15.82
N ALA B 329 4.66 -2.59 16.14
CA ALA B 329 5.70 -1.77 15.58
C ALA B 329 7.05 -2.16 16.17
N THR B 330 7.05 -2.45 17.47
CA THR B 330 8.26 -2.86 18.18
C THR B 330 8.75 -4.22 17.65
N ILE B 331 7.82 -5.15 17.42
CA ILE B 331 8.15 -6.43 16.79
C ILE B 331 8.72 -6.23 15.38
N ALA B 332 8.07 -5.40 14.58
CA ALA B 332 8.54 -5.06 13.21
C ALA B 332 9.93 -4.48 13.19
N GLU B 333 10.24 -3.67 14.21
CA GLU B 333 11.57 -3.09 14.37
C GLU B 333 12.65 -4.11 14.76
N VAL B 334 12.32 -5.04 15.66
CA VAL B 334 13.24 -6.12 16.06
C VAL B 334 13.59 -6.98 14.85
N LEU B 335 12.58 -7.31 14.03
CA LEU B 335 12.76 -8.08 12.82
C LEU B 335 13.60 -7.31 11.82
N ARG B 336 13.34 -6.00 11.73
CA ARG B 336 14.05 -5.09 10.82
C ARG B 336 15.53 -4.96 11.19
N LEU B 337 15.78 -4.58 12.43
CA LEU B 337 17.11 -4.32 12.91
C LEU B 337 17.92 -5.58 13.21
N ARG B 338 17.24 -6.67 13.56
CA ARG B 338 17.87 -7.97 13.84
C ARG B 338 17.16 -9.22 13.23
N PRO B 339 17.35 -9.42 11.91
CA PRO B 339 16.78 -10.61 11.28
C PRO B 339 17.62 -11.85 11.60
N VAL B 340 17.00 -12.90 12.16
CA VAL B 340 17.77 -14.05 12.73
C VAL B 340 18.39 -14.96 11.69
N VAL B 341 17.88 -14.86 10.46
CA VAL B 341 18.51 -15.52 9.32
C VAL B 341 19.04 -14.43 8.38
N PRO B 342 20.16 -13.78 8.76
CA PRO B 342 20.51 -12.49 8.16
C PRO B 342 20.95 -12.55 6.70
N LEU B 343 21.33 -13.73 6.22
CA LEU B 343 21.71 -13.90 4.82
C LEU B 343 20.79 -14.89 4.11
N ALA B 344 19.64 -15.12 4.73
CA ALA B 344 18.66 -16.07 4.23
C ALA B 344 19.29 -17.48 4.01
N LEU B 345 18.91 -18.17 2.92
CA LEU B 345 19.60 -19.36 2.40
C LEU B 345 20.13 -19.02 0.98
N PRO B 346 21.22 -19.67 0.52
CA PRO B 346 21.73 -19.40 -0.84
C PRO B 346 20.71 -19.78 -1.93
N HIS B 347 20.61 -18.96 -2.95
CA HIS B 347 19.64 -19.18 -4.05
C HIS B 347 20.41 -19.58 -5.29
N ARG B 348 19.75 -20.22 -6.25
CA ARG B 348 20.36 -20.62 -7.53
C ARG B 348 19.52 -20.23 -8.72
N THR B 349 20.21 -19.69 -9.73
CA THR B 349 19.60 -19.21 -10.96
C THR B 349 19.15 -20.41 -11.79
N THR B 350 17.85 -20.46 -12.11
CA THR B 350 17.20 -21.60 -12.80
C THR B 350 17.21 -21.52 -14.33
N ARG B 351 17.18 -20.30 -14.87
CA ARG B 351 17.39 -20.01 -16.31
C ARG B 351 18.20 -18.71 -16.50
N PRO B 352 18.81 -18.49 -17.71
CA PRO B 352 19.60 -17.24 -17.76
C PRO B 352 18.69 -16.01 -17.61
N SER B 353 19.10 -15.07 -16.76
CA SER B 353 18.22 -13.95 -16.35
C SER B 353 19.00 -12.65 -16.13
N SER B 354 18.34 -11.64 -15.55
CA SER B 354 18.98 -10.38 -15.18
C SER B 354 18.42 -9.75 -13.91
N ILE B 355 19.32 -9.14 -13.12
CA ILE B 355 18.94 -8.32 -11.94
C ILE B 355 19.59 -6.96 -12.16
N SER B 356 18.78 -5.90 -12.03
CA SER B 356 19.29 -4.52 -11.93
C SER B 356 20.08 -4.04 -13.19
N GLY B 357 19.74 -4.57 -14.37
CA GLY B 357 20.44 -4.26 -15.61
C GLY B 357 21.59 -5.20 -15.97
N TYR B 358 21.99 -6.08 -15.04
CA TYR B 358 23.12 -6.98 -15.26
C TYR B 358 22.70 -8.42 -15.61
N ASP B 359 23.37 -9.03 -16.60
CA ASP B 359 23.24 -10.46 -16.91
C ASP B 359 23.59 -11.34 -15.74
N ILE B 360 22.65 -12.19 -15.34
CA ILE B 360 22.87 -13.23 -14.34
C ILE B 360 22.82 -14.59 -15.07
N PRO B 361 24.01 -15.22 -15.26
CA PRO B 361 24.12 -16.56 -15.86
C PRO B 361 23.31 -17.58 -15.08
N GLU B 362 22.88 -18.65 -15.77
CA GLU B 362 22.18 -19.75 -15.13
C GLU B 362 23.15 -20.49 -14.19
N GLY B 363 22.66 -20.88 -13.02
CA GLY B 363 23.49 -21.61 -12.10
C GLY B 363 24.32 -20.82 -11.11
N THR B 364 24.39 -19.48 -11.24
CA THR B 364 25.04 -18.61 -10.22
C THR B 364 24.24 -18.53 -8.92
N VAL B 365 24.98 -18.65 -7.83
CA VAL B 365 24.45 -18.64 -6.48
C VAL B 365 24.28 -17.19 -6.05
N ILE B 366 23.14 -16.94 -5.42
CA ILE B 366 22.75 -15.61 -4.99
C ILE B 366 22.61 -15.60 -3.47
N ILE B 367 23.31 -14.64 -2.85
CA ILE B 367 23.18 -14.34 -1.44
C ILE B 367 22.31 -13.09 -1.26
N PRO B 368 21.09 -13.26 -0.69
CA PRO B 368 20.27 -12.12 -0.36
C PRO B 368 20.63 -11.58 1.04
N ASN B 369 21.40 -10.50 1.09
CA ASN B 369 21.77 -9.91 2.35
C ASN B 369 20.58 -9.13 2.96
N LEU B 370 19.88 -9.79 3.88
CA LEU B 370 18.70 -9.22 4.54
C LEU B 370 19.00 -8.19 5.65
N GLN B 371 20.04 -8.44 6.46
CA GLN B 371 20.48 -7.52 7.52
C GLN B 371 20.94 -6.21 6.91
N GLY B 372 21.78 -6.34 5.87
CA GLY B 372 22.32 -5.19 5.15
C GLY B 372 21.27 -4.30 4.49
N ALA B 373 20.32 -4.96 3.83
CA ALA B 373 19.23 -4.29 3.14
C ALA B 373 18.29 -3.51 4.09
N HIS B 374 18.15 -3.96 5.33
CA HIS B 374 17.33 -3.27 6.34
C HIS B 374 17.99 -2.02 6.91
N LEU B 375 19.28 -1.86 6.59
CA LEU B 375 20.04 -0.71 7.05
C LEU B 375 20.20 0.36 5.94
N ASP B 376 19.30 0.31 4.95
CA ASP B 376 19.30 1.26 3.82
C ASP B 376 18.70 2.61 4.22
N GLU B 377 19.48 3.68 4.06
CA GLU B 377 18.97 5.02 4.36
C GLU B 377 18.02 5.62 3.33
N THR B 378 18.02 5.10 2.09
CA THR B 378 16.93 5.33 1.08
C THR B 378 15.52 4.98 1.62
N VAL B 379 15.44 3.91 2.38
CA VAL B 379 14.18 3.29 2.72
C VAL B 379 13.83 3.55 4.19
N TRP B 380 14.79 3.37 5.09
CA TRP B 380 14.59 3.61 6.53
C TRP B 380 15.53 4.69 7.01
N GLU B 381 14.97 5.78 7.54
CA GLU B 381 15.82 6.87 8.06
C GLU B 381 16.42 6.54 9.42
N ARG B 382 17.62 7.06 9.68
CA ARG B 382 18.46 6.75 10.82
C ARG B 382 18.50 5.25 10.96
N PRO B 383 18.80 4.60 9.83
CA PRO B 383 18.56 3.17 9.68
C PRO B 383 19.15 2.31 10.80
N HIS B 384 20.12 2.86 11.53
CA HIS B 384 20.82 2.11 12.55
C HIS B 384 20.20 2.20 13.95
N GLU B 385 19.13 2.99 14.07
CA GLU B 385 18.50 3.26 15.36
C GLU B 385 17.23 2.45 15.61
N PHE B 386 17.12 1.86 16.80
CA PHE B 386 15.88 1.21 17.25
C PHE B 386 14.79 2.27 17.50
N TRP B 387 13.93 2.44 16.51
CA TRP B 387 12.92 3.48 16.53
C TRP B 387 11.56 2.90 16.08
N PRO B 388 10.81 2.29 17.03
CA PRO B 388 9.54 1.67 16.65
C PRO B 388 8.55 2.63 16.03
N ASP B 389 8.64 3.91 16.39
CA ASP B 389 7.68 4.94 15.95
C ASP B 389 7.69 5.19 14.43
N ARG B 390 8.85 4.88 13.83
CA ARG B 390 9.09 4.69 12.40
C ARG B 390 7.92 3.99 11.66
N PHE B 391 7.42 2.91 12.28
CA PHE B 391 6.39 2.05 11.69
C PHE B 391 4.96 2.44 12.05
N LEU B 392 4.68 3.73 12.20
CA LEU B 392 3.32 4.20 12.49
C LEU B 392 2.72 4.64 11.15
N GLU B 393 1.49 4.20 10.89
CA GLU B 393 0.87 4.31 9.57
C GLU B 393 0.66 5.62 8.81
N PRO B 394 0.15 6.67 9.43
CA PRO B 394 0.20 7.80 8.48
C PRO B 394 1.64 8.21 8.13
N GLY B 395 1.97 8.07 6.85
CA GLY B 395 3.30 8.41 6.39
C GLY B 395 4.32 7.35 6.73
N LYS B 396 3.85 6.12 6.88
CA LYS B 396 4.67 4.98 7.24
C LYS B 396 5.78 4.58 6.26
N ASN B 397 6.93 4.19 6.83
CA ASN B 397 8.10 3.70 6.11
C ASN B 397 7.77 2.35 5.55
N SER B 398 8.42 1.95 4.47
CA SER B 398 7.94 0.69 3.94
C SER B 398 8.30 -0.59 4.69
N ARG B 399 7.76 -1.69 4.20
CA ARG B 399 7.84 -3.03 4.80
C ARG B 399 9.26 -3.60 4.65
N ALA B 400 9.77 -4.24 5.70
CA ALA B 400 11.06 -4.97 5.64
C ALA B 400 10.84 -6.37 5.12
N LEU B 401 11.90 -7.15 4.93
CA LEU B 401 11.73 -8.57 4.56
C LEU B 401 12.60 -9.59 5.29
N ALA B 402 12.36 -9.67 6.61
CA ALA B 402 13.10 -10.56 7.50
C ALA B 402 12.79 -12.05 7.25
N PHE B 403 11.62 -12.34 6.65
CA PHE B 403 11.24 -13.69 6.30
C PHE B 403 11.53 -14.01 4.83
N GLY B 404 12.08 -13.02 4.15
CA GLY B 404 12.30 -13.12 2.70
C GLY B 404 11.03 -12.85 1.91
N CYS B 405 11.08 -13.15 0.62
CA CYS B 405 9.96 -12.89 -0.30
C CYS B 405 10.12 -13.76 -1.55
N GLY B 406 9.04 -14.04 -2.25
CA GLY B 406 9.09 -14.96 -3.40
C GLY B 406 8.77 -16.41 -3.07
N ALA B 407 9.13 -17.31 -4.00
CA ALA B 407 8.89 -18.77 -3.88
C ALA B 407 9.60 -19.42 -2.69
N ARG B 408 10.60 -18.75 -2.14
CA ARG B 408 11.36 -19.28 -1.00
C ARG B 408 11.10 -18.57 0.33
N VAL B 409 9.94 -17.90 0.46
CA VAL B 409 9.49 -17.28 1.75
C VAL B 409 9.55 -18.30 2.87
N CYS B 410 9.92 -17.83 4.06
CA CYS B 410 9.85 -18.64 5.26
C CYS B 410 8.49 -19.35 5.38
N LEU B 411 8.56 -20.69 5.50
CA LEU B 411 7.41 -21.56 5.57
C LEU B 411 6.57 -21.32 6.82
N GLY B 412 7.22 -21.05 7.94
CA GLY B 412 6.57 -20.91 9.25
C GLY B 412 6.31 -19.48 9.69
N GLU B 413 6.27 -18.56 8.72
CA GLU B 413 6.03 -17.13 8.97
C GLU B 413 4.74 -16.82 9.75
N PRO B 414 3.60 -17.40 9.34
CA PRO B 414 2.39 -17.16 10.11
C PRO B 414 2.53 -17.58 11.59
N LEU B 415 3.17 -18.72 11.81
CA LEU B 415 3.36 -19.28 13.14
C LEU B 415 4.32 -18.42 13.95
N ALA B 416 5.39 -17.98 13.29
CA ALA B 416 6.39 -17.16 13.94
C ALA B 416 5.81 -15.82 14.45
N ARG B 417 5.03 -15.15 13.60
CA ARG B 417 4.38 -13.88 13.97
C ARG B 417 3.33 -13.95 15.07
N LEU B 418 2.62 -15.06 15.12
CA LEU B 418 1.70 -15.35 16.19
C LEU B 418 2.47 -15.57 17.49
N GLU B 419 3.54 -16.38 17.41
CA GLU B 419 4.43 -16.65 18.57
C GLU B 419 4.96 -15.35 19.16
N LEU B 420 5.56 -14.51 18.32
CA LEU B 420 6.10 -13.22 18.72
C LEU B 420 5.06 -12.30 19.38
N PHE B 421 3.85 -12.24 18.85
CA PHE B 421 2.75 -11.51 19.49
C PHE B 421 2.31 -12.09 20.85
N VAL B 422 1.91 -13.38 20.86
CA VAL B 422 1.40 -14.07 22.06
C VAL B 422 2.41 -14.12 23.21
N VAL B 423 3.67 -14.45 22.90
CA VAL B 423 4.71 -14.53 23.91
C VAL B 423 5.06 -13.16 24.50
N LEU B 424 5.35 -12.19 23.65
CA LEU B 424 5.72 -10.87 24.15
C LEU B 424 4.55 -10.18 24.82
N THR B 425 3.35 -10.43 24.31
CA THR B 425 2.14 -9.86 24.89
C THR B 425 1.88 -10.31 26.33
N ARG B 426 2.18 -11.57 26.63
CA ARG B 426 1.96 -12.14 27.94
C ARG B 426 3.14 -11.94 28.85
N LEU B 427 4.37 -11.90 28.30
CA LEU B 427 5.60 -11.60 29.07
C LEU B 427 5.54 -10.18 29.64
N LEU B 428 5.18 -9.21 28.80
CA LEU B 428 5.21 -7.80 29.18
C LEU B 428 4.11 -7.40 30.12
N GLN B 429 2.91 -7.94 29.91
CA GLN B 429 1.78 -7.64 30.80
C GLN B 429 1.97 -8.26 32.16
N ALA B 430 2.48 -9.48 32.20
CA ALA B 430 2.74 -10.21 33.47
C ALA B 430 4.05 -9.86 34.23
N PHE B 431 5.06 -9.38 33.51
CA PHE B 431 6.38 -9.08 34.11
C PHE B 431 6.95 -7.70 33.71
N THR B 432 7.93 -7.23 34.49
CA THR B 432 8.84 -6.16 34.08
C THR B 432 10.24 -6.77 33.95
N LEU B 433 10.94 -6.43 32.88
CA LEU B 433 12.28 -6.94 32.62
C LEU B 433 13.33 -5.95 33.17
N LEU B 434 14.15 -6.43 34.12
CA LEU B 434 15.24 -5.65 34.71
C LEU B 434 16.55 -6.20 34.19
N PRO B 435 17.59 -5.36 34.08
CA PRO B 435 18.92 -5.88 33.64
C PRO B 435 19.48 -6.88 34.64
N SER B 436 20.29 -7.84 34.19
CA SER B 436 20.82 -8.90 35.08
C SER B 436 21.65 -8.32 36.22
N GLY B 437 22.59 -7.44 35.86
CA GLY B 437 23.53 -6.75 36.77
C GLY B 437 23.58 -5.23 36.56
N ASP B 438 24.75 -4.60 36.75
CA ASP B 438 24.80 -3.11 36.59
C ASP B 438 24.91 -2.68 35.14
N ALA B 439 25.59 -3.50 34.33
CA ALA B 439 25.72 -3.35 32.88
C ALA B 439 24.59 -3.97 32.04
N LEU B 440 24.29 -3.28 30.94
CA LEU B 440 23.31 -3.73 29.99
C LEU B 440 23.85 -4.91 29.12
N PRO B 441 22.97 -5.86 28.73
CA PRO B 441 23.33 -6.94 27.84
C PRO B 441 23.75 -6.43 26.49
N SER B 442 24.77 -7.08 25.94
CA SER B 442 25.36 -6.62 24.69
C SER B 442 24.41 -6.78 23.54
N LEU B 443 24.30 -5.71 22.78
CA LEU B 443 23.45 -5.67 21.63
C LEU B 443 24.23 -6.16 20.42
N GLN B 444 25.56 -6.15 20.47
CA GLN B 444 26.40 -6.62 19.36
C GLN B 444 26.33 -8.14 19.20
N PRO B 445 26.07 -8.61 17.96
CA PRO B 445 25.88 -10.04 17.75
C PRO B 445 27.20 -10.82 17.73
N LEU B 446 27.11 -12.14 17.87
CA LEU B 446 28.25 -13.04 17.77
C LEU B 446 28.95 -12.98 16.41
N PRO B 447 30.25 -12.66 16.40
CA PRO B 447 31.00 -12.29 15.19
C PRO B 447 31.11 -13.35 14.09
N HIS B 448 31.11 -14.64 14.42
CA HIS B 448 31.30 -15.65 13.39
C HIS B 448 30.21 -16.67 13.28
N CYS B 449 29.07 -16.24 12.77
CA CYS B 449 27.98 -17.16 12.43
C CYS B 449 27.99 -17.22 10.93
N SER B 450 26.80 -17.00 10.34
CA SER B 450 26.49 -16.94 8.91
C SER B 450 25.02 -17.34 8.94
N VAL B 451 24.82 -18.53 9.50
CA VAL B 451 23.55 -19.20 9.53
C VAL B 451 22.53 -18.53 10.42
N ILE B 452 22.94 -18.14 11.62
CA ILE B 452 21.97 -17.63 12.59
C ILE B 452 22.45 -16.38 13.31
N LEU B 453 21.57 -15.41 13.53
CA LEU B 453 22.01 -14.20 14.20
C LEU B 453 21.79 -14.33 15.72
N LYS B 454 22.80 -14.86 16.44
CA LYS B 454 22.75 -14.99 17.92
C LYS B 454 23.53 -13.85 18.62
N MET B 455 22.97 -13.40 19.73
CA MET B 455 23.56 -12.38 20.60
C MET B 455 24.45 -13.03 21.65
N GLN B 456 25.27 -12.18 22.29
CA GLN B 456 26.10 -12.62 23.40
C GLN B 456 25.25 -13.13 24.57
N PRO B 457 25.66 -14.24 25.23
CA PRO B 457 24.80 -14.75 26.30
C PRO B 457 24.52 -13.71 27.39
N PHE B 458 23.30 -13.65 27.89
CA PHE B 458 22.90 -12.63 28.85
C PHE B 458 21.83 -13.19 29.76
N GLN B 459 21.69 -12.57 30.93
CA GLN B 459 20.60 -12.89 31.81
C GLN B 459 19.67 -11.72 31.98
N VAL B 460 18.46 -12.03 32.41
CA VAL B 460 17.47 -10.98 32.65
C VAL B 460 16.78 -11.22 34.01
N ARG B 461 16.19 -10.18 34.59
CA ARG B 461 15.46 -10.30 35.84
C ARG B 461 13.97 -10.06 35.57
N LEU B 462 13.12 -10.99 36.04
CA LEU B 462 11.68 -10.87 35.79
C LEU B 462 10.93 -10.61 37.07
N GLN B 463 10.29 -9.43 37.10
CA GLN B 463 9.62 -8.91 38.29
C GLN B 463 8.15 -8.60 37.95
N PRO B 464 7.24 -9.27 38.66
CA PRO B 464 5.82 -9.07 38.47
C PRO B 464 5.39 -7.85 39.32
N ARG B 465 4.53 -6.96 38.82
CA ARG B 465 3.79 -7.13 37.59
C ARG B 465 3.90 -5.86 36.75
N LYS C 10 20.49 11.54 -26.22
CA LYS C 10 19.00 11.63 -26.28
C LYS C 10 18.41 12.50 -25.11
N LEU C 11 18.42 13.85 -25.26
CA LEU C 11 17.91 14.79 -24.21
C LEU C 11 16.39 14.87 -24.20
N PRO C 12 15.77 15.35 -23.08
CA PRO C 12 14.31 15.53 -23.16
C PRO C 12 13.92 16.62 -24.15
N PRO C 13 12.74 16.46 -24.81
CA PRO C 13 12.38 17.37 -25.90
C PRO C 13 12.29 18.83 -25.45
N LEU C 14 12.73 19.73 -26.31
CA LEU C 14 12.80 21.14 -25.99
C LEU C 14 11.47 21.84 -26.34
N ALA C 15 10.83 22.43 -25.33
CA ALA C 15 9.70 23.35 -25.52
C ALA C 15 10.19 24.74 -25.99
N PRO C 16 9.69 25.24 -27.13
CA PRO C 16 10.23 26.50 -27.67
C PRO C 16 9.72 27.75 -26.94
N GLY C 17 10.44 28.85 -27.10
CA GLY C 17 10.01 30.10 -26.53
C GLY C 17 10.85 30.49 -25.34
N PHE C 18 10.76 31.76 -25.03
CA PHE C 18 11.51 32.38 -23.94
C PHE C 18 10.59 33.28 -23.12
N LEU C 19 11.07 33.68 -21.94
CA LEU C 19 10.29 34.44 -20.94
C LEU C 19 8.92 33.76 -20.57
N HIS C 20 8.97 32.47 -20.20
CA HIS C 20 7.78 31.73 -19.67
C HIS C 20 7.43 32.18 -18.24
N LEU C 21 8.26 33.06 -17.69
CA LEU C 21 8.04 33.58 -16.34
C LEU C 21 6.96 34.68 -16.27
N LEU C 22 6.64 35.31 -17.40
CA LEU C 22 5.41 36.15 -17.58
C LEU C 22 4.06 35.43 -17.25
N GLN C 23 4.08 34.10 -17.16
CA GLN C 23 2.86 33.32 -17.00
C GLN C 23 2.28 33.43 -15.59
N PRO C 24 0.99 33.80 -15.48
CA PRO C 24 0.31 33.58 -14.20
C PRO C 24 -0.08 32.10 -14.10
N ASP C 25 -0.10 31.56 -12.89
CA ASP C 25 -0.16 30.09 -12.63
C ASP C 25 0.96 29.38 -13.40
N LEU C 26 2.22 29.72 -13.14
CA LEU C 26 3.33 28.96 -13.67
C LEU C 26 3.13 27.41 -13.56
N PRO C 27 2.75 26.84 -12.36
CA PRO C 27 2.60 25.37 -12.37
C PRO C 27 1.50 24.84 -13.28
N ILE C 28 0.39 25.58 -13.41
CA ILE C 28 -0.73 25.20 -14.30
C ILE C 28 -0.35 25.32 -15.78
N TYR C 29 0.37 26.40 -16.10
CA TYR C 29 0.93 26.58 -17.41
C TYR C 29 1.88 25.44 -17.79
N LEU C 30 2.79 25.09 -16.87
CA LEU C 30 3.79 24.04 -17.09
C LEU C 30 3.18 22.68 -17.29
N LEU C 31 2.09 22.39 -16.57
CA LEU C 31 1.36 21.15 -16.75
C LEU C 31 0.71 21.10 -18.12
N GLY C 32 0.24 22.27 -18.57
CA GLY C 32 -0.28 22.46 -19.90
C GLY C 32 0.67 22.11 -21.02
N LEU C 33 1.97 22.26 -20.79
CA LEU C 33 2.91 21.96 -21.86
C LEU C 33 3.19 20.47 -21.98
N THR C 34 2.74 19.67 -21.02
CA THR C 34 2.92 18.20 -21.08
C THR C 34 2.05 17.61 -22.16
N GLN C 35 0.93 18.30 -22.43
CA GLN C 35 -0.02 18.09 -23.54
C GLN C 35 0.70 17.79 -24.85
N LYS C 36 1.70 18.61 -25.15
CA LYS C 36 2.36 18.64 -26.43
C LYS C 36 3.70 17.88 -26.31
N PHE C 37 4.32 17.93 -25.13
CA PHE C 37 5.74 17.52 -24.99
C PHE C 37 6.08 16.37 -24.00
N GLY C 38 5.05 15.82 -23.34
CA GLY C 38 5.21 14.69 -22.42
C GLY C 38 5.49 15.18 -21.02
N PRO C 39 5.48 14.27 -20.04
CA PRO C 39 5.70 14.63 -18.62
C PRO C 39 7.11 15.21 -18.27
N ILE C 40 8.07 15.00 -19.17
CA ILE C 40 9.43 15.51 -19.02
C ILE C 40 9.86 16.21 -20.28
N TYR C 41 10.14 17.51 -20.17
CA TYR C 41 10.65 18.37 -21.28
C TYR C 41 11.65 19.41 -20.78
N ARG C 42 12.38 20.04 -21.69
CA ARG C 42 13.23 21.19 -21.33
C ARG C 42 12.56 22.48 -21.77
N LEU C 43 12.78 23.59 -21.04
CA LEU C 43 12.37 24.96 -21.47
C LEU C 43 13.23 26.08 -20.86
N HIS C 44 13.32 27.21 -21.56
CA HIS C 44 13.99 28.41 -21.06
C HIS C 44 13.12 29.28 -20.13
N LEU C 45 13.20 29.02 -18.83
CA LEU C 45 12.71 30.02 -17.86
C LEU C 45 13.73 31.09 -17.75
N GLY C 46 13.38 32.32 -18.18
CA GLY C 46 14.32 33.43 -18.20
C GLY C 46 15.43 33.17 -19.21
N LEU C 47 16.68 32.96 -18.71
CA LEU C 47 17.88 32.67 -19.55
C LEU C 47 18.33 31.23 -19.57
N GLN C 48 18.21 30.58 -18.43
CA GLN C 48 18.72 29.23 -18.27
C GLN C 48 17.83 28.15 -18.89
N ASP C 49 18.48 27.16 -19.52
CA ASP C 49 17.85 25.92 -19.97
C ASP C 49 17.62 25.04 -18.72
N VAL C 50 16.36 24.62 -18.53
CA VAL C 50 15.90 23.87 -17.34
C VAL C 50 14.92 22.76 -17.75
N VAL C 51 15.10 21.55 -17.20
CA VAL C 51 14.11 20.45 -17.38
C VAL C 51 13.00 20.44 -16.31
N VAL C 52 11.77 20.16 -16.72
CA VAL C 52 10.64 20.13 -15.80
C VAL C 52 9.98 18.74 -15.73
N LEU C 53 9.74 18.26 -14.51
CA LEU C 53 9.01 17.00 -14.26
C LEU C 53 7.56 17.30 -13.81
N ASN C 54 6.59 16.67 -14.48
CA ASN C 54 5.17 16.99 -14.28
C ASN C 54 4.29 15.77 -13.94
N SER C 55 4.91 14.69 -13.45
CA SER C 55 4.20 13.49 -12.99
C SER C 55 4.86 12.85 -11.76
N LYS C 56 4.05 12.21 -10.91
CA LYS C 56 4.55 11.44 -9.74
C LYS C 56 5.59 10.38 -10.17
N ARG C 57 5.38 9.70 -11.31
CA ARG C 57 6.34 8.75 -11.91
C ARG C 57 7.71 9.35 -12.23
N THR C 58 7.74 10.46 -13.00
CA THR C 58 9.00 11.15 -13.37
C THR C 58 9.68 11.70 -12.12
N ILE C 59 8.91 12.30 -11.20
CA ILE C 59 9.42 12.87 -9.92
C ILE C 59 9.99 11.76 -9.03
N GLU C 60 9.27 10.63 -8.90
CA GLU C 60 9.76 9.53 -8.08
C GLU C 60 10.97 8.85 -8.68
N GLU C 61 11.08 8.83 -10.01
CA GLU C 61 12.17 8.11 -10.64
C GLU C 61 13.46 8.89 -10.41
N ALA C 62 13.35 10.23 -10.43
CA ALA C 62 14.45 11.16 -10.16
C ALA C 62 14.85 11.16 -8.70
N MET C 63 13.86 11.43 -7.84
CA MET C 63 14.03 11.67 -6.40
C MET C 63 14.29 10.43 -5.52
N VAL C 64 13.55 9.36 -5.82
CA VAL C 64 13.57 8.10 -5.04
C VAL C 64 14.50 7.07 -5.66
N LYS C 65 14.27 6.76 -6.95
CA LYS C 65 15.00 5.70 -7.64
C LYS C 65 16.47 6.05 -7.86
N LYS C 66 16.71 7.15 -8.56
CA LYS C 66 18.08 7.66 -8.77
C LYS C 66 18.43 8.64 -7.64
N TRP C 67 18.43 8.12 -6.41
CA TRP C 67 18.50 8.91 -5.18
C TRP C 67 19.54 10.05 -5.20
N ALA C 68 20.80 9.70 -5.43
CA ALA C 68 21.85 10.69 -5.29
C ALA C 68 22.02 11.56 -6.52
N ASP C 69 21.59 11.02 -7.66
CA ASP C 69 21.66 11.70 -8.96
C ASP C 69 21.00 13.12 -9.06
N PHE C 70 19.87 13.34 -8.36
CA PHE C 70 19.14 14.63 -8.45
C PHE C 70 18.90 15.29 -7.10
N ALA C 71 19.69 14.87 -6.11
CA ALA C 71 19.72 15.42 -4.76
C ALA C 71 20.33 16.83 -4.57
N GLY C 72 20.93 17.41 -5.61
CA GLY C 72 21.60 18.70 -5.48
C GLY C 72 20.71 19.93 -5.53
N ARG C 73 21.32 21.11 -5.35
CA ARG C 73 20.67 22.43 -5.51
C ARG C 73 21.52 23.28 -6.41
N PRO C 74 20.91 24.22 -7.13
CA PRO C 74 21.75 25.16 -7.89
C PRO C 74 22.36 26.24 -6.97
N GLU C 75 23.13 27.17 -7.53
CA GLU C 75 23.51 28.34 -6.76
C GLU C 75 23.33 29.72 -7.43
N PRO C 76 22.09 30.23 -7.59
CA PRO C 76 21.97 31.63 -8.11
C PRO C 76 22.22 32.64 -7.00
N LEU C 77 22.13 33.96 -7.28
CA LEU C 77 22.66 35.00 -6.35
C LEU C 77 22.06 34.94 -4.98
N THR C 78 20.76 34.69 -4.94
CA THR C 78 20.04 34.83 -3.68
C THR C 78 20.40 33.68 -2.75
N TYR C 79 20.83 32.56 -3.34
CA TYR C 79 21.27 31.39 -2.57
C TYR C 79 22.59 31.70 -1.82
N LYS C 80 23.47 32.41 -2.51
CA LYS C 80 24.64 33.01 -1.90
C LYS C 80 24.30 34.13 -0.88
N LEU C 81 23.35 35.00 -1.23
CA LEU C 81 22.99 36.14 -0.37
C LEU C 81 22.38 35.74 0.97
N VAL C 82 21.67 34.59 0.99
CA VAL C 82 20.98 34.13 2.22
C VAL C 82 21.93 33.43 3.16
N SER C 83 23.08 33.03 2.59
CA SER C 83 24.04 32.26 3.29
C SER C 83 25.48 32.67 3.00
N ARG C 84 25.76 33.98 3.09
CA ARG C 84 27.12 34.53 2.93
C ARG C 84 28.05 34.14 4.05
N ASN C 85 27.50 34.16 5.26
CA ASN C 85 28.22 33.86 6.49
C ASN C 85 28.21 32.35 6.79
N TYR C 86 27.03 31.74 6.77
CA TYR C 86 26.86 30.35 7.23
C TYR C 86 26.23 29.51 6.14
N PRO C 87 26.61 28.22 6.01
CA PRO C 87 25.97 27.35 5.02
C PRO C 87 24.58 26.96 5.44
N ASP C 88 23.69 27.10 4.47
CA ASP C 88 22.29 26.82 4.65
C ASP C 88 21.98 25.35 4.37
N LEU C 89 20.91 24.87 4.98
CA LEU C 89 20.44 23.52 4.78
C LEU C 89 19.52 23.43 3.54
N SER C 90 18.47 24.23 3.51
CA SER C 90 17.52 24.19 2.41
C SER C 90 18.08 24.56 1.04
N LEU C 91 19.04 25.46 1.03
CA LEU C 91 19.60 25.92 -0.21
C LEU C 91 20.99 25.38 -0.42
N GLY C 92 21.45 24.50 0.48
CA GLY C 92 22.74 23.86 0.36
C GLY C 92 22.77 22.72 -0.65
N ASP C 93 23.83 22.68 -1.46
CA ASP C 93 24.12 21.59 -2.38
C ASP C 93 24.46 20.33 -1.62
N TYR C 94 24.14 19.21 -2.27
CA TYR C 94 24.28 17.86 -1.75
C TYR C 94 25.76 17.53 -1.58
N SER C 95 26.19 17.45 -0.32
CA SER C 95 27.52 16.96 0.03
C SER C 95 27.38 16.13 1.28
N LEU C 96 28.48 15.49 1.67
CA LEU C 96 28.55 14.71 2.89
C LEU C 96 28.27 15.54 4.11
N LEU C 97 28.87 16.74 4.14
CA LEU C 97 28.73 17.61 5.26
C LEU C 97 27.29 18.10 5.34
N TRP C 98 26.67 18.38 4.19
CA TRP C 98 25.25 18.75 4.14
C TRP C 98 24.36 17.63 4.68
N LYS C 99 24.67 16.37 4.32
CA LYS C 99 23.90 15.20 4.72
C LYS C 99 23.85 15.08 6.21
N ALA C 100 25.00 15.24 6.85
CA ALA C 100 25.14 15.24 8.32
C ALA C 100 24.39 16.42 8.95
N HIS C 101 24.42 17.55 8.24
CA HIS C 101 23.71 18.77 8.64
C HIS C 101 22.22 18.48 8.74
N LYS C 102 21.63 17.87 7.69
CA LYS C 102 20.18 17.54 7.65
C LYS C 102 19.78 16.49 8.67
N LYS C 103 20.66 15.52 8.85
CA LYS C 103 20.48 14.44 9.80
C LYS C 103 20.36 15.00 11.22
N LEU C 104 21.16 16.01 11.58
CA LEU C 104 21.14 16.57 12.95
C LEU C 104 19.85 17.31 13.26
N THR C 105 19.46 18.22 12.36
CA THR C 105 18.26 19.04 12.52
C THR C 105 16.98 18.21 12.37
N ARG C 106 17.06 17.20 11.52
CA ARG C 106 16.01 16.20 11.41
C ARG C 106 15.91 15.36 12.69
N SER C 107 17.04 15.05 13.35
CA SER C 107 17.08 14.39 14.68
C SER C 107 16.58 15.27 15.82
N ALA C 108 16.83 16.57 15.66
CA ALA C 108 16.41 17.57 16.61
C ALA C 108 14.87 17.69 16.64
N LEU C 109 14.23 17.58 15.46
CA LEU C 109 12.80 17.68 15.35
C LEU C 109 12.12 16.43 15.88
N LEU C 110 12.75 15.29 15.64
CA LEU C 110 12.14 14.00 15.91
C LEU C 110 12.40 13.50 17.33
N LEU C 111 13.61 13.64 17.81
CA LEU C 111 13.95 13.12 19.11
C LEU C 111 14.16 14.18 20.13
N GLY C 112 14.67 15.32 19.68
CA GLY C 112 14.97 16.40 20.60
C GLY C 112 13.71 16.89 21.26
N ILE C 113 12.68 17.13 20.46
CA ILE C 113 11.47 17.68 21.04
C ILE C 113 10.37 16.62 21.08
N ARG C 114 10.76 15.34 21.08
CA ARG C 114 9.83 14.20 21.04
C ARG C 114 8.62 14.38 21.96
N ASP C 115 8.92 14.59 23.25
CA ASP C 115 7.95 14.61 24.33
C ASP C 115 7.25 15.95 24.50
N SER C 116 7.84 17.04 23.98
CA SER C 116 7.23 18.43 24.06
C SER C 116 6.39 18.94 22.85
N MET C 117 6.70 18.43 21.65
CA MET C 117 5.98 18.79 20.42
C MET C 117 4.46 18.64 20.51
N GLU C 118 3.94 17.51 20.98
CA GLU C 118 2.46 17.34 21.14
C GLU C 118 1.79 18.40 22.06
N PRO C 119 2.29 18.56 23.30
CA PRO C 119 1.71 19.56 24.19
C PRO C 119 1.84 21.02 23.74
N VAL C 120 3.00 21.40 23.19
CA VAL C 120 3.25 22.78 22.76
C VAL C 120 2.30 23.18 21.64
N VAL C 121 2.06 22.25 20.68
CA VAL C 121 1.11 22.46 19.57
C VAL C 121 -0.29 22.67 20.16
N GLU C 122 -0.71 21.72 21.01
CA GLU C 122 -2.02 21.72 21.66
C GLU C 122 -2.31 22.95 22.52
N GLN C 123 -1.32 23.33 23.32
CA GLN C 123 -1.29 24.53 24.17
C GLN C 123 -1.64 25.79 23.37
N LEU C 124 -0.95 25.95 22.25
CA LEU C 124 -1.03 27.17 21.45
C LEU C 124 -2.28 27.25 20.56
N THR C 125 -2.74 26.11 20.04
CA THR C 125 -4.03 26.09 19.35
C THR C 125 -5.24 26.22 20.34
N GLN C 126 -5.02 25.80 21.58
CA GLN C 126 -6.00 26.00 22.65
C GLN C 126 -6.15 27.49 22.95
N GLU C 127 -5.03 28.21 22.97
CA GLU C 127 -5.03 29.66 23.17
C GLU C 127 -5.67 30.37 21.99
N PHE C 128 -5.50 29.78 20.81
CA PHE C 128 -6.11 30.28 19.57
C PHE C 128 -7.62 30.24 19.68
N CYS C 129 -8.12 29.12 20.17
CA CYS C 129 -9.55 28.91 20.24
C CYS C 129 -10.23 29.78 21.30
N GLU C 130 -9.48 30.06 22.37
CA GLU C 130 -9.98 30.90 23.46
C GLU C 130 -10.18 32.33 22.97
N ARG C 131 -9.16 32.80 22.22
CA ARG C 131 -9.15 34.10 21.54
C ARG C 131 -10.37 34.24 20.58
N MET C 132 -10.73 33.15 19.91
CA MET C 132 -11.80 33.11 18.92
C MET C 132 -13.15 33.03 19.56
N ARG C 133 -13.20 32.32 20.69
CA ARG C 133 -14.38 32.11 21.48
C ARG C 133 -14.90 33.45 21.97
N ALA C 134 -13.97 34.28 22.41
CA ALA C 134 -14.29 35.58 22.98
C ALA C 134 -15.13 36.53 22.10
N GLN C 135 -14.93 36.53 20.81
CA GLN C 135 -15.69 37.43 19.96
C GLN C 135 -16.41 36.51 18.99
N PRO C 136 -17.60 36.01 19.38
CA PRO C 136 -18.32 35.07 18.52
C PRO C 136 -18.73 35.79 17.25
N GLY C 137 -19.20 37.01 17.43
CA GLY C 137 -19.54 37.87 16.31
C GLY C 137 -18.30 38.46 15.67
N THR C 138 -18.50 38.93 14.45
CA THR C 138 -17.54 39.65 13.61
C THR C 138 -16.56 38.71 12.92
N PRO C 139 -16.20 39.06 11.69
CA PRO C 139 -15.32 38.32 10.83
C PRO C 139 -13.92 38.28 11.38
N VAL C 140 -13.20 37.22 11.02
CA VAL C 140 -11.86 37.01 11.50
C VAL C 140 -10.91 37.01 10.33
N ALA C 141 -9.81 37.74 10.42
CA ALA C 141 -8.80 37.67 9.39
C ALA C 141 -8.11 36.42 9.83
N ILE C 142 -8.57 35.29 9.32
CA ILE C 142 -8.15 34.00 9.86
C ILE C 142 -6.76 33.65 9.33
N GLU C 143 -6.38 34.24 8.19
CA GLU C 143 -5.10 33.95 7.58
C GLU C 143 -3.99 34.32 8.52
N GLU C 144 -4.13 35.54 9.04
CA GLU C 144 -3.15 36.16 9.90
C GLU C 144 -3.11 35.40 11.22
N GLU C 145 -4.25 34.84 11.67
CA GLU C 145 -4.36 34.10 12.93
C GLU C 145 -3.66 32.78 12.89
N PHE C 146 -3.73 32.13 11.74
CA PHE C 146 -2.98 30.91 11.44
C PHE C 146 -1.49 31.19 11.29
N SER C 147 -1.15 32.35 10.75
CA SER C 147 0.24 32.79 10.64
C SER C 147 0.95 33.00 11.98
N LEU C 148 0.22 33.61 12.91
CA LEU C 148 0.68 33.80 14.27
C LEU C 148 0.85 32.43 14.93
N LEU C 149 -0.12 31.54 14.69
CA LEU C 149 -0.18 30.25 15.37
C LEU C 149 1.03 29.38 15.04
N THR C 150 1.23 29.19 13.75
CA THR C 150 2.27 28.29 13.25
C THR C 150 3.67 28.84 13.48
N CYS C 151 3.75 30.20 13.49
CA CYS C 151 4.98 30.94 13.82
C CYS C 151 5.31 30.86 15.29
N SER C 152 4.29 31.03 16.15
CA SER C 152 4.44 30.79 17.60
C SER C 152 4.93 29.34 17.87
N ILE C 153 4.22 28.32 17.35
CA ILE C 153 4.59 26.89 17.48
C ILE C 153 6.06 26.61 17.17
N ILE C 154 6.55 27.03 16.00
CA ILE C 154 7.93 26.73 15.62
C ILE C 154 8.94 27.58 16.38
N CYS C 155 8.57 28.80 16.79
CA CYS C 155 9.45 29.65 17.65
C CYS C 155 9.64 29.07 19.06
N TYR C 156 8.54 28.61 19.68
CA TYR C 156 8.60 27.91 20.94
C TYR C 156 9.39 26.58 20.85
N LEU C 157 9.21 25.82 19.80
CA LEU C 157 9.92 24.54 19.72
C LEU C 157 11.39 24.68 19.34
N THR C 158 11.73 25.79 18.71
CA THR C 158 13.11 26.07 18.34
C THR C 158 13.85 26.79 19.45
N PHE C 159 13.18 27.76 20.10
CA PHE C 159 13.82 28.61 21.14
C PHE C 159 13.40 28.40 22.60
N GLY C 160 12.26 27.74 22.81
CA GLY C 160 11.81 27.39 24.14
C GLY C 160 10.91 28.41 24.84
N ASP C 161 10.99 28.42 26.17
CA ASP C 161 10.19 29.26 27.05
C ASP C 161 10.42 30.74 26.85
N LYS C 162 11.65 31.10 26.50
CA LYS C 162 12.14 32.46 26.57
C LYS C 162 11.31 33.40 25.66
N ILE C 163 10.53 32.81 24.75
CA ILE C 163 9.71 33.54 23.80
C ILE C 163 8.52 34.18 24.54
N LYS C 164 7.77 33.44 25.38
CA LYS C 164 6.73 34.06 26.26
C LYS C 164 7.27 34.13 27.67
N ASP C 165 8.10 35.14 27.89
CA ASP C 165 8.90 35.31 29.11
C ASP C 165 9.47 36.69 28.95
N ASP C 166 10.07 36.91 27.78
CA ASP C 166 10.52 38.23 27.33
C ASP C 166 9.52 38.86 26.35
N ASN C 167 8.36 38.22 26.16
CA ASN C 167 7.37 38.61 25.13
C ASN C 167 7.99 38.93 23.74
N LEU C 168 8.64 37.92 23.15
CA LEU C 168 9.37 38.09 21.89
C LEU C 168 8.59 37.88 20.61
N MET C 169 7.37 37.33 20.71
CA MET C 169 6.57 36.94 19.53
C MET C 169 6.16 38.08 18.58
N PRO C 170 5.81 39.28 19.11
CA PRO C 170 5.54 40.39 18.20
C PRO C 170 6.76 40.79 17.30
N ALA C 171 7.95 40.83 17.88
CA ALA C 171 9.14 41.21 17.13
C ALA C 171 9.67 40.12 16.17
N TYR C 172 9.52 38.86 16.59
CA TYR C 172 10.00 37.69 15.82
C TYR C 172 9.11 37.37 14.63
N TYR C 173 7.78 37.47 14.83
CA TYR C 173 6.79 37.26 13.78
C TYR C 173 6.98 38.26 12.61
N LYS C 174 7.08 39.54 12.98
CA LYS C 174 7.31 40.66 12.08
C LYS C 174 8.61 40.42 11.27
N CYS C 175 9.67 39.95 11.93
CA CYS C 175 10.90 39.65 11.24
C CYS C 175 10.85 38.40 10.33
N ILE C 176 10.29 37.28 10.81
CA ILE C 176 10.20 36.02 10.03
C ILE C 176 9.40 36.24 8.74
N GLN C 177 8.28 36.95 8.86
CA GLN C 177 7.44 37.30 7.72
C GLN C 177 8.17 38.18 6.69
N GLU C 178 8.81 39.28 7.13
CA GLU C 178 9.57 40.19 6.24
C GLU C 178 10.61 39.45 5.41
N VAL C 179 11.28 38.47 6.04
CA VAL C 179 12.32 37.64 5.39
C VAL C 179 11.80 36.87 4.16
N LEU C 180 10.69 36.15 4.35
CA LEU C 180 10.03 35.44 3.23
C LEU C 180 9.39 36.39 2.19
N LYS C 181 8.77 37.47 2.69
CA LYS C 181 8.03 38.45 1.86
C LYS C 181 8.96 39.08 0.81
N THR C 182 10.14 39.49 1.28
CA THR C 182 11.16 40.10 0.43
C THR C 182 11.72 39.07 -0.57
N TRP C 183 12.18 37.94 -0.06
CA TRP C 183 12.86 36.98 -0.88
C TRP C 183 12.01 36.50 -2.08
N SER C 184 10.74 36.16 -1.83
CA SER C 184 9.87 35.57 -2.88
C SER C 184 9.30 36.58 -3.89
N HIS C 185 9.56 37.86 -3.60
CA HIS C 185 9.13 38.96 -4.43
C HIS C 185 9.91 38.94 -5.74
N TRP C 186 9.19 39.18 -6.84
CA TRP C 186 9.76 39.17 -8.18
C TRP C 186 11.03 40.06 -8.39
N SER C 187 11.14 41.22 -7.73
CA SER C 187 12.33 42.10 -7.91
C SER C 187 13.61 41.49 -7.40
N ILE C 188 13.45 40.50 -6.52
CA ILE C 188 14.56 39.77 -5.91
C ILE C 188 14.74 38.44 -6.62
N GLN C 189 13.63 37.81 -7.01
CA GLN C 189 13.68 36.56 -7.77
C GLN C 189 14.14 36.76 -9.18
N ILE C 190 13.95 37.96 -9.73
CA ILE C 190 14.32 38.22 -11.12
C ILE C 190 15.81 38.16 -11.33
N VAL C 191 16.56 38.35 -10.25
CA VAL C 191 18.02 38.31 -10.25
C VAL C 191 18.52 36.86 -10.39
N ASP C 192 17.79 35.90 -9.82
CA ASP C 192 18.10 34.47 -9.94
C ASP C 192 17.91 33.90 -11.33
N VAL C 193 17.01 34.48 -12.11
CA VAL C 193 16.77 34.04 -13.48
C VAL C 193 17.48 34.89 -14.54
N ILE C 194 17.50 36.21 -14.36
CA ILE C 194 18.25 37.15 -15.22
C ILE C 194 19.47 37.69 -14.41
N PRO C 195 20.59 36.95 -14.38
CA PRO C 195 21.60 37.24 -13.37
C PRO C 195 22.41 38.48 -13.60
N PHE C 196 22.42 39.02 -14.82
CA PHE C 196 23.17 40.24 -15.10
C PHE C 196 22.54 41.48 -14.44
N LEU C 197 21.26 41.37 -14.05
CA LEU C 197 20.49 42.42 -13.40
C LEU C 197 21.00 42.70 -11.99
N ARG C 198 21.86 41.80 -11.50
CA ARG C 198 22.60 41.96 -10.23
C ARG C 198 23.48 43.19 -10.19
N PHE C 199 23.94 43.62 -11.36
CA PHE C 199 24.78 44.81 -11.46
C PHE C 199 23.98 46.09 -11.52
N PHE C 200 22.69 45.98 -11.85
CA PHE C 200 21.76 47.12 -11.80
C PHE C 200 21.22 47.35 -10.38
N PRO C 201 21.31 48.62 -9.86
CA PRO C 201 20.97 48.97 -8.45
C PRO C 201 19.53 48.58 -8.10
N ASN C 202 19.33 47.91 -6.96
CA ASN C 202 18.08 47.19 -6.62
C ASN C 202 17.60 47.52 -5.19
N PRO C 203 16.68 48.51 -5.05
CA PRO C 203 15.89 48.50 -3.82
C PRO C 203 14.91 47.34 -3.86
N GLY C 204 15.01 46.48 -2.86
CA GLY C 204 14.53 45.10 -2.93
C GLY C 204 15.61 44.23 -2.28
N LEU C 205 16.76 44.13 -2.97
CA LEU C 205 17.96 43.54 -2.37
C LEU C 205 18.44 44.27 -1.10
N ARG C 206 18.26 45.61 -1.00
CA ARG C 206 18.50 46.40 0.25
C ARG C 206 17.53 46.05 1.35
N ARG C 207 16.26 45.94 0.96
CA ARG C 207 15.17 45.59 1.85
C ARG C 207 15.38 44.16 2.36
N LEU C 208 15.97 43.30 1.50
CA LEU C 208 16.27 41.89 1.83
C LEU C 208 17.40 41.80 2.83
N LYS C 209 18.50 42.46 2.52
CA LYS C 209 19.71 42.32 3.32
C LYS C 209 19.52 42.89 4.70
N GLN C 210 18.68 43.93 4.83
CA GLN C 210 18.28 44.48 6.14
C GLN C 210 17.48 43.48 6.99
N ALA C 211 16.57 42.77 6.35
CA ALA C 211 15.87 41.70 7.02
C ALA C 211 16.78 40.49 7.37
N ILE C 212 17.76 40.15 6.52
CA ILE C 212 18.75 39.09 6.80
C ILE C 212 19.63 39.51 8.00
N GLU C 213 20.06 40.78 8.01
CA GLU C 213 20.74 41.40 9.16
C GLU C 213 19.92 41.29 10.46
N LYS C 214 18.63 41.69 10.41
CA LYS C 214 17.71 41.55 11.56
C LYS C 214 17.45 40.07 12.00
N ARG C 215 17.29 39.12 11.05
CA ARG C 215 17.06 37.69 11.39
C ARG C 215 18.34 37.09 11.91
N ASP C 216 19.48 37.54 11.40
CA ASP C 216 20.77 37.09 11.90
C ASP C 216 21.06 37.57 13.33
N HIS C 217 20.62 38.78 13.68
CA HIS C 217 20.72 39.25 15.06
C HIS C 217 19.74 38.53 16.02
N ILE C 218 18.56 38.15 15.54
CA ILE C 218 17.58 37.34 16.33
C ILE C 218 18.13 35.98 16.71
N VAL C 219 18.68 35.30 15.71
CA VAL C 219 19.11 33.93 15.89
C VAL C 219 20.39 33.94 16.66
N GLU C 220 21.26 34.91 16.38
CA GLU C 220 22.58 34.99 17.01
C GLU C 220 22.46 35.24 18.50
N MET C 221 21.57 36.13 18.90
CA MET C 221 21.33 36.38 20.32
C MET C 221 20.68 35.20 21.02
N GLN C 222 19.80 34.52 20.30
CA GLN C 222 19.15 33.32 20.82
C GLN C 222 20.16 32.17 21.00
N LEU C 223 21.08 32.07 20.02
CA LEU C 223 22.15 31.08 19.99
C LEU C 223 23.02 31.21 21.22
N ARG C 224 23.51 32.43 21.44
CA ARG C 224 24.31 32.78 22.61
C ARG C 224 23.67 32.51 23.97
N GLN C 225 22.42 32.95 24.14
CA GLN C 225 21.65 32.78 25.38
C GLN C 225 21.48 31.32 25.77
N HIS C 226 21.31 30.46 24.74
CA HIS C 226 21.19 29.00 24.87
C HIS C 226 22.50 28.38 25.27
N LYS C 227 23.55 28.71 24.50
CA LYS C 227 24.94 28.28 24.77
C LYS C 227 25.44 28.55 26.19
N GLU C 228 25.22 29.77 26.70
CA GLU C 228 25.60 30.13 28.08
C GLU C 228 24.72 29.52 29.19
N SER C 229 23.49 29.05 28.87
CA SER C 229 22.66 28.30 29.85
C SER C 229 22.57 26.76 29.63
N LEU C 230 23.18 26.27 28.57
CA LEU C 230 23.17 24.85 28.16
C LEU C 230 23.72 23.81 29.15
N VAL C 231 23.06 22.66 29.24
CA VAL C 231 23.61 21.53 30.01
C VAL C 231 23.96 20.34 29.09
N ALA C 232 25.18 19.82 29.22
CA ALA C 232 25.76 18.75 28.36
C ALA C 232 24.93 17.47 28.11
N GLY C 233 24.08 17.09 29.07
CA GLY C 233 23.18 15.94 28.88
C GLY C 233 21.75 16.22 28.41
N GLN C 234 21.25 17.40 28.76
CA GLN C 234 19.82 17.71 28.74
C GLN C 234 19.51 18.74 27.65
N TRP C 235 18.28 18.72 27.11
CA TRP C 235 17.87 19.71 26.10
C TRP C 235 16.43 20.23 26.31
N ARG C 236 16.25 21.54 26.45
CA ARG C 236 14.92 22.15 26.62
C ARG C 236 14.12 22.32 25.30
N ASP C 237 14.83 22.57 24.19
CA ASP C 237 14.24 22.77 22.84
C ASP C 237 15.15 22.24 21.75
N MET C 238 14.86 22.62 20.52
CA MET C 238 15.61 22.14 19.36
C MET C 238 17.00 22.73 19.21
N MET C 239 17.18 24.00 19.62
CA MET C 239 18.47 24.67 19.58
C MET C 239 19.42 24.11 20.62
N ASP C 240 18.88 23.76 21.79
CA ASP C 240 19.62 22.99 22.79
C ASP C 240 20.22 21.65 22.23
N TYR C 241 19.36 20.90 21.51
CA TYR C 241 19.71 19.59 20.98
C TYR C 241 20.76 19.77 19.93
N MET C 242 20.61 20.78 19.06
CA MET C 242 21.51 20.94 17.91
C MET C 242 22.84 21.50 18.24
N LEU C 243 22.87 22.38 19.25
CA LEU C 243 24.12 22.84 19.84
C LEU C 243 24.96 21.65 20.40
N GLN C 244 24.30 20.68 21.01
CA GLN C 244 25.01 19.56 21.57
C GLN C 244 25.59 18.58 20.60
N GLY C 245 25.02 18.52 19.41
CA GLY C 245 25.55 17.67 18.34
C GLY C 245 26.52 18.40 17.41
N VAL C 246 27.32 19.32 17.95
CA VAL C 246 28.19 20.21 17.16
C VAL C 246 29.49 20.49 17.97
N ALA C 247 30.55 20.99 17.31
CA ALA C 247 31.78 21.55 17.97
C ALA C 247 32.46 20.61 18.98
N GLY C 256 35.50 17.69 7.92
CA GLY C 256 34.24 18.36 8.16
C GLY C 256 33.53 17.98 9.46
N GLN C 257 33.57 18.92 10.42
CA GLN C 257 32.64 18.92 11.55
C GLN C 257 31.48 19.87 11.28
N LEU C 258 30.38 19.61 11.97
CA LEU C 258 29.28 20.53 12.07
C LEU C 258 29.60 21.59 13.10
N LEU C 259 29.49 22.81 12.60
CA LEU C 259 29.87 24.00 13.30
C LEU C 259 28.59 24.63 13.86
N GLU C 260 28.76 25.65 14.70
CA GLU C 260 27.64 26.39 15.25
C GLU C 260 26.93 27.22 14.18
N GLY C 261 27.63 27.52 13.09
CA GLY C 261 27.05 28.27 11.96
C GLY C 261 25.95 27.44 11.31
N HIS C 262 26.14 26.12 11.35
CA HIS C 262 25.16 25.13 10.90
C HIS C 262 23.90 25.17 11.76
N VAL C 263 24.06 25.29 13.08
CA VAL C 263 22.90 25.43 13.97
C VAL C 263 22.12 26.72 13.67
N HIS C 264 22.87 27.81 13.41
CA HIS C 264 22.32 29.14 13.17
C HIS C 264 21.35 29.02 12.02
N MET C 265 21.76 28.37 10.94
CA MET C 265 20.95 28.29 9.72
C MET C 265 19.82 27.25 9.83
N ALA C 266 20.05 26.22 10.65
CA ALA C 266 19.05 25.22 10.87
C ALA C 266 17.85 25.82 11.57
N ALA C 267 18.10 26.79 12.46
CA ALA C 267 17.04 27.55 13.13
C ALA C 267 16.35 28.43 12.14
N VAL C 268 17.15 29.10 11.30
CA VAL C 268 16.64 29.96 10.21
C VAL C 268 15.69 29.17 9.30
N ASP C 269 16.08 27.95 8.92
CA ASP C 269 15.29 27.16 7.99
C ASP C 269 14.04 26.66 8.65
N LEU C 270 14.13 26.42 9.95
CA LEU C 270 13.00 25.92 10.70
C LEU C 270 11.92 26.98 10.79
N LEU C 271 12.34 28.16 11.22
CA LEU C 271 11.44 29.29 11.45
C LEU C 271 10.72 29.65 10.16
N ILE C 272 11.52 30.03 9.14
CA ILE C 272 11.01 30.56 7.87
C ILE C 272 10.28 29.49 7.03
N GLY C 273 10.82 28.26 7.07
CA GLY C 273 10.22 27.04 6.50
C GLY C 273 8.86 26.68 7.07
N GLY C 274 8.65 26.97 8.36
CA GLY C 274 7.50 26.44 9.06
C GLY C 274 6.34 27.32 9.44
N THR C 275 6.33 28.54 8.94
CA THR C 275 5.26 29.46 9.35
C THR C 275 4.29 29.61 8.20
N GLU C 276 4.75 30.12 7.05
CA GLU C 276 3.83 30.40 5.94
C GLU C 276 3.31 29.18 5.20
N THR C 277 4.12 28.14 5.22
CA THR C 277 3.72 26.91 4.59
C THR C 277 2.51 26.28 5.27
N THR C 278 2.65 25.95 6.55
CA THR C 278 1.56 25.31 7.26
C THR C 278 0.33 26.23 7.47
N ALA C 279 0.56 27.52 7.67
CA ALA C 279 -0.51 28.50 7.82
C ALA C 279 -1.41 28.62 6.58
N ASN C 280 -0.83 28.72 5.38
CA ASN C 280 -1.63 28.80 4.18
C ASN C 280 -2.37 27.48 3.90
N THR C 281 -1.73 26.37 4.23
CA THR C 281 -2.33 25.07 4.05
C THR C 281 -3.61 24.99 4.85
N LEU C 282 -3.52 25.41 6.12
CA LEU C 282 -4.68 25.57 7.01
C LEU C 282 -5.77 26.48 6.44
N SER C 283 -5.35 27.66 5.96
CA SER C 283 -6.24 28.64 5.32
C SER C 283 -6.94 28.02 4.09
N TRP C 284 -6.23 27.27 3.23
CA TRP C 284 -6.83 26.63 2.06
C TRP C 284 -7.87 25.63 2.51
N ALA C 285 -7.55 24.88 3.57
CA ALA C 285 -8.50 23.94 4.16
C ALA C 285 -9.85 24.63 4.55
N VAL C 286 -9.74 25.82 5.12
CA VAL C 286 -10.89 26.63 5.51
C VAL C 286 -11.69 26.99 4.29
N VAL C 287 -11.01 27.45 3.23
CA VAL C 287 -11.67 27.96 2.01
C VAL C 287 -12.38 26.81 1.33
N PHE C 288 -11.70 25.68 1.23
CA PHE C 288 -12.33 24.45 0.71
C PHE C 288 -13.59 24.06 1.50
N LEU C 289 -13.49 24.05 2.82
CA LEU C 289 -14.64 23.77 3.66
C LEU C 289 -15.78 24.79 3.54
N LEU C 290 -15.44 26.04 3.22
CA LEU C 290 -16.45 27.06 2.93
C LEU C 290 -17.24 26.71 1.64
N HIS C 291 -16.55 26.09 0.69
CA HIS C 291 -17.14 25.67 -0.58
C HIS C 291 -17.87 24.34 -0.47
N HIS C 292 -17.50 23.58 0.57
CA HIS C 292 -18.02 22.24 0.77
C HIS C 292 -18.62 22.07 2.20
N PRO C 293 -19.84 22.65 2.45
CA PRO C 293 -20.42 22.52 3.78
C PRO C 293 -20.91 21.10 4.09
N GLU C 294 -21.09 20.30 3.05
CA GLU C 294 -21.37 18.87 3.23
C GLU C 294 -20.24 18.14 3.97
N ILE C 295 -19.00 18.55 3.63
CA ILE C 295 -17.76 17.96 4.15
C ILE C 295 -17.59 18.36 5.61
N GLN C 296 -17.78 19.64 5.90
CA GLN C 296 -17.68 20.16 7.25
C GLN C 296 -18.56 19.38 8.20
N GLN C 297 -19.81 19.20 7.80
CA GLN C 297 -20.84 18.55 8.62
C GLN C 297 -20.55 17.09 8.87
N ARG C 298 -20.08 16.44 7.82
CA ARG C 298 -19.62 15.07 7.89
C ARG C 298 -18.41 14.91 8.86
N LEU C 299 -17.47 15.87 8.76
CA LEU C 299 -16.24 15.88 9.58
C LEU C 299 -16.53 16.12 11.04
N GLN C 300 -17.53 16.99 11.26
CA GLN C 300 -17.95 17.38 12.58
C GLN C 300 -18.67 16.25 13.26
N GLU C 301 -19.51 15.53 12.52
CA GLU C 301 -20.21 14.36 13.05
C GLU C 301 -19.23 13.27 13.39
N GLU C 302 -18.22 13.11 12.54
CA GLU C 302 -17.16 12.17 12.78
C GLU C 302 -16.42 12.50 14.08
N LEU C 303 -16.13 13.79 14.28
CA LEU C 303 -15.46 14.24 15.50
C LEU C 303 -16.28 13.99 16.73
N ASP C 304 -17.56 14.36 16.65
CA ASP C 304 -18.57 14.10 17.72
C ASP C 304 -18.57 12.64 18.20
N HIS C 305 -18.55 11.73 17.23
CA HIS C 305 -18.51 10.32 17.49
C HIS C 305 -17.29 9.70 18.24
N GLU C 306 -16.05 10.10 17.97
CA GLU C 306 -14.95 9.67 18.89
C GLU C 306 -14.54 10.92 19.69
N SER C 314 -12.07 15.17 26.12
CA SER C 314 -12.73 15.78 24.95
C SER C 314 -11.83 16.61 23.98
N ARG C 315 -10.71 15.96 23.63
CA ARG C 315 -9.90 16.17 22.40
C ARG C 315 -9.60 14.80 21.83
N VAL C 316 -9.30 14.71 20.53
CA VAL C 316 -8.73 13.44 20.00
C VAL C 316 -7.17 13.54 19.90
N PRO C 317 -6.38 12.65 20.60
CA PRO C 317 -4.87 12.67 20.57
C PRO C 317 -4.34 12.27 19.23
N TYR C 318 -3.10 12.64 18.89
CA TYR C 318 -2.61 12.47 17.53
C TYR C 318 -2.27 11.01 17.21
N LYS C 319 -2.00 10.19 18.23
CA LYS C 319 -1.79 8.73 17.99
C LYS C 319 -3.11 8.10 17.53
N ASP C 320 -4.21 8.73 17.92
CA ASP C 320 -5.54 8.25 17.61
C ASP C 320 -6.06 8.90 16.30
N ARG C 321 -5.14 9.31 15.42
CA ARG C 321 -5.38 9.85 14.08
C ARG C 321 -6.37 8.97 13.37
N ALA C 322 -6.12 7.67 13.50
CA ALA C 322 -6.78 6.60 12.78
C ALA C 322 -8.29 6.71 12.90
N ARG C 323 -8.71 7.05 14.11
CA ARG C 323 -10.08 7.08 14.51
C ARG C 323 -10.85 8.24 13.84
N LEU C 324 -10.20 9.07 13.02
CA LEU C 324 -10.89 10.15 12.28
C LEU C 324 -10.49 10.14 10.83
N PRO C 325 -10.96 9.10 10.08
CA PRO C 325 -10.49 8.80 8.71
C PRO C 325 -10.78 9.89 7.68
N LEU C 326 -11.96 10.49 7.75
CA LEU C 326 -12.37 11.48 6.78
C LEU C 326 -11.62 12.80 6.96
N LEU C 327 -11.27 13.09 8.24
CA LEU C 327 -10.48 14.31 8.60
C LEU C 327 -9.09 14.25 7.93
N ASN C 328 -8.43 13.09 8.07
CA ASN C 328 -7.16 12.82 7.45
C ASN C 328 -7.20 12.79 5.91
N ALA C 329 -8.31 12.31 5.35
CA ALA C 329 -8.48 12.28 3.91
C ALA C 329 -8.71 13.72 3.41
N THR C 330 -9.49 14.51 4.13
CA THR C 330 -9.75 15.93 3.79
C THR C 330 -8.45 16.73 3.78
N ILE C 331 -7.63 16.50 4.81
CA ILE C 331 -6.26 17.02 4.90
C ILE C 331 -5.42 16.63 3.68
N ALA C 332 -5.41 15.33 3.33
CA ALA C 332 -4.67 14.79 2.17
C ALA C 332 -5.12 15.40 0.86
N GLU C 333 -6.42 15.72 0.75
CA GLU C 333 -7.00 16.36 -0.43
C GLU C 333 -6.59 17.80 -0.59
N VAL C 334 -6.55 18.52 0.54
CA VAL C 334 -6.13 19.91 0.54
C VAL C 334 -4.69 19.98 0.08
N LEU C 335 -3.86 19.03 0.55
CA LEU C 335 -2.45 18.92 0.21
C LEU C 335 -2.29 18.59 -1.29
N ARG C 336 -3.19 17.74 -1.77
CA ARG C 336 -3.13 17.25 -3.16
C ARG C 336 -3.50 18.36 -4.10
N LEU C 337 -4.65 18.96 -3.81
CA LEU C 337 -5.20 19.98 -4.67
C LEU C 337 -4.50 21.34 -4.58
N ARG C 338 -3.94 21.66 -3.42
CA ARG C 338 -3.27 22.94 -3.16
C ARG C 338 -1.99 22.78 -2.34
N PRO C 339 -0.89 22.30 -2.98
CA PRO C 339 0.38 22.18 -2.23
C PRO C 339 0.95 23.54 -2.04
N VAL C 340 1.22 23.93 -0.81
CA VAL C 340 1.69 25.30 -0.59
C VAL C 340 3.08 25.59 -1.11
N VAL C 341 3.89 24.53 -1.36
CA VAL C 341 5.12 24.70 -2.16
C VAL C 341 4.97 24.02 -3.55
N PRO C 342 4.25 24.70 -4.49
CA PRO C 342 3.73 24.04 -5.69
C PRO C 342 4.82 23.65 -6.74
N LEU C 343 6.01 24.26 -6.67
CA LEU C 343 7.07 23.90 -7.62
C LEU C 343 8.26 23.37 -6.87
N ALA C 344 8.02 23.02 -5.59
CA ALA C 344 9.07 22.65 -4.62
C ALA C 344 10.23 23.69 -4.63
N LEU C 345 11.46 23.17 -4.53
CA LEU C 345 12.66 23.96 -4.72
C LEU C 345 13.41 23.32 -5.87
N PRO C 346 14.20 24.09 -6.61
CA PRO C 346 14.95 23.52 -7.72
C PRO C 346 15.99 22.49 -7.29
N HIS C 347 16.13 21.45 -8.10
CA HIS C 347 17.09 20.37 -7.86
C HIS C 347 18.18 20.50 -8.91
N ARG C 348 19.33 19.90 -8.62
CA ARG C 348 20.49 19.89 -9.53
C ARG C 348 21.06 18.47 -9.71
N THR C 349 21.38 18.14 -10.97
CA THR C 349 21.98 16.86 -11.32
C THR C 349 23.43 16.78 -10.83
N THR C 350 23.71 15.80 -9.97
CA THR C 350 25.00 15.64 -9.26
C THR C 350 26.07 14.81 -10.00
N ARG C 351 25.63 13.89 -10.86
CA ARG C 351 26.47 13.03 -11.70
C ARG C 351 25.72 12.75 -13.01
N PRO C 352 26.42 12.31 -14.08
CA PRO C 352 25.67 11.98 -15.33
C PRO C 352 24.55 10.94 -15.10
N SER C 353 23.31 11.26 -15.54
CA SER C 353 22.13 10.43 -15.23
C SER C 353 21.04 10.45 -16.31
N SER C 354 19.92 9.79 -16.03
CA SER C 354 18.79 9.74 -16.94
C SER C 354 17.45 9.67 -16.18
N ILE C 355 16.44 10.42 -16.67
CA ILE C 355 15.04 10.31 -16.20
C ILE C 355 14.16 9.92 -17.40
N SER C 356 13.34 8.88 -17.20
CA SER C 356 12.26 8.49 -18.13
C SER C 356 12.78 8.15 -19.53
N GLY C 357 14.00 7.60 -19.57
CA GLY C 357 14.64 7.21 -20.80
C GLY C 357 15.51 8.28 -21.44
N TYR C 358 15.44 9.53 -20.96
CA TYR C 358 16.24 10.67 -21.51
C TYR C 358 17.53 10.98 -20.74
N ASP C 359 18.61 11.24 -21.49
CA ASP C 359 19.90 11.70 -20.92
C ASP C 359 19.76 13.04 -20.18
N ILE C 360 20.23 13.04 -18.95
CA ILE C 360 20.27 14.23 -18.11
C ILE C 360 21.75 14.45 -17.76
N PRO C 361 22.32 15.54 -18.30
CA PRO C 361 23.70 16.01 -18.15
C PRO C 361 23.93 16.44 -16.73
N GLU C 362 25.20 16.42 -16.30
CA GLU C 362 25.51 16.84 -14.93
C GLU C 362 25.20 18.32 -14.74
N GLY C 363 24.72 18.67 -13.54
CA GLY C 363 24.33 20.04 -13.21
C GLY C 363 23.27 20.58 -14.13
N THR C 364 22.25 19.79 -14.43
CA THR C 364 21.12 20.28 -15.18
C THR C 364 20.07 20.49 -14.11
N VAL C 365 19.49 21.68 -14.12
CA VAL C 365 18.52 22.06 -13.08
C VAL C 365 17.17 21.40 -13.35
N ILE C 366 16.51 20.95 -12.28
CA ILE C 366 15.23 20.25 -12.40
C ILE C 366 14.16 20.99 -11.58
N ILE C 367 13.04 21.32 -12.22
CA ILE C 367 11.85 21.82 -11.53
C ILE C 367 10.88 20.65 -11.33
N PRO C 368 10.65 20.22 -10.05
CA PRO C 368 9.64 19.19 -9.80
C PRO C 368 8.28 19.87 -9.57
N ASN C 369 7.45 19.90 -10.62
CA ASN C 369 6.13 20.54 -10.57
C ASN C 369 5.15 19.64 -9.80
N LEU C 370 4.93 19.99 -8.54
CA LEU C 370 4.15 19.16 -7.68
C LEU C 370 2.63 19.41 -7.86
N GLN C 371 2.22 20.68 -8.07
CA GLN C 371 0.82 21.02 -8.25
C GLN C 371 0.32 20.34 -9.51
N GLY C 372 1.16 20.41 -10.55
CA GLY C 372 0.89 19.82 -11.87
C GLY C 372 0.75 18.31 -11.87
N ALA C 373 1.67 17.68 -11.15
CA ALA C 373 1.72 16.24 -11.06
C ALA C 373 0.51 15.68 -10.36
N HIS C 374 0.00 16.44 -9.39
CA HIS C 374 -1.22 16.09 -8.69
C HIS C 374 -2.51 16.23 -9.53
N LEU C 375 -2.42 16.88 -10.68
CA LEU C 375 -3.59 17.08 -11.55
C LEU C 375 -3.71 16.01 -12.70
N ASP C 376 -2.90 14.93 -12.56
CA ASP C 376 -2.80 13.74 -13.45
C ASP C 376 -4.03 12.84 -13.40
N GLU C 377 -4.68 12.72 -14.55
CA GLU C 377 -5.84 11.84 -14.66
C GLU C 377 -5.52 10.34 -14.66
N THR C 378 -4.28 9.94 -14.99
CA THR C 378 -3.75 8.54 -14.81
C THR C 378 -3.84 8.06 -13.37
N VAL C 379 -3.58 9.01 -12.47
CA VAL C 379 -3.42 8.69 -11.07
C VAL C 379 -4.68 9.05 -10.22
N TRP C 380 -5.17 10.27 -10.42
CA TRP C 380 -6.37 10.75 -9.73
C TRP C 380 -7.40 11.10 -10.80
N GLU C 381 -8.39 10.23 -10.92
CA GLU C 381 -9.50 10.50 -11.81
C GLU C 381 -10.42 11.60 -11.18
N ARG C 382 -11.08 12.38 -12.04
CA ARG C 382 -11.72 13.65 -11.69
C ARG C 382 -10.74 14.57 -10.94
N PRO C 383 -9.53 14.81 -11.54
CA PRO C 383 -8.35 15.36 -10.81
C PRO C 383 -8.50 16.79 -10.33
N HIS C 384 -9.42 17.54 -10.93
CA HIS C 384 -9.56 18.94 -10.58
C HIS C 384 -10.46 19.15 -9.37
N GLU C 385 -11.09 18.09 -8.90
CA GLU C 385 -12.21 18.22 -7.97
C GLU C 385 -11.80 17.85 -6.56
N PHE C 386 -12.33 18.58 -5.60
CA PHE C 386 -11.99 18.32 -4.25
C PHE C 386 -12.92 17.23 -3.89
N TRP C 387 -12.37 16.04 -3.74
CA TRP C 387 -13.16 14.92 -3.39
C TRP C 387 -12.33 14.16 -2.40
N PRO C 388 -12.61 14.30 -1.12
CA PRO C 388 -12.01 13.70 0.06
C PRO C 388 -12.23 12.23 0.12
N ASP C 389 -13.32 11.78 -0.47
CA ASP C 389 -13.69 10.37 -0.53
C ASP C 389 -12.74 9.49 -1.33
N ARG C 390 -11.96 10.08 -2.24
CA ARG C 390 -10.96 9.39 -3.03
C ARG C 390 -9.88 8.76 -2.17
N PHE C 391 -9.54 9.36 -1.04
CA PHE C 391 -8.51 8.80 -0.19
C PHE C 391 -9.05 7.79 0.82
N LEU C 392 -10.34 7.51 0.78
CA LEU C 392 -10.96 6.52 1.66
C LEU C 392 -10.58 5.11 1.20
N GLU C 393 -10.69 4.13 2.06
CA GLU C 393 -10.15 2.79 1.77
C GLU C 393 -10.54 1.92 0.59
N PRO C 394 -11.83 1.84 0.24
CA PRO C 394 -12.10 0.96 -0.90
C PRO C 394 -11.55 1.60 -2.16
N GLY C 395 -10.70 0.91 -2.91
CA GLY C 395 -10.13 1.50 -4.10
C GLY C 395 -9.45 2.82 -3.83
N LYS C 396 -8.65 2.91 -2.77
CA LYS C 396 -8.00 4.15 -2.42
C LYS C 396 -7.00 4.64 -3.44
N ASN C 397 -7.05 5.92 -3.75
CA ASN C 397 -6.13 6.49 -4.71
C ASN C 397 -4.73 6.54 -4.14
N SER C 398 -3.71 6.43 -4.97
CA SER C 398 -2.35 6.42 -4.40
C SER C 398 -1.91 7.76 -3.90
N ARG C 399 -0.72 7.75 -3.29
CA ARG C 399 -0.15 8.87 -2.52
C ARG C 399 0.23 10.04 -3.41
N ALA C 400 -0.13 11.24 -2.96
CA ALA C 400 0.33 12.53 -3.51
C ALA C 400 1.69 12.83 -2.88
N LEU C 401 2.42 13.83 -3.35
CA LEU C 401 3.69 14.15 -2.66
C LEU C 401 3.95 15.65 -2.49
N ALA C 402 3.13 16.26 -1.65
CA ALA C 402 3.16 17.72 -1.44
C ALA C 402 4.40 18.19 -0.70
N PHE C 403 5.08 17.23 -0.08
CA PHE C 403 6.27 17.48 0.73
C PHE C 403 7.54 17.13 -0.06
N GLY C 404 7.35 16.81 -1.35
CA GLY C 404 8.39 16.23 -2.20
C GLY C 404 8.62 14.79 -1.79
N CYS C 405 9.82 14.27 -2.06
CA CYS C 405 10.33 12.93 -1.66
C CYS C 405 11.82 12.83 -1.93
N GLY C 406 12.42 11.80 -1.37
CA GLY C 406 13.85 11.55 -1.53
C GLY C 406 14.66 12.30 -0.48
N ALA C 407 15.93 12.51 -0.84
CA ALA C 407 16.93 13.22 -0.05
C ALA C 407 16.53 14.63 0.33
N ARG C 408 15.66 15.25 -0.48
CA ARG C 408 15.27 16.64 -0.26
C ARG C 408 13.88 16.87 0.31
N VAL C 409 13.26 15.83 0.88
CA VAL C 409 11.93 15.95 1.52
C VAL C 409 11.89 17.01 2.59
N CYS C 410 10.71 17.64 2.68
CA CYS C 410 10.44 18.70 3.62
C CYS C 410 10.91 18.26 5.00
N LEU C 411 11.82 19.01 5.59
CA LEU C 411 12.42 18.74 6.91
C LEU C 411 11.41 18.69 8.04
N GLY C 412 10.40 19.53 8.00
CA GLY C 412 9.41 19.64 9.09
C GLY C 412 8.09 18.94 8.80
N GLU C 413 8.11 17.90 7.94
CA GLU C 413 6.92 17.18 7.53
C GLU C 413 6.21 16.57 8.75
N PRO C 414 6.95 15.95 9.69
CA PRO C 414 6.34 15.50 10.97
C PRO C 414 5.59 16.59 11.72
N LEU C 415 6.22 17.75 11.87
CA LEU C 415 5.64 18.88 12.61
C LEU C 415 4.44 19.44 11.90
N ALA C 416 4.52 19.51 10.57
CA ALA C 416 3.44 20.05 9.70
C ALA C 416 2.15 19.26 9.85
N ARG C 417 2.29 17.94 9.80
CA ARG C 417 1.17 17.06 9.78
C ARG C 417 0.55 16.97 11.16
N LEU C 418 1.38 17.12 12.19
CA LEU C 418 0.86 17.21 13.57
C LEU C 418 0.03 18.49 13.75
N GLU C 419 0.61 19.60 13.28
CA GLU C 419 -0.03 20.91 13.31
C GLU C 419 -1.41 20.86 12.63
N LEU C 420 -1.43 20.33 11.39
CA LEU C 420 -2.64 20.32 10.56
C LEU C 420 -3.71 19.54 11.25
N PHE C 421 -3.34 18.40 11.85
CA PHE C 421 -4.31 17.59 12.59
C PHE C 421 -4.86 18.31 13.84
N VAL C 422 -3.96 18.71 14.75
CA VAL C 422 -4.33 19.35 16.02
C VAL C 422 -5.15 20.62 15.87
N VAL C 423 -4.71 21.50 14.98
CA VAL C 423 -5.39 22.79 14.67
C VAL C 423 -6.79 22.61 14.02
N LEU C 424 -6.88 21.84 12.93
CA LEU C 424 -8.19 21.55 12.26
C LEU C 424 -9.14 20.73 13.14
N THR C 425 -8.57 19.82 13.92
CA THR C 425 -9.34 18.94 14.78
C THR C 425 -10.02 19.69 15.92
N ARG C 426 -9.38 20.76 16.39
CA ARG C 426 -9.89 21.60 17.47
C ARG C 426 -10.80 22.68 16.97
N LEU C 427 -10.47 23.23 15.81
CA LEU C 427 -11.23 24.33 15.22
C LEU C 427 -12.62 23.85 14.81
N LEU C 428 -12.69 22.67 14.15
CA LEU C 428 -13.92 22.04 13.66
C LEU C 428 -14.85 21.61 14.76
N GLN C 429 -14.32 20.92 15.76
CA GLN C 429 -15.16 20.46 16.85
C GLN C 429 -15.69 21.63 17.70
N ALA C 430 -14.88 22.65 17.95
CA ALA C 430 -15.28 23.79 18.77
C ALA C 430 -16.04 24.92 18.05
N PHE C 431 -15.88 24.99 16.72
CA PHE C 431 -16.51 26.07 15.89
C PHE C 431 -17.20 25.60 14.62
N THR C 432 -18.11 26.43 14.13
CA THR C 432 -18.72 26.28 12.81
C THR C 432 -18.24 27.45 11.98
N LEU C 433 -17.80 27.12 10.75
CA LEU C 433 -17.24 28.10 9.83
C LEU C 433 -18.30 28.60 8.86
N LEU C 434 -18.55 29.90 8.92
CA LEU C 434 -19.52 30.57 8.07
C LEU C 434 -18.72 31.50 7.19
N PRO C 435 -19.22 31.85 5.98
CA PRO C 435 -18.49 32.92 5.28
C PRO C 435 -18.58 34.31 5.98
N SER C 436 -17.62 35.19 5.71
CA SER C 436 -17.58 36.59 6.22
C SER C 436 -18.90 37.35 6.04
N GLY C 437 -19.40 37.36 4.80
CA GLY C 437 -20.77 37.74 4.50
C GLY C 437 -21.36 36.87 3.38
N ASP C 438 -21.66 37.53 2.28
CA ASP C 438 -22.57 36.97 1.27
C ASP C 438 -21.89 36.13 0.21
N ALA C 439 -20.72 36.53 -0.25
CA ALA C 439 -20.01 35.76 -1.26
C ALA C 439 -18.93 34.82 -0.67
N LEU C 440 -18.73 33.66 -1.30
CA LEU C 440 -17.70 32.71 -0.86
C LEU C 440 -16.32 33.22 -1.26
N PRO C 441 -15.27 32.91 -0.46
CA PRO C 441 -13.90 33.26 -0.88
C PRO C 441 -13.48 32.49 -2.11
N SER C 442 -12.85 33.16 -3.06
CA SER C 442 -12.43 32.57 -4.32
C SER C 442 -11.35 31.55 -4.07
N LEU C 443 -11.46 30.48 -4.79
CA LEU C 443 -10.52 29.40 -4.66
C LEU C 443 -9.31 29.53 -5.60
N GLN C 444 -9.36 30.43 -6.58
CA GLN C 444 -8.22 30.66 -7.53
C GLN C 444 -7.08 31.35 -6.81
N PRO C 445 -5.84 30.84 -6.99
CA PRO C 445 -4.73 31.35 -6.21
C PRO C 445 -4.18 32.64 -6.80
N LEU C 446 -3.51 33.46 -5.97
CA LEU C 446 -2.87 34.69 -6.42
C LEU C 446 -1.99 34.35 -7.59
N PRO C 447 -2.13 35.10 -8.69
CA PRO C 447 -1.58 34.65 -9.96
C PRO C 447 -0.05 34.67 -10.02
N HIS C 448 0.57 35.67 -9.43
CA HIS C 448 1.99 35.82 -9.64
C HIS C 448 2.84 35.55 -8.45
N CYS C 449 3.90 34.81 -8.75
CA CYS C 449 4.94 34.29 -7.83
C CYS C 449 4.59 32.93 -7.22
N SER C 450 5.59 32.07 -7.20
CA SER C 450 5.49 30.80 -6.54
C SER C 450 6.24 30.93 -5.21
N VAL C 451 6.83 29.81 -4.76
CA VAL C 451 7.49 29.61 -3.47
C VAL C 451 6.51 29.44 -2.35
N ILE C 452 5.26 29.76 -2.60
CA ILE C 452 4.20 29.71 -1.63
C ILE C 452 2.92 29.78 -2.42
N LEU C 453 1.91 28.99 -2.10
CA LEU C 453 0.73 29.06 -2.92
C LEU C 453 -0.23 29.81 -2.04
N LYS C 454 -0.51 31.05 -2.34
CA LYS C 454 -1.37 31.84 -1.46
C LYS C 454 -2.70 32.11 -2.12
N MET C 455 -3.76 32.13 -1.33
CA MET C 455 -5.14 32.54 -1.73
C MET C 455 -5.41 34.05 -1.55
N GLN C 456 -6.43 34.64 -2.17
CA GLN C 456 -6.68 36.10 -2.01
C GLN C 456 -7.11 36.33 -0.58
N PRO C 457 -6.74 37.48 0.04
CA PRO C 457 -7.19 37.78 1.41
C PRO C 457 -8.70 37.53 1.64
N PHE C 458 -9.08 36.94 2.76
CA PHE C 458 -10.50 36.64 3.07
C PHE C 458 -10.76 36.68 4.57
N GLN C 459 -12.03 36.83 4.93
CA GLN C 459 -12.47 36.67 6.32
C GLN C 459 -13.45 35.53 6.50
N VAL C 460 -13.63 35.10 7.73
CA VAL C 460 -14.46 33.95 8.04
C VAL C 460 -15.25 34.26 9.30
N ARG C 461 -16.37 33.57 9.52
CA ARG C 461 -17.06 33.71 10.79
C ARG C 461 -16.95 32.39 11.60
N LEU C 462 -16.62 32.51 12.88
CA LEU C 462 -16.58 31.37 13.78
C LEU C 462 -17.67 31.46 14.86
N GLN C 463 -18.54 30.47 14.84
CA GLN C 463 -19.66 30.38 15.76
C GLN C 463 -19.63 29.03 16.51
N PRO C 464 -19.66 29.10 17.86
CA PRO C 464 -19.62 27.83 18.64
C PRO C 464 -20.99 27.15 18.63
N ARG C 465 -21.11 25.82 18.56
CA ARG C 465 -20.04 24.82 18.43
C ARG C 465 -20.10 23.96 17.12
N GLY C 466 -19.26 22.92 16.99
CA GLY C 466 -19.23 22.01 15.81
C GLY C 466 -20.21 20.83 15.89
#